data_2WSX
#
_entry.id   2WSX
#
_cell.length_a   124.200
_cell.length_b   124.200
_cell.length_c   154.630
_cell.angle_alpha   90.00
_cell.angle_beta   90.00
_cell.angle_gamma   120.00
#
_symmetry.space_group_name_H-M   'P 32'
#
loop_
_entity.id
_entity.type
_entity.pdbx_description
1 polymer 'L-CARNITINE/GAMMA-BUTYROBETAINE ANTIPORTER'
2 non-polymer 3-CARBOXY-N,N,N-TRIMETHYLPROPAN-1-AMINIUM
#
_entity_poly.entity_id   1
_entity_poly.type   'polypeptide(L)'
_entity_poly.pdbx_seq_one_letter_code
;MKNEKRKTGIEPKVFFPPLIIVGILCWLTVRDLDAANVVINAVFSYVTNVWGWAFEWYMVVMLFGWFWLVFGPYAKKRLG
EEPPEFSTASWIFMMFASCTSAAVLFWGSIEIYYYISTPPFGLEPNSTGAKELGLAYSLFHWGPLPWATYSFLSVAFAYF
FFVRKMEVIRPSSTLVPLVGEKHAKGLFGTIVDNFYLVALIFAMGTSLGLATPLVTECMQWLFGIPHTLQLDAIIITCWI
ILNAICVACGLQKAVRIASDVRSYLSFLMLGWVFIVSGASFIMNYFTDSVGMLLMYLPRMLFYTDPIAKGGFPQGWTVFY
WAWWVIYAIQMSIFLARISRGRTVRELCFGMVLGLTASTWILWTVLGSNTLLLIDKNILNIPNLIEQYGVARAIIETWAA
LPLSTATMWGFFILCFIATVTLVNACSYTLAMSTCREVRDGEDPPLLVRIGWSILVGIIGIVLLALGGLKPIQTAIIAGG
CPLFFVNIMVTLSFIKDAKQNWKD
;
_entity_poly.pdbx_strand_id   A,B,C
#
loop_
_chem_comp.id
_chem_comp.type
_chem_comp.name
_chem_comp.formula
NM2 non-polymer 3-CARBOXY-N,N,N-TRIMETHYLPROPAN-1-AMINIUM 'C7 H16 N O2 1'
#
# COMPACT_ATOMS: atom_id res chain seq x y z
N THR A 8 -49.79 -19.68 17.59
CA THR A 8 -48.77 -19.35 16.60
C THR A 8 -49.35 -18.37 15.57
N GLY A 9 -49.50 -17.12 15.99
CA GLY A 9 -50.12 -16.11 15.15
C GLY A 9 -49.38 -15.72 13.87
N ILE A 10 -50.05 -14.88 13.07
CA ILE A 10 -49.53 -14.35 11.82
C ILE A 10 -49.58 -12.83 11.89
N GLU A 11 -48.64 -12.23 12.62
CA GLU A 11 -48.65 -10.79 12.81
C GLU A 11 -48.79 -10.08 11.47
N PRO A 12 -49.72 -9.13 11.40
CA PRO A 12 -50.19 -8.58 10.13
C PRO A 12 -49.31 -7.40 9.75
N LYS A 13 -48.85 -6.67 10.76
CA LYS A 13 -48.04 -5.48 10.54
C LYS A 13 -46.75 -5.84 9.81
N VAL A 14 -46.40 -7.11 9.85
CA VAL A 14 -45.18 -7.58 9.21
C VAL A 14 -45.46 -8.63 8.14
N PHE A 15 -46.73 -9.01 7.96
CA PHE A 15 -47.14 -9.99 6.95
C PHE A 15 -47.69 -9.35 5.68
N PHE A 16 -48.59 -8.37 5.87
CA PHE A 16 -49.37 -7.80 4.77
C PHE A 16 -48.61 -6.79 3.92
N PRO A 17 -48.07 -5.71 4.53
CA PRO A 17 -47.36 -4.70 3.73
C PRO A 17 -46.38 -5.34 2.72
N PRO A 18 -45.57 -6.33 3.16
CA PRO A 18 -44.79 -7.12 2.21
C PRO A 18 -45.64 -7.66 1.06
N LEU A 19 -46.45 -8.67 1.37
CA LEU A 19 -47.34 -9.33 0.41
C LEU A 19 -48.00 -8.40 -0.61
N ILE A 20 -48.73 -7.41 -0.12
CA ILE A 20 -49.34 -6.39 -0.96
C ILE A 20 -48.31 -5.83 -1.93
N ILE A 21 -47.29 -5.17 -1.37
CA ILE A 21 -46.25 -4.45 -2.15
C ILE A 21 -45.54 -5.28 -3.21
N VAL A 22 -45.16 -6.50 -2.82
CA VAL A 22 -44.58 -7.45 -3.76
C VAL A 22 -45.57 -7.83 -4.86
N GLY A 23 -46.82 -8.01 -4.49
CA GLY A 23 -47.84 -8.31 -5.47
C GLY A 23 -48.10 -7.18 -6.46
N ILE A 24 -48.34 -5.98 -5.93
CA ILE A 24 -48.65 -4.82 -6.77
C ILE A 24 -47.56 -4.61 -7.80
N LEU A 25 -46.33 -4.53 -7.32
CA LEU A 25 -45.16 -4.25 -8.15
C LEU A 25 -44.91 -5.40 -9.12
N CYS A 26 -45.06 -6.62 -8.61
CA CYS A 26 -44.88 -7.81 -9.42
C CYS A 26 -45.94 -7.78 -10.52
N TRP A 27 -47.17 -7.45 -10.14
CA TRP A 27 -48.30 -7.34 -11.06
C TRP A 27 -48.02 -6.26 -12.11
N LEU A 28 -47.88 -5.02 -11.64
CA LEU A 28 -47.53 -3.89 -12.50
C LEU A 28 -46.40 -4.21 -13.49
N THR A 29 -45.49 -5.09 -13.09
CA THR A 29 -44.37 -5.41 -13.95
C THR A 29 -44.79 -6.42 -15.02
N VAL A 30 -45.67 -7.34 -14.68
CA VAL A 30 -46.10 -8.37 -15.62
C VAL A 30 -47.00 -7.73 -16.67
N ARG A 31 -47.82 -6.80 -16.21
CA ARG A 31 -48.69 -6.06 -17.10
C ARG A 31 -47.97 -5.63 -18.37
N ASP A 32 -46.89 -4.89 -18.19
CA ASP A 32 -46.07 -4.41 -19.29
C ASP A 32 -44.58 -4.61 -19.04
N LEU A 33 -43.97 -5.52 -19.79
CA LEU A 33 -42.56 -5.81 -19.64
C LEU A 33 -41.71 -4.73 -20.30
N ASP A 34 -42.00 -4.39 -21.55
CA ASP A 34 -41.16 -3.41 -22.22
C ASP A 34 -40.99 -2.16 -21.38
N ALA A 35 -42.10 -1.70 -20.84
CA ALA A 35 -42.15 -0.45 -20.07
C ALA A 35 -41.47 -0.56 -18.73
N ALA A 36 -41.70 -1.67 -18.03
CA ALA A 36 -41.01 -1.95 -16.78
C ALA A 36 -39.51 -1.81 -16.99
N ASN A 37 -39.00 -2.54 -17.97
CA ASN A 37 -37.58 -2.52 -18.25
C ASN A 37 -37.06 -1.11 -18.43
N VAL A 38 -37.88 -0.24 -19.02
CA VAL A 38 -37.52 1.18 -19.13
C VAL A 38 -37.41 1.87 -17.74
N VAL A 39 -38.30 1.48 -16.83
CA VAL A 39 -38.30 1.98 -15.47
C VAL A 39 -37.08 1.43 -14.77
N ILE A 40 -36.99 0.10 -14.73
CA ILE A 40 -35.79 -0.60 -14.27
C ILE A 40 -34.52 0.22 -14.64
N ASN A 41 -34.25 0.36 -15.95
CA ASN A 41 -33.00 0.95 -16.41
C ASN A 41 -32.82 2.38 -15.96
N ALA A 42 -33.95 3.02 -15.69
CA ALA A 42 -33.97 4.38 -15.19
C ALA A 42 -33.45 4.39 -13.74
N VAL A 43 -34.08 3.58 -12.89
CA VAL A 43 -33.69 3.43 -11.49
C VAL A 43 -32.23 3.07 -11.37
N PHE A 44 -31.84 1.96 -11.99
CA PHE A 44 -30.47 1.49 -11.91
C PHE A 44 -29.50 2.64 -12.09
N SER A 45 -29.59 3.27 -13.25
CA SER A 45 -28.64 4.33 -13.59
C SER A 45 -28.68 5.51 -12.64
N TYR A 46 -29.87 5.82 -12.13
CA TYR A 46 -29.97 6.91 -11.16
C TYR A 46 -29.18 6.59 -9.87
N VAL A 47 -29.67 5.59 -9.13
CA VAL A 47 -29.04 5.16 -7.89
C VAL A 47 -27.53 5.06 -8.02
N THR A 48 -27.07 4.23 -8.96
CA THR A 48 -25.64 4.01 -9.10
C THR A 48 -24.83 5.24 -9.53
N ASN A 49 -25.30 5.92 -10.56
CA ASN A 49 -24.54 7.04 -11.05
C ASN A 49 -24.57 8.22 -10.09
N VAL A 50 -25.69 8.39 -9.42
CA VAL A 50 -25.78 9.48 -8.47
C VAL A 50 -25.30 9.11 -7.06
N TRP A 51 -25.49 7.86 -6.65
CA TRP A 51 -25.32 7.51 -5.25
C TRP A 51 -24.29 6.41 -4.99
N GLY A 52 -23.93 5.68 -6.04
CA GLY A 52 -23.05 4.55 -5.91
C GLY A 52 -21.85 4.74 -5.00
N TRP A 53 -21.41 5.97 -4.86
CA TRP A 53 -20.21 6.26 -4.06
C TRP A 53 -20.46 6.02 -2.57
N ALA A 54 -21.68 6.30 -2.16
CA ALA A 54 -22.03 6.15 -0.76
C ALA A 54 -22.00 4.67 -0.39
N PHE A 55 -22.29 3.81 -1.36
CA PHE A 55 -22.15 2.39 -1.07
C PHE A 55 -20.69 2.03 -0.73
N GLU A 56 -19.78 2.48 -1.59
CA GLU A 56 -18.38 2.14 -1.37
C GLU A 56 -17.95 2.61 0.01
N TRP A 57 -18.35 3.84 0.36
CA TRP A 57 -18.00 4.46 1.65
C TRP A 57 -18.57 3.65 2.76
N TYR A 58 -19.73 3.07 2.53
CA TYR A 58 -20.32 2.21 3.54
C TYR A 58 -19.31 1.12 3.87
N MET A 59 -19.06 0.26 2.90
CA MET A 59 -18.12 -0.83 3.02
C MET A 59 -16.79 -0.37 3.60
N VAL A 60 -16.35 0.82 3.19
CA VAL A 60 -15.05 1.33 3.65
C VAL A 60 -15.12 1.56 5.14
N VAL A 61 -16.21 2.13 5.63
CA VAL A 61 -16.30 2.34 7.06
C VAL A 61 -16.24 1.02 7.84
N MET A 62 -17.29 0.21 7.64
CA MET A 62 -17.39 -1.13 8.21
C MET A 62 -16.03 -1.85 8.25
N LEU A 63 -15.19 -1.56 7.27
CA LEU A 63 -13.91 -2.18 7.26
C LEU A 63 -13.15 -1.55 8.40
N PHE A 64 -13.05 -0.23 8.42
CA PHE A 64 -12.29 0.44 9.44
C PHE A 64 -12.60 -0.19 10.77
N GLY A 65 -13.89 -0.36 11.00
CA GLY A 65 -14.39 -0.87 12.27
C GLY A 65 -14.24 -2.36 12.60
N TRP A 66 -13.85 -3.17 11.61
CA TRP A 66 -13.37 -4.55 11.85
C TRP A 66 -12.09 -4.47 12.60
N PHE A 67 -11.29 -3.46 12.25
CA PHE A 67 -10.10 -3.09 12.99
C PHE A 67 -10.45 -2.61 14.39
N TRP A 68 -11.38 -1.67 14.49
CA TRP A 68 -11.79 -1.18 15.81
C TRP A 68 -12.24 -2.33 16.70
N LEU A 69 -12.81 -3.34 16.08
CA LEU A 69 -13.20 -4.51 16.83
C LEU A 69 -11.93 -5.25 17.22
N VAL A 70 -11.05 -5.46 16.26
CA VAL A 70 -9.89 -6.29 16.49
C VAL A 70 -8.87 -5.63 17.42
N PHE A 71 -8.60 -4.34 17.24
CA PHE A 71 -7.68 -3.68 18.17
C PHE A 71 -8.42 -2.81 19.16
N GLY A 72 -9.74 -2.95 19.18
CA GLY A 72 -10.55 -2.14 20.06
C GLY A 72 -10.54 -2.57 21.51
N PRO A 73 -11.43 -1.99 22.30
CA PRO A 73 -11.66 -2.36 23.70
C PRO A 73 -12.47 -3.65 23.86
N TYR A 74 -13.45 -3.87 22.99
CA TYR A 74 -14.24 -5.08 23.09
C TYR A 74 -13.43 -6.23 22.49
N ALA A 75 -12.15 -5.97 22.24
CA ALA A 75 -11.31 -6.93 21.52
C ALA A 75 -11.35 -8.29 22.18
N LYS A 76 -11.16 -8.31 23.50
CA LYS A 76 -10.95 -9.55 24.25
C LYS A 76 -12.25 -10.04 24.89
N LYS A 77 -13.24 -9.15 24.91
CA LYS A 77 -14.55 -9.49 25.45
C LYS A 77 -15.01 -10.84 24.94
N ARG A 78 -15.58 -11.65 25.81
CA ARG A 78 -16.09 -12.95 25.40
C ARG A 78 -17.57 -12.81 24.99
N LEU A 79 -17.98 -13.53 23.95
CA LEU A 79 -19.36 -13.43 23.46
C LEU A 79 -20.34 -14.37 24.17
N GLY A 80 -20.61 -14.08 25.43
CA GLY A 80 -21.35 -14.98 26.31
C GLY A 80 -20.39 -15.72 27.25
N GLU A 81 -20.86 -16.13 28.42
CA GLU A 81 -20.01 -16.81 29.41
C GLU A 81 -19.69 -18.26 29.04
N GLU A 82 -20.71 -19.06 28.77
CA GLU A 82 -20.53 -20.47 28.43
C GLU A 82 -19.36 -20.71 27.45
N PRO A 83 -18.81 -21.93 27.44
CA PRO A 83 -17.84 -22.26 26.39
C PRO A 83 -18.53 -22.43 25.05
N PRO A 84 -17.74 -22.45 23.97
CA PRO A 84 -18.19 -22.58 22.57
C PRO A 84 -18.60 -24.01 22.24
N GLU A 85 -19.78 -24.15 21.67
CA GLU A 85 -20.35 -25.47 21.48
C GLU A 85 -19.91 -26.11 20.19
N PHE A 86 -18.73 -25.73 19.75
CA PHE A 86 -18.20 -26.24 18.50
C PHE A 86 -16.70 -26.40 18.57
N SER A 87 -16.18 -27.36 17.82
CA SER A 87 -14.75 -27.50 17.68
C SER A 87 -14.33 -26.37 16.79
N THR A 88 -13.24 -25.70 17.14
CA THR A 88 -12.77 -24.59 16.32
C THR A 88 -12.68 -24.97 14.82
N ALA A 89 -12.37 -26.25 14.55
CA ALA A 89 -12.38 -26.75 13.19
C ALA A 89 -13.79 -27.01 12.65
N SER A 90 -14.70 -27.49 13.50
CA SER A 90 -16.11 -27.68 13.12
C SER A 90 -16.70 -26.35 12.69
N TRP A 91 -16.60 -25.41 13.62
CA TRP A 91 -16.89 -24.00 13.43
C TRP A 91 -16.49 -23.50 12.05
N ILE A 92 -15.19 -23.40 11.83
CA ILE A 92 -14.70 -22.94 10.54
C ILE A 92 -15.34 -23.70 9.38
N PHE A 93 -15.34 -25.02 9.42
CA PHE A 93 -15.92 -25.78 8.33
C PHE A 93 -17.36 -25.34 8.10
N MET A 94 -18.05 -24.95 9.17
CA MET A 94 -19.45 -24.58 9.07
C MET A 94 -19.62 -23.34 8.26
N MET A 95 -18.62 -22.45 8.33
CA MET A 95 -18.59 -21.20 7.53
C MET A 95 -18.26 -21.55 6.09
N PHE A 96 -17.11 -22.20 5.92
CA PHE A 96 -16.69 -22.72 4.64
C PHE A 96 -17.83 -23.34 3.84
N ALA A 97 -18.78 -23.97 4.54
CA ALA A 97 -19.81 -24.78 3.89
C ALA A 97 -21.06 -23.99 3.58
N SER A 98 -21.21 -22.84 4.22
CA SER A 98 -22.36 -22.00 3.98
C SER A 98 -22.28 -21.26 2.63
N CYS A 99 -21.07 -20.83 2.25
CA CYS A 99 -20.86 -19.97 1.09
C CYS A 99 -21.39 -20.48 -0.26
N THR A 100 -21.45 -21.79 -0.45
CA THR A 100 -21.84 -22.33 -1.75
C THR A 100 -23.33 -22.22 -2.06
N SER A 101 -23.72 -21.17 -2.77
CA SER A 101 -25.06 -21.06 -3.32
C SER A 101 -25.11 -21.39 -4.82
N ALA A 102 -26.34 -21.49 -5.32
CA ALA A 102 -26.58 -21.75 -6.73
C ALA A 102 -26.01 -20.60 -7.53
N ALA A 103 -26.45 -19.40 -7.14
CA ALA A 103 -26.16 -18.15 -7.82
C ALA A 103 -24.68 -17.77 -7.81
N VAL A 104 -23.95 -18.30 -6.84
CA VAL A 104 -22.54 -18.02 -6.75
C VAL A 104 -21.82 -18.80 -7.86
N LEU A 105 -22.35 -19.96 -8.21
CA LEU A 105 -21.80 -20.71 -9.30
C LEU A 105 -21.89 -19.87 -10.57
N PHE A 106 -22.96 -19.09 -10.65
CA PHE A 106 -23.24 -18.27 -11.83
C PHE A 106 -22.17 -17.19 -12.02
N TRP A 107 -22.05 -16.33 -11.01
CA TRP A 107 -21.06 -15.26 -11.02
C TRP A 107 -19.64 -15.82 -11.10
N GLY A 108 -19.27 -16.68 -10.16
CA GLY A 108 -17.99 -17.36 -10.22
C GLY A 108 -17.58 -17.76 -11.62
N SER A 109 -18.54 -18.27 -12.41
CA SER A 109 -18.21 -18.81 -13.72
C SER A 109 -18.04 -17.79 -14.83
N ILE A 110 -18.73 -16.68 -14.75
CA ILE A 110 -18.82 -15.77 -15.90
C ILE A 110 -18.17 -14.42 -15.71
N GLU A 111 -18.01 -14.00 -14.44
CA GLU A 111 -17.73 -12.60 -14.19
C GLU A 111 -16.36 -12.21 -14.70
N ILE A 112 -15.45 -13.16 -14.63
CA ILE A 112 -14.09 -12.90 -15.13
C ILE A 112 -14.08 -12.58 -16.62
N TYR A 113 -15.05 -13.13 -17.33
CA TYR A 113 -15.16 -12.88 -18.75
C TYR A 113 -15.37 -11.39 -19.00
N TYR A 114 -16.35 -10.79 -18.34
CA TYR A 114 -16.66 -9.38 -18.55
C TYR A 114 -15.51 -8.52 -18.08
N TYR A 115 -14.80 -8.95 -17.06
CA TYR A 115 -13.70 -8.13 -16.63
C TYR A 115 -12.79 -7.97 -17.81
N ILE A 116 -12.60 -9.06 -18.55
CA ILE A 116 -11.67 -9.08 -19.68
C ILE A 116 -12.31 -8.40 -20.90
N SER A 117 -13.56 -8.77 -21.16
CA SER A 117 -14.33 -8.25 -22.28
C SER A 117 -14.35 -6.70 -22.23
N THR A 118 -14.93 -6.17 -21.18
CA THR A 118 -14.87 -4.76 -20.92
C THR A 118 -14.25 -4.55 -19.52
N PRO A 119 -12.96 -4.21 -19.49
CA PRO A 119 -12.13 -4.08 -18.30
C PRO A 119 -12.27 -2.70 -17.64
N PRO A 120 -11.62 -2.51 -16.48
CA PRO A 120 -11.63 -1.24 -15.77
C PRO A 120 -10.33 -0.51 -16.01
N PHE A 121 -10.25 0.72 -15.52
CA PHE A 121 -9.03 1.52 -15.61
C PHE A 121 -8.59 1.79 -17.06
N GLY A 122 -9.55 1.80 -17.98
CA GLY A 122 -9.28 2.13 -19.37
C GLY A 122 -8.32 1.14 -19.98
N LEU A 123 -8.69 -0.12 -19.88
CA LEU A 123 -7.79 -1.14 -20.30
C LEU A 123 -8.24 -1.64 -21.63
N GLU A 124 -7.30 -2.05 -22.45
CA GLU A 124 -7.67 -2.66 -23.70
C GLU A 124 -8.19 -4.03 -23.43
N PRO A 125 -9.38 -4.33 -23.94
CA PRO A 125 -10.04 -5.63 -23.82
C PRO A 125 -9.23 -6.80 -24.30
N ASN A 126 -9.32 -7.92 -23.59
CA ASN A 126 -8.77 -9.17 -24.06
C ASN A 126 -7.28 -9.03 -24.29
N SER A 127 -6.77 -7.92 -23.77
CA SER A 127 -5.36 -7.67 -23.64
C SER A 127 -4.77 -8.51 -22.53
N THR A 128 -3.69 -9.22 -22.79
CA THR A 128 -3.01 -9.92 -21.71
C THR A 128 -3.13 -9.12 -20.41
N GLY A 129 -3.04 -7.81 -20.54
CA GLY A 129 -3.19 -6.89 -19.41
C GLY A 129 -4.51 -6.89 -18.65
N ALA A 130 -5.64 -6.79 -19.36
CA ALA A 130 -6.97 -6.91 -18.76
C ALA A 130 -7.24 -8.31 -18.28
N LYS A 131 -6.40 -9.24 -18.71
CA LYS A 131 -6.49 -10.60 -18.28
C LYS A 131 -5.74 -10.78 -16.97
N GLU A 132 -4.47 -10.37 -16.88
CA GLU A 132 -3.76 -10.54 -15.61
C GLU A 132 -4.62 -10.00 -14.47
N LEU A 133 -5.34 -8.92 -14.75
CA LEU A 133 -6.16 -8.21 -13.74
C LEU A 133 -7.54 -8.80 -13.51
N GLY A 134 -7.94 -9.72 -14.38
CA GLY A 134 -9.25 -10.32 -14.29
C GLY A 134 -9.56 -10.90 -12.94
N LEU A 135 -8.81 -11.94 -12.57
CA LEU A 135 -9.04 -12.65 -11.31
C LEU A 135 -8.82 -11.82 -10.00
N ALA A 136 -7.85 -10.94 -10.04
CA ALA A 136 -7.66 -10.03 -8.92
C ALA A 136 -8.98 -9.35 -8.58
N TYR A 137 -9.76 -8.99 -9.61
CA TYR A 137 -11.02 -8.26 -9.38
C TYR A 137 -12.05 -9.17 -8.75
N SER A 138 -12.00 -10.46 -9.06
CA SER A 138 -12.77 -11.45 -8.31
C SER A 138 -12.32 -11.44 -6.82
N LEU A 139 -11.03 -11.65 -6.60
CA LEU A 139 -10.48 -11.70 -5.23
C LEU A 139 -10.78 -10.42 -4.42
N PHE A 140 -11.06 -9.31 -5.10
CA PHE A 140 -11.50 -8.08 -4.42
C PHE A 140 -12.96 -8.19 -4.02
N HIS A 141 -13.80 -8.59 -4.96
CA HIS A 141 -15.24 -8.53 -4.81
C HIS A 141 -15.71 -9.63 -3.87
N TRP A 142 -14.92 -10.67 -3.67
CA TRP A 142 -15.30 -11.70 -2.74
C TRP A 142 -14.14 -12.14 -1.88
N GLY A 143 -13.36 -11.16 -1.49
CA GLY A 143 -12.13 -11.35 -0.75
C GLY A 143 -12.36 -11.33 0.74
N PRO A 144 -11.30 -11.12 1.50
CA PRO A 144 -11.53 -10.96 2.93
C PRO A 144 -12.25 -9.63 3.09
N LEU A 145 -11.77 -8.64 2.35
CA LEU A 145 -12.19 -7.26 2.50
C LEU A 145 -13.72 -7.07 2.68
N PRO A 146 -14.55 -7.77 1.89
CA PRO A 146 -16.03 -7.73 1.99
C PRO A 146 -16.60 -8.52 3.18
N TRP A 147 -16.05 -9.69 3.48
CA TRP A 147 -16.43 -10.46 4.66
C TRP A 147 -16.21 -9.65 5.95
N ALA A 148 -15.07 -8.98 5.99
CA ALA A 148 -14.70 -8.17 7.12
C ALA A 148 -15.87 -7.28 7.53
N THR A 149 -16.63 -6.80 6.55
CA THR A 149 -17.63 -5.79 6.85
C THR A 149 -18.73 -6.35 7.73
N TYR A 150 -18.87 -7.68 7.65
CA TYR A 150 -19.93 -8.41 8.34
C TYR A 150 -19.64 -8.57 9.82
N SER A 151 -18.37 -8.73 10.11
CA SER A 151 -17.92 -8.83 11.48
C SER A 151 -18.56 -7.80 12.47
N PHE A 152 -18.71 -6.54 12.09
CA PHE A 152 -19.33 -5.62 13.06
C PHE A 152 -20.74 -6.03 13.45
N LEU A 153 -21.57 -6.41 12.47
CA LEU A 153 -22.95 -6.90 12.76
C LEU A 153 -22.97 -8.32 13.31
N SER A 154 -22.01 -9.14 12.89
CA SER A 154 -21.86 -10.47 13.44
C SER A 154 -21.57 -10.40 14.93
N VAL A 155 -20.84 -9.37 15.34
CA VAL A 155 -20.55 -9.17 16.77
C VAL A 155 -21.75 -8.59 17.50
N ALA A 156 -22.44 -7.64 16.88
CA ALA A 156 -23.62 -7.09 17.53
C ALA A 156 -24.68 -8.16 17.75
N PHE A 157 -24.89 -9.01 16.77
CA PHE A 157 -25.93 -10.00 16.95
C PHE A 157 -25.46 -11.02 17.96
N ALA A 158 -24.16 -11.31 17.95
CA ALA A 158 -23.53 -12.21 18.93
C ALA A 158 -23.79 -11.67 20.32
N TYR A 159 -23.44 -10.41 20.54
CA TYR A 159 -23.64 -9.72 21.80
C TYR A 159 -25.13 -9.64 22.18
N PHE A 160 -25.98 -9.19 21.28
CA PHE A 160 -27.39 -9.19 21.64
C PHE A 160 -27.77 -10.57 22.10
N PHE A 161 -27.40 -11.59 21.33
CA PHE A 161 -27.86 -12.95 21.59
C PHE A 161 -27.44 -13.50 22.95
N PHE A 162 -26.20 -13.24 23.35
CA PHE A 162 -25.63 -13.88 24.54
C PHE A 162 -25.26 -12.91 25.68
N VAL A 163 -24.66 -11.78 25.35
CA VAL A 163 -24.26 -10.86 26.41
C VAL A 163 -25.49 -10.13 26.96
N ARG A 164 -26.59 -10.15 26.23
CA ARG A 164 -27.82 -9.49 26.67
C ARG A 164 -28.98 -10.48 26.75
N LYS A 165 -28.65 -11.75 26.57
CA LYS A 165 -29.64 -12.79 26.36
C LYS A 165 -30.95 -12.29 25.76
N MET A 166 -30.86 -11.43 24.74
CA MET A 166 -32.03 -10.90 24.06
C MET A 166 -32.56 -11.84 23.02
N GLU A 167 -33.86 -11.77 22.79
CA GLU A 167 -34.48 -12.60 21.79
C GLU A 167 -34.65 -11.72 20.58
N VAL A 168 -34.28 -12.24 19.42
CA VAL A 168 -34.19 -11.42 18.22
C VAL A 168 -34.70 -12.16 17.00
N ILE A 169 -35.77 -11.64 16.41
CA ILE A 169 -36.35 -12.27 15.23
C ILE A 169 -36.30 -11.31 14.02
N ARG A 170 -36.63 -10.05 14.27
CA ARG A 170 -36.65 -9.00 13.24
C ARG A 170 -35.81 -7.82 13.71
N PRO A 171 -35.31 -7.02 12.76
CA PRO A 171 -34.36 -5.91 12.94
C PRO A 171 -34.71 -4.91 14.06
N SER A 172 -36.02 -4.67 14.22
CA SER A 172 -36.53 -3.72 15.19
C SER A 172 -36.28 -4.20 16.60
N SER A 173 -36.41 -5.51 16.81
CA SER A 173 -36.29 -6.12 18.13
C SER A 173 -34.92 -5.89 18.75
N THR A 174 -34.03 -5.26 18.00
CA THR A 174 -32.73 -4.87 18.51
C THR A 174 -32.66 -3.35 18.77
N LEU A 175 -33.65 -2.62 18.29
CA LEU A 175 -33.54 -1.16 18.17
C LEU A 175 -33.88 -0.40 19.44
N VAL A 176 -34.50 -1.09 20.37
CA VAL A 176 -34.94 -0.47 21.60
C VAL A 176 -33.99 0.59 22.16
N PRO A 177 -32.70 0.29 22.23
CA PRO A 177 -31.75 1.24 22.83
C PRO A 177 -31.54 2.47 22.00
N LEU A 178 -31.64 2.37 20.69
CA LEU A 178 -31.36 3.51 19.86
C LEU A 178 -32.55 4.43 19.84
N VAL A 179 -33.73 3.86 19.98
CA VAL A 179 -34.94 4.59 19.63
C VAL A 179 -36.05 4.54 20.67
N GLY A 180 -35.86 3.71 21.69
CA GLY A 180 -36.84 3.59 22.76
C GLY A 180 -37.82 2.45 22.54
N GLU A 181 -37.96 1.61 23.54
CA GLU A 181 -38.87 0.47 23.45
C GLU A 181 -40.17 0.94 22.83
N LYS A 182 -40.51 2.19 23.09
CA LYS A 182 -41.71 2.82 22.52
C LYS A 182 -41.78 2.70 21.00
N HIS A 183 -40.80 3.29 20.30
CA HIS A 183 -40.80 3.33 18.84
C HIS A 183 -40.53 2.00 18.13
N ALA A 184 -39.74 1.13 18.76
CA ALA A 184 -39.36 -0.16 18.20
C ALA A 184 -40.53 -1.11 18.16
N LYS A 185 -41.22 -1.21 19.29
CA LYS A 185 -42.45 -1.95 19.37
C LYS A 185 -43.47 -1.30 18.44
N GLY A 186 -43.40 0.02 18.34
CA GLY A 186 -44.33 0.79 17.52
C GLY A 186 -44.25 0.54 16.02
N LEU A 187 -44.63 1.55 15.24
CA LEU A 187 -44.65 1.43 13.78
C LEU A 187 -43.29 1.76 13.16
N PHE A 188 -42.56 2.66 13.79
CA PHE A 188 -41.20 2.94 13.34
C PHE A 188 -40.50 1.62 13.07
N GLY A 189 -40.55 0.73 14.05
CA GLY A 189 -39.93 -0.58 13.95
C GLY A 189 -40.66 -1.46 12.97
N THR A 190 -41.92 -1.14 12.74
CA THR A 190 -42.74 -1.88 11.79
C THR A 190 -42.41 -1.47 10.36
N ILE A 191 -42.18 -0.18 10.13
CA ILE A 191 -41.74 0.25 8.81
C ILE A 191 -40.36 -0.34 8.52
N VAL A 192 -39.48 -0.25 9.51
CA VAL A 192 -38.13 -0.80 9.42
C VAL A 192 -38.18 -2.27 9.05
N ASP A 193 -38.98 -3.04 9.77
CA ASP A 193 -39.09 -4.47 9.52
C ASP A 193 -39.73 -4.81 8.19
N ASN A 194 -40.46 -3.85 7.63
CA ASN A 194 -41.15 -4.04 6.37
C ASN A 194 -40.25 -3.77 5.18
N PHE A 195 -39.63 -2.59 5.15
CA PHE A 195 -38.61 -2.28 4.17
C PHE A 195 -37.59 -3.42 4.14
N TYR A 196 -37.19 -3.86 5.32
CA TYR A 196 -36.20 -4.90 5.45
C TYR A 196 -36.68 -6.09 4.62
N LEU A 197 -37.81 -6.62 5.03
CA LEU A 197 -38.39 -7.80 4.45
C LEU A 197 -38.51 -7.67 2.94
N VAL A 198 -39.29 -6.70 2.49
CA VAL A 198 -39.47 -6.42 1.06
C VAL A 198 -38.17 -6.47 0.27
N ALA A 199 -37.15 -5.75 0.73
CA ALA A 199 -35.83 -5.77 0.12
C ALA A 199 -35.33 -7.19 0.06
N LEU A 200 -35.37 -7.86 1.21
CA LEU A 200 -34.92 -9.24 1.33
C LEU A 200 -35.67 -10.17 0.39
N ILE A 201 -36.97 -9.95 0.24
CA ILE A 201 -37.71 -10.79 -0.67
C ILE A 201 -37.08 -10.70 -2.07
N PHE A 202 -37.08 -9.51 -2.66
CA PHE A 202 -36.51 -9.31 -3.99
C PHE A 202 -35.19 -10.03 -4.19
N ALA A 203 -34.28 -9.86 -3.25
CA ALA A 203 -32.98 -10.54 -3.27
C ALA A 203 -33.15 -12.04 -3.38
N MET A 204 -33.92 -12.61 -2.45
CA MET A 204 -34.19 -14.02 -2.48
C MET A 204 -34.67 -14.45 -3.87
N GLY A 205 -35.50 -13.63 -4.48
CA GLY A 205 -36.05 -13.95 -5.79
C GLY A 205 -35.00 -13.88 -6.87
N THR A 206 -34.34 -12.72 -6.98
CA THR A 206 -33.29 -12.56 -7.99
C THR A 206 -32.24 -13.68 -7.88
N SER A 207 -32.03 -14.19 -6.67
CA SER A 207 -31.08 -15.25 -6.48
C SER A 207 -31.64 -16.48 -7.13
N LEU A 208 -32.91 -16.70 -6.89
CA LEU A 208 -33.62 -17.81 -7.54
C LEU A 208 -33.61 -17.65 -9.08
N GLY A 209 -33.71 -16.41 -9.55
CA GLY A 209 -33.66 -16.14 -10.96
C GLY A 209 -32.33 -16.43 -11.63
N LEU A 210 -31.26 -16.43 -10.83
CA LEU A 210 -29.93 -16.78 -11.35
C LEU A 210 -29.81 -18.29 -11.39
N ALA A 211 -30.31 -18.92 -10.34
CA ALA A 211 -30.21 -20.35 -10.16
C ALA A 211 -30.93 -21.07 -11.29
N THR A 212 -32.13 -20.62 -11.58
CA THR A 212 -33.03 -21.35 -12.48
C THR A 212 -32.43 -21.72 -13.82
N PRO A 213 -32.01 -20.69 -14.62
CA PRO A 213 -31.45 -20.96 -15.96
C PRO A 213 -30.19 -21.84 -15.95
N LEU A 214 -29.53 -21.91 -14.80
CA LEU A 214 -28.40 -22.82 -14.64
C LEU A 214 -28.94 -24.24 -14.55
N VAL A 215 -30.01 -24.43 -13.80
CA VAL A 215 -30.63 -25.74 -13.70
C VAL A 215 -31.26 -26.19 -15.03
N THR A 216 -31.96 -25.28 -15.71
CA THR A 216 -32.66 -25.62 -16.95
C THR A 216 -31.78 -25.67 -18.20
N GLU A 217 -30.65 -24.96 -18.16
CA GLU A 217 -29.71 -25.02 -19.26
C GLU A 217 -28.93 -26.32 -19.17
N CYS A 218 -28.82 -26.82 -17.95
CA CYS A 218 -28.17 -28.09 -17.70
C CYS A 218 -29.06 -29.20 -18.21
N MET A 219 -30.33 -29.15 -17.83
CA MET A 219 -31.28 -30.13 -18.33
C MET A 219 -31.18 -30.20 -19.84
N GLN A 220 -31.50 -29.08 -20.49
CA GLN A 220 -31.33 -29.00 -21.95
C GLN A 220 -30.00 -29.59 -22.50
N TRP A 221 -28.93 -29.50 -21.73
CA TRP A 221 -27.66 -29.99 -22.25
C TRP A 221 -27.57 -31.51 -22.18
N LEU A 222 -27.96 -32.05 -21.03
CA LEU A 222 -27.95 -33.49 -20.79
C LEU A 222 -29.07 -34.18 -21.58
N PHE A 223 -30.24 -33.57 -21.58
CA PHE A 223 -31.48 -34.17 -22.07
C PHE A 223 -31.88 -33.75 -23.51
N GLY A 224 -31.96 -32.44 -23.74
CA GLY A 224 -32.34 -31.94 -25.05
C GLY A 224 -33.54 -31.02 -24.95
N ILE A 225 -34.24 -31.07 -23.82
CA ILE A 225 -35.40 -30.23 -23.50
C ILE A 225 -35.12 -28.72 -23.61
N PRO A 226 -35.71 -28.05 -24.61
CA PRO A 226 -35.44 -26.62 -24.83
C PRO A 226 -35.66 -25.77 -23.58
N HIS A 227 -34.64 -24.99 -23.22
CA HIS A 227 -34.72 -24.00 -22.14
C HIS A 227 -35.66 -22.89 -22.60
N THR A 228 -36.89 -22.90 -22.12
CA THR A 228 -37.84 -21.85 -22.47
C THR A 228 -38.27 -21.21 -21.19
N LEU A 229 -39.11 -20.19 -21.29
CA LEU A 229 -39.65 -19.56 -20.09
C LEU A 229 -40.76 -20.40 -19.45
N GLN A 230 -41.58 -21.05 -20.28
CA GLN A 230 -42.65 -21.88 -19.75
C GLN A 230 -42.07 -23.08 -19.03
N LEU A 231 -40.76 -23.27 -19.20
CA LEU A 231 -40.00 -24.32 -18.52
C LEU A 231 -39.22 -23.82 -17.28
N ASP A 232 -38.79 -22.58 -17.29
CA ASP A 232 -38.13 -22.04 -16.12
C ASP A 232 -39.16 -21.97 -15.02
N ALA A 233 -40.38 -21.67 -15.42
CA ALA A 233 -41.49 -21.57 -14.47
C ALA A 233 -42.05 -22.95 -14.08
N ILE A 234 -41.99 -23.91 -14.99
CA ILE A 234 -42.34 -25.25 -14.61
C ILE A 234 -41.55 -25.59 -13.38
N ILE A 235 -40.25 -25.31 -13.45
CA ILE A 235 -39.35 -25.80 -12.43
C ILE A 235 -39.37 -25.01 -11.11
N ILE A 236 -39.69 -23.72 -11.18
CA ILE A 236 -39.94 -22.95 -9.95
C ILE A 236 -41.16 -23.50 -9.18
N THR A 237 -42.07 -24.18 -9.88
CA THR A 237 -43.25 -24.76 -9.24
C THR A 237 -42.92 -26.11 -8.59
N CYS A 238 -42.17 -26.95 -9.30
CA CYS A 238 -41.57 -28.16 -8.75
C CYS A 238 -40.85 -27.87 -7.46
N TRP A 239 -39.91 -26.93 -7.53
CA TRP A 239 -39.19 -26.48 -6.36
C TRP A 239 -40.20 -26.20 -5.23
N ILE A 240 -41.26 -25.45 -5.55
CA ILE A 240 -42.27 -25.06 -4.54
C ILE A 240 -43.08 -26.25 -4.05
N ILE A 241 -43.49 -27.09 -4.99
CA ILE A 241 -44.15 -28.34 -4.66
C ILE A 241 -43.21 -29.14 -3.77
N LEU A 242 -42.06 -29.51 -4.34
CA LEU A 242 -41.05 -30.27 -3.62
C LEU A 242 -40.82 -29.68 -2.22
N ASN A 243 -40.69 -28.36 -2.15
CA ASN A 243 -40.61 -27.66 -0.87
C ASN A 243 -41.80 -28.08 0.01
N ALA A 244 -43.01 -27.71 -0.43
CA ALA A 244 -44.22 -28.01 0.33
C ALA A 244 -44.21 -29.41 0.94
N ILE A 245 -44.01 -30.42 0.10
CA ILE A 245 -43.85 -31.82 0.54
C ILE A 245 -42.81 -31.99 1.68
N CYS A 246 -41.59 -31.53 1.48
CA CYS A 246 -40.57 -31.70 2.50
C CYS A 246 -40.99 -31.08 3.82
N VAL A 247 -41.55 -29.86 3.77
CA VAL A 247 -41.89 -29.13 5.01
C VAL A 247 -43.17 -29.65 5.62
N ALA A 248 -44.13 -29.98 4.77
CA ALA A 248 -45.41 -30.52 5.21
C ALA A 248 -45.25 -31.94 5.76
N CYS A 249 -44.06 -32.52 5.59
CA CYS A 249 -43.82 -33.84 6.12
C CYS A 249 -42.88 -33.84 7.32
N GLY A 250 -42.49 -32.67 7.80
CA GLY A 250 -41.49 -32.58 8.86
C GLY A 250 -40.24 -33.36 8.46
N LEU A 251 -39.95 -33.33 7.16
CA LEU A 251 -38.89 -34.13 6.55
C LEU A 251 -37.53 -33.44 6.66
N GLN A 252 -37.51 -32.27 7.30
CA GLN A 252 -36.30 -31.47 7.36
C GLN A 252 -35.09 -32.24 7.88
N LYS A 253 -35.35 -33.33 8.58
CA LYS A 253 -34.26 -34.14 9.12
C LYS A 253 -33.33 -34.57 8.01
N ALA A 254 -33.91 -34.89 6.86
CA ALA A 254 -33.18 -35.43 5.74
C ALA A 254 -32.69 -34.33 4.78
N VAL A 255 -33.34 -33.18 4.85
CA VAL A 255 -32.92 -31.98 4.11
C VAL A 255 -31.51 -31.53 4.54
N ARG A 256 -31.25 -31.59 5.85
CA ARG A 256 -29.92 -31.32 6.41
C ARG A 256 -28.88 -32.26 5.82
N ILE A 257 -29.27 -33.52 5.65
CA ILE A 257 -28.37 -34.53 5.09
C ILE A 257 -28.07 -34.25 3.62
N ALA A 258 -29.05 -33.71 2.90
CA ALA A 258 -28.89 -33.40 1.48
C ALA A 258 -28.03 -32.14 1.30
N SER A 259 -28.25 -31.16 2.17
CA SER A 259 -27.43 -29.97 2.23
C SER A 259 -25.95 -30.34 2.32
N ASP A 260 -25.62 -31.31 3.17
CA ASP A 260 -24.25 -31.76 3.30
C ASP A 260 -23.78 -32.40 2.00
N VAL A 261 -24.63 -33.23 1.41
CA VAL A 261 -24.29 -33.88 0.15
C VAL A 261 -23.90 -32.81 -0.85
N ARG A 262 -24.55 -31.66 -0.73
CA ARG A 262 -24.31 -30.51 -1.60
C ARG A 262 -22.92 -29.91 -1.39
N SER A 263 -22.60 -29.56 -0.15
CA SER A 263 -21.29 -29.05 0.19
C SER A 263 -20.19 -29.95 -0.34
N TYR A 264 -20.29 -31.24 -0.07
CA TYR A 264 -19.26 -32.17 -0.54
C TYR A 264 -19.16 -32.22 -2.05
N LEU A 265 -20.32 -32.28 -2.72
CA LEU A 265 -20.36 -32.30 -4.18
C LEU A 265 -19.62 -31.09 -4.77
N SER A 266 -19.84 -29.92 -4.16
CA SER A 266 -19.23 -28.70 -4.64
C SER A 266 -17.71 -28.61 -4.36
N PHE A 267 -17.25 -29.11 -3.23
CA PHE A 267 -15.80 -29.19 -3.04
C PHE A 267 -15.29 -30.13 -4.10
N LEU A 268 -16.00 -31.24 -4.25
CA LEU A 268 -15.59 -32.26 -5.21
C LEU A 268 -15.44 -31.68 -6.60
N MET A 269 -16.48 -30.99 -7.07
CA MET A 269 -16.48 -30.36 -8.38
C MET A 269 -15.33 -29.40 -8.51
N LEU A 270 -15.29 -28.43 -7.61
CA LEU A 270 -14.22 -27.44 -7.59
C LEU A 270 -12.86 -28.12 -7.72
N GLY A 271 -12.66 -29.15 -6.89
CA GLY A 271 -11.43 -29.93 -6.93
C GLY A 271 -11.20 -30.52 -8.30
N TRP A 272 -12.24 -31.08 -8.90
CA TRP A 272 -12.16 -31.65 -10.24
C TRP A 272 -11.64 -30.57 -11.20
N VAL A 273 -12.36 -29.46 -11.27
CA VAL A 273 -12.01 -28.42 -12.21
C VAL A 273 -10.61 -27.94 -11.99
N PHE A 274 -10.17 -27.97 -10.74
CA PHE A 274 -8.84 -27.51 -10.39
C PHE A 274 -7.81 -28.37 -11.04
N ILE A 275 -7.87 -29.68 -10.79
CA ILE A 275 -6.75 -30.51 -11.15
C ILE A 275 -6.68 -30.76 -12.66
N VAL A 276 -7.83 -30.80 -13.31
CA VAL A 276 -7.88 -31.10 -14.74
C VAL A 276 -7.40 -29.94 -15.55
N SER A 277 -7.62 -28.76 -15.00
CA SER A 277 -7.39 -27.56 -15.75
C SER A 277 -5.95 -27.13 -15.62
N GLY A 278 -5.30 -27.53 -14.54
CA GLY A 278 -3.86 -27.34 -14.46
C GLY A 278 -3.41 -26.54 -13.28
N ALA A 279 -3.21 -27.25 -12.17
CA ALA A 279 -2.82 -26.62 -10.93
C ALA A 279 -1.68 -25.63 -11.09
N SER A 280 -0.56 -26.06 -11.65
CA SER A 280 0.54 -25.13 -11.71
C SER A 280 0.03 -23.78 -12.10
N PHE A 281 -0.76 -23.76 -13.16
CA PHE A 281 -1.19 -22.48 -13.69
C PHE A 281 -1.98 -21.73 -12.62
N ILE A 282 -3.17 -22.27 -12.34
CA ILE A 282 -3.99 -21.87 -11.19
C ILE A 282 -3.19 -21.31 -9.98
N MET A 283 -2.10 -21.97 -9.60
CA MET A 283 -1.24 -21.46 -8.53
C MET A 283 -0.53 -20.19 -8.94
N ASN A 284 0.17 -20.24 -10.06
CA ASN A 284 0.86 -19.06 -10.58
C ASN A 284 -0.14 -17.94 -10.76
N TYR A 285 -1.28 -18.26 -11.40
CA TYR A 285 -2.30 -17.24 -11.63
C TYR A 285 -2.85 -16.66 -10.30
N PHE A 286 -3.09 -17.54 -9.32
CA PHE A 286 -3.67 -17.10 -8.05
C PHE A 286 -2.69 -16.17 -7.35
N THR A 287 -1.45 -16.61 -7.32
CA THR A 287 -0.38 -15.83 -6.77
C THR A 287 -0.35 -14.47 -7.45
N ASP A 288 -0.09 -14.44 -8.78
CA ASP A 288 0.08 -13.18 -9.50
C ASP A 288 -1.07 -12.25 -9.16
N SER A 289 -2.26 -12.84 -9.11
CA SER A 289 -3.48 -12.12 -8.77
C SER A 289 -3.49 -11.47 -7.36
N VAL A 290 -2.97 -12.17 -6.35
CA VAL A 290 -2.96 -11.62 -4.99
C VAL A 290 -2.19 -10.30 -4.90
N GLY A 291 -1.02 -10.25 -5.54
CA GLY A 291 -0.28 -9.01 -5.62
C GLY A 291 -1.05 -7.89 -6.31
N MET A 292 -1.73 -8.21 -7.41
CA MET A 292 -2.55 -7.20 -8.07
C MET A 292 -3.54 -6.62 -7.07
N LEU A 293 -4.28 -7.52 -6.42
CA LEU A 293 -5.28 -7.16 -5.42
C LEU A 293 -4.68 -6.29 -4.38
N LEU A 294 -3.56 -6.72 -3.87
CA LEU A 294 -2.82 -5.97 -2.89
C LEU A 294 -2.38 -4.59 -3.34
N MET A 295 -2.05 -4.43 -4.61
CA MET A 295 -1.58 -3.13 -5.05
C MET A 295 -2.71 -2.26 -5.56
N TYR A 296 -3.72 -2.86 -6.18
CA TYR A 296 -4.86 -2.11 -6.71
C TYR A 296 -5.99 -1.85 -5.69
N LEU A 297 -5.97 -2.62 -4.63
CA LEU A 297 -6.94 -2.52 -3.54
C LEU A 297 -7.51 -1.12 -3.24
N PRO A 298 -6.64 -0.13 -3.01
CA PRO A 298 -7.17 1.19 -2.64
C PRO A 298 -7.84 1.82 -3.82
N ARG A 299 -7.30 1.62 -5.00
CA ARG A 299 -7.88 2.25 -6.17
C ARG A 299 -9.32 1.77 -6.30
N MET A 300 -9.44 0.44 -6.25
CA MET A 300 -10.69 -0.32 -6.35
C MET A 300 -11.73 -0.05 -5.26
N LEU A 301 -11.28 0.05 -4.00
CA LEU A 301 -12.13 0.35 -2.86
C LEU A 301 -13.04 1.53 -3.11
N PHE A 302 -12.53 2.53 -3.83
CA PHE A 302 -13.18 3.82 -4.03
C PHE A 302 -13.52 4.15 -5.50
N TYR A 303 -13.26 3.22 -6.43
CA TYR A 303 -13.49 3.43 -7.87
C TYR A 303 -14.87 3.87 -8.29
N THR A 304 -14.95 5.02 -8.97
CA THR A 304 -16.22 5.47 -9.55
C THR A 304 -16.08 5.92 -11.02
N ASP A 305 -14.86 5.84 -11.57
CA ASP A 305 -14.59 6.15 -12.99
C ASP A 305 -15.35 7.38 -13.52
N PRO A 306 -15.13 8.54 -12.91
CA PRO A 306 -16.01 9.70 -13.14
C PRO A 306 -15.67 10.48 -14.39
N ILE A 307 -14.50 10.25 -15.00
CA ILE A 307 -14.17 11.03 -16.20
C ILE A 307 -14.56 10.25 -17.44
N ALA A 308 -13.98 9.07 -17.59
CA ALA A 308 -14.31 8.15 -18.68
C ALA A 308 -15.78 7.71 -18.69
N LYS A 309 -16.45 7.91 -17.58
CA LYS A 309 -17.80 7.40 -17.40
C LYS A 309 -18.07 6.02 -18.05
N GLY A 310 -17.09 5.12 -17.95
CA GLY A 310 -17.35 3.72 -18.25
C GLY A 310 -18.04 3.17 -17.03
N GLY A 311 -19.04 2.33 -17.22
CA GLY A 311 -19.89 1.90 -16.10
C GLY A 311 -19.32 0.95 -15.06
N PHE A 312 -18.09 0.47 -15.30
CA PHE A 312 -17.52 -0.62 -14.54
C PHE A 312 -17.85 -0.67 -13.02
N PRO A 313 -17.42 0.35 -12.26
CA PRO A 313 -17.63 0.38 -10.82
C PRO A 313 -19.10 0.32 -10.45
N GLN A 314 -19.94 1.02 -11.22
CA GLN A 314 -21.35 1.17 -10.91
C GLN A 314 -22.09 -0.12 -11.22
N GLY A 315 -21.65 -0.78 -12.28
CA GLY A 315 -22.32 -1.97 -12.76
C GLY A 315 -21.86 -3.22 -12.06
N TRP A 316 -20.66 -3.18 -11.49
CA TRP A 316 -20.12 -4.35 -10.79
C TRP A 316 -20.01 -4.12 -9.31
N THR A 317 -19.15 -3.20 -8.91
CA THR A 317 -18.94 -2.96 -7.50
C THR A 317 -20.23 -2.50 -6.81
N VAL A 318 -20.76 -1.36 -7.22
CA VAL A 318 -21.96 -0.79 -6.62
C VAL A 318 -23.16 -1.75 -6.58
N PHE A 319 -23.31 -2.52 -7.67
CA PHE A 319 -24.30 -3.59 -7.73
C PHE A 319 -23.95 -4.64 -6.66
N TYR A 320 -22.74 -5.16 -6.66
CA TYR A 320 -22.39 -6.07 -5.61
C TYR A 320 -22.64 -5.38 -4.32
N TRP A 321 -21.67 -4.57 -3.93
CA TRP A 321 -21.75 -3.95 -2.59
C TRP A 321 -23.19 -3.96 -2.04
N ALA A 322 -24.14 -3.48 -2.85
CA ALA A 322 -25.53 -3.44 -2.43
C ALA A 322 -26.15 -4.82 -2.19
N TRP A 323 -25.77 -5.84 -2.94
CA TRP A 323 -26.28 -7.18 -2.64
C TRP A 323 -25.84 -7.52 -1.24
N TRP A 324 -24.55 -7.29 -1.00
CA TRP A 324 -23.94 -7.52 0.33
C TRP A 324 -24.62 -6.82 1.48
N VAL A 325 -25.11 -5.61 1.24
CA VAL A 325 -25.76 -4.86 2.28
C VAL A 325 -27.07 -5.51 2.68
N ILE A 326 -27.74 -6.18 1.73
CA ILE A 326 -28.98 -6.92 1.99
C ILE A 326 -28.77 -8.17 2.87
N TYR A 327 -28.14 -9.18 2.27
CA TYR A 327 -27.79 -10.39 3.00
C TYR A 327 -26.97 -10.13 4.27
N ALA A 328 -26.54 -8.88 4.48
CA ALA A 328 -25.68 -8.52 5.61
C ALA A 328 -26.23 -9.02 6.93
N ILE A 329 -27.48 -8.69 7.23
CA ILE A 329 -28.07 -9.13 8.49
C ILE A 329 -28.35 -10.62 8.54
N GLN A 330 -28.88 -11.19 7.49
CA GLN A 330 -29.19 -12.60 7.62
C GLN A 330 -27.97 -13.45 8.02
N MET A 331 -26.80 -13.09 7.53
CA MET A 331 -25.59 -13.86 7.83
C MET A 331 -25.07 -13.60 9.23
N SER A 332 -24.83 -12.34 9.53
CA SER A 332 -24.28 -11.91 10.82
C SER A 332 -24.99 -12.60 12.00
N ILE A 333 -26.29 -12.79 11.84
CA ILE A 333 -27.12 -13.53 12.77
C ILE A 333 -26.68 -14.98 12.81
N PHE A 334 -26.36 -15.52 11.63
CA PHE A 334 -25.87 -16.89 11.49
C PHE A 334 -24.46 -17.01 12.01
N LEU A 335 -23.60 -16.09 11.63
CA LEU A 335 -22.26 -16.17 12.14
C LEU A 335 -22.33 -16.08 13.65
N ALA A 336 -23.21 -15.21 14.13
CA ALA A 336 -23.46 -15.08 15.57
C ALA A 336 -23.83 -16.40 16.28
N ARG A 337 -24.75 -17.17 15.73
CA ARG A 337 -25.16 -18.35 16.45
C ARG A 337 -24.10 -19.46 16.47
N ILE A 338 -23.52 -19.75 15.31
CA ILE A 338 -22.49 -20.79 15.19
C ILE A 338 -21.29 -20.44 16.06
N SER A 339 -21.30 -19.22 16.62
CA SER A 339 -20.09 -18.67 17.28
C SER A 339 -20.23 -18.33 18.75
N ARG A 340 -21.17 -18.93 19.48
CA ARG A 340 -21.32 -18.51 20.87
C ARG A 340 -20.06 -18.77 21.65
N GLY A 341 -19.81 -17.91 22.62
CA GLY A 341 -18.71 -18.08 23.53
C GLY A 341 -17.34 -17.87 22.93
N ARG A 342 -17.25 -17.07 21.89
CA ARG A 342 -15.94 -16.76 21.42
C ARG A 342 -15.66 -15.34 21.74
N THR A 343 -14.41 -14.96 21.56
CA THR A 343 -14.00 -13.59 21.78
C THR A 343 -14.21 -12.74 20.51
N VAL A 344 -14.59 -11.48 20.72
CA VAL A 344 -14.84 -10.57 19.62
C VAL A 344 -13.77 -10.75 18.54
N ARG A 345 -12.51 -10.62 18.92
CA ARG A 345 -11.40 -10.84 18.02
C ARG A 345 -11.31 -12.28 17.52
N GLU A 346 -11.65 -13.24 18.34
CA GLU A 346 -11.60 -14.61 17.86
C GLU A 346 -12.42 -14.68 16.59
N LEU A 347 -13.50 -13.94 16.59
CA LEU A 347 -14.53 -14.04 15.57
C LEU A 347 -14.17 -13.28 14.30
N CYS A 348 -13.66 -12.06 14.45
CA CYS A 348 -13.20 -11.29 13.29
C CYS A 348 -12.18 -12.06 12.45
N PHE A 349 -11.10 -12.51 13.12
CA PHE A 349 -10.07 -13.30 12.45
C PHE A 349 -10.64 -14.60 11.85
N GLY A 350 -11.61 -15.21 12.53
CA GLY A 350 -12.16 -16.48 12.09
C GLY A 350 -13.08 -16.43 10.86
N MET A 351 -14.06 -15.55 10.91
CA MET A 351 -15.06 -15.51 9.87
C MET A 351 -14.35 -15.16 8.59
N VAL A 352 -13.44 -14.18 8.67
CA VAL A 352 -12.73 -13.71 7.47
C VAL A 352 -11.86 -14.81 6.87
N LEU A 353 -10.88 -15.29 7.65
CA LEU A 353 -10.11 -16.49 7.30
C LEU A 353 -10.98 -17.63 6.70
N GLY A 354 -12.05 -17.97 7.42
CA GLY A 354 -12.93 -19.07 7.06
C GLY A 354 -13.63 -18.83 5.75
N LEU A 355 -14.55 -17.88 5.76
CA LEU A 355 -15.31 -17.52 4.58
C LEU A 355 -14.43 -17.29 3.33
N THR A 356 -13.45 -16.37 3.43
CA THR A 356 -12.57 -16.07 2.28
C THR A 356 -11.96 -17.31 1.67
N ALA A 357 -11.57 -18.26 2.54
CA ALA A 357 -11.02 -19.50 2.06
C ALA A 357 -12.00 -20.02 1.00
N SER A 358 -13.24 -20.16 1.42
CA SER A 358 -14.32 -20.66 0.60
C SER A 358 -14.46 -19.90 -0.71
N THR A 359 -14.73 -18.60 -0.59
CA THR A 359 -14.99 -17.76 -1.76
C THR A 359 -13.78 -17.73 -2.68
N TRP A 360 -12.58 -17.53 -2.14
CA TRP A 360 -11.41 -17.39 -2.99
C TRP A 360 -11.17 -18.61 -3.86
N ILE A 361 -11.38 -19.79 -3.28
CA ILE A 361 -11.11 -20.98 -4.05
C ILE A 361 -12.03 -21.06 -5.24
N LEU A 362 -13.32 -20.94 -4.97
CA LEU A 362 -14.30 -21.06 -6.00
C LEU A 362 -13.90 -20.25 -7.21
N TRP A 363 -14.09 -18.95 -7.10
CA TRP A 363 -13.79 -18.05 -8.18
C TRP A 363 -12.53 -18.50 -8.87
N THR A 364 -11.43 -18.53 -8.14
CA THR A 364 -10.15 -18.66 -8.81
C THR A 364 -10.13 -19.98 -9.59
N VAL A 365 -10.96 -20.93 -9.22
CA VAL A 365 -10.99 -22.13 -9.99
C VAL A 365 -11.82 -21.92 -11.22
N LEU A 366 -13.06 -21.51 -11.03
CA LEU A 366 -13.98 -21.46 -12.13
C LEU A 366 -13.58 -20.42 -13.14
N GLY A 367 -12.98 -19.35 -12.62
CA GLY A 367 -12.57 -18.23 -13.43
C GLY A 367 -11.36 -18.57 -14.25
N SER A 368 -10.40 -19.27 -13.67
CA SER A 368 -9.26 -19.62 -14.51
C SER A 368 -9.65 -20.70 -15.55
N ASN A 369 -10.64 -21.53 -15.23
CA ASN A 369 -11.18 -22.47 -16.20
C ASN A 369 -11.69 -21.62 -17.31
N THR A 370 -12.74 -20.87 -17.04
CA THR A 370 -13.41 -20.10 -18.06
C THR A 370 -12.48 -19.06 -18.67
N LEU A 371 -11.32 -18.83 -18.05
CA LEU A 371 -10.30 -17.95 -18.65
C LEU A 371 -9.48 -18.70 -19.71
N LEU A 372 -9.07 -19.92 -19.34
CA LEU A 372 -8.32 -20.83 -20.22
C LEU A 372 -9.15 -21.12 -21.44
N LEU A 373 -10.44 -21.40 -21.24
CA LEU A 373 -11.38 -21.59 -22.34
C LEU A 373 -11.33 -20.44 -23.29
N ILE A 374 -11.11 -19.25 -22.72
CA ILE A 374 -11.07 -18.03 -23.52
C ILE A 374 -9.80 -17.97 -24.37
N ASP A 375 -8.66 -18.33 -23.79
CA ASP A 375 -7.40 -18.32 -24.53
C ASP A 375 -7.20 -19.57 -25.39
N LYS A 376 -8.21 -20.45 -25.43
CA LYS A 376 -8.13 -21.66 -26.25
C LYS A 376 -8.95 -21.46 -27.53
N ASN A 377 -9.86 -20.50 -27.47
CA ASN A 377 -10.91 -20.36 -28.48
C ASN A 377 -11.69 -21.65 -28.75
N ILE A 378 -11.72 -22.49 -27.72
CA ILE A 378 -12.61 -23.63 -27.70
C ILE A 378 -14.03 -23.16 -28.07
N LEU A 379 -14.52 -22.16 -27.33
CA LEU A 379 -15.86 -21.63 -27.54
C LEU A 379 -15.86 -20.12 -27.66
N ASN A 380 -16.84 -19.62 -28.39
CA ASN A 380 -17.05 -18.20 -28.56
C ASN A 380 -18.05 -17.71 -27.52
N ILE A 381 -17.57 -17.37 -26.34
CA ILE A 381 -18.45 -17.00 -25.26
C ILE A 381 -19.37 -15.84 -25.65
N PRO A 382 -18.82 -14.84 -26.35
CA PRO A 382 -19.57 -13.61 -26.69
C PRO A 382 -20.77 -13.84 -27.61
N ASN A 383 -20.58 -14.75 -28.57
CA ASN A 383 -21.57 -15.06 -29.57
C ASN A 383 -22.61 -15.97 -28.97
N LEU A 384 -22.17 -16.73 -27.99
CA LEU A 384 -23.04 -17.58 -27.19
C LEU A 384 -23.98 -16.75 -26.32
N ILE A 385 -23.42 -15.78 -25.62
CA ILE A 385 -24.24 -14.92 -24.82
C ILE A 385 -25.22 -14.18 -25.72
N GLU A 386 -24.72 -13.72 -26.86
CA GLU A 386 -25.53 -12.92 -27.82
C GLU A 386 -26.82 -13.61 -28.25
N GLN A 387 -26.68 -14.83 -28.75
CA GLN A 387 -27.81 -15.56 -29.30
C GLN A 387 -28.60 -16.40 -28.29
N TYR A 388 -28.03 -16.67 -27.12
CA TYR A 388 -28.69 -17.57 -26.16
C TYR A 388 -28.89 -17.02 -24.74
N GLY A 389 -28.09 -16.07 -24.32
CA GLY A 389 -28.19 -15.62 -22.94
C GLY A 389 -27.08 -16.20 -22.09
N VAL A 390 -26.69 -15.47 -21.05
CA VAL A 390 -25.48 -15.74 -20.28
C VAL A 390 -25.34 -17.22 -19.90
N ALA A 391 -26.32 -17.73 -19.17
CA ALA A 391 -26.34 -19.09 -18.65
C ALA A 391 -25.97 -20.16 -19.66
N ARG A 392 -26.43 -20.01 -20.90
CA ARG A 392 -26.04 -20.95 -21.94
C ARG A 392 -24.54 -21.04 -22.04
N ALA A 393 -23.86 -19.90 -22.03
CA ALA A 393 -22.41 -19.86 -22.08
C ALA A 393 -21.80 -20.55 -20.84
N ILE A 394 -22.28 -20.16 -19.67
CA ILE A 394 -21.76 -20.70 -18.41
C ILE A 394 -21.69 -22.21 -18.51
N ILE A 395 -22.78 -22.82 -18.98
CA ILE A 395 -22.86 -24.28 -19.10
C ILE A 395 -21.87 -24.81 -20.12
N GLU A 396 -21.63 -24.03 -21.16
CA GLU A 396 -20.72 -24.45 -22.22
C GLU A 396 -19.30 -24.49 -21.69
N THR A 397 -19.02 -23.73 -20.63
CA THR A 397 -17.69 -23.70 -20.02
C THR A 397 -17.46 -24.88 -19.03
N TRP A 398 -18.57 -25.42 -18.54
CA TRP A 398 -18.55 -26.61 -17.72
C TRP A 398 -18.40 -27.85 -18.59
N ALA A 399 -19.09 -27.80 -19.72
CA ALA A 399 -19.24 -28.94 -20.60
C ALA A 399 -18.02 -29.06 -21.53
N ALA A 400 -17.25 -27.98 -21.60
CA ALA A 400 -16.01 -28.00 -22.36
C ALA A 400 -14.97 -28.82 -21.61
N LEU A 401 -15.34 -29.24 -20.40
CA LEU A 401 -14.45 -30.04 -19.54
C LEU A 401 -14.39 -31.53 -19.92
N PRO A 402 -13.32 -32.21 -19.53
CA PRO A 402 -13.17 -33.65 -19.76
C PRO A 402 -14.24 -34.44 -19.04
N LEU A 403 -14.69 -35.54 -19.65
CA LEU A 403 -15.79 -36.34 -19.11
C LEU A 403 -17.05 -35.52 -18.98
N SER A 404 -17.30 -34.74 -20.02
CA SER A 404 -18.30 -33.70 -20.00
C SER A 404 -19.63 -34.10 -19.36
N THR A 405 -20.14 -35.24 -19.79
CA THR A 405 -21.48 -35.71 -19.39
C THR A 405 -21.64 -35.95 -17.88
N ALA A 406 -20.65 -36.59 -17.28
CA ALA A 406 -20.61 -36.80 -15.83
C ALA A 406 -20.44 -35.47 -15.13
N THR A 407 -19.40 -34.74 -15.55
CA THR A 407 -19.11 -33.39 -15.10
C THR A 407 -20.40 -32.56 -15.02
N MET A 408 -21.19 -32.66 -16.09
CA MET A 408 -22.47 -31.93 -16.23
C MET A 408 -23.60 -32.49 -15.36
N TRP A 409 -23.45 -33.76 -14.96
CA TRP A 409 -24.32 -34.40 -13.99
C TRP A 409 -24.04 -33.85 -12.61
N GLY A 410 -22.76 -33.76 -12.27
CA GLY A 410 -22.36 -33.21 -11.00
C GLY A 410 -22.91 -31.81 -10.82
N PHE A 411 -22.67 -30.96 -11.82
CA PHE A 411 -23.15 -29.59 -11.73
C PHE A 411 -24.66 -29.58 -11.57
N PHE A 412 -25.35 -30.31 -12.46
CA PHE A 412 -26.81 -30.37 -12.46
C PHE A 412 -27.35 -30.69 -11.07
N ILE A 413 -26.95 -31.83 -10.53
CA ILE A 413 -27.31 -32.21 -9.17
C ILE A 413 -26.96 -31.11 -8.19
N LEU A 414 -25.70 -30.68 -8.21
CA LEU A 414 -25.24 -29.59 -7.38
C LEU A 414 -26.21 -28.43 -7.42
N CYS A 415 -26.45 -27.89 -8.61
CA CYS A 415 -27.36 -26.76 -8.74
C CYS A 415 -28.70 -27.11 -8.20
N PHE A 416 -29.11 -28.34 -8.46
CA PHE A 416 -30.45 -28.79 -8.11
C PHE A 416 -30.66 -28.78 -6.60
N ILE A 417 -29.98 -29.69 -5.91
CA ILE A 417 -30.11 -29.85 -4.46
C ILE A 417 -29.76 -28.56 -3.74
N ALA A 418 -28.90 -27.76 -4.35
CA ALA A 418 -28.54 -26.45 -3.81
C ALA A 418 -29.73 -25.49 -3.81
N THR A 419 -30.45 -25.41 -4.93
CA THR A 419 -31.57 -24.49 -5.02
C THR A 419 -32.70 -24.88 -4.07
N VAL A 420 -32.98 -26.17 -3.99
CA VAL A 420 -33.91 -26.71 -3.00
C VAL A 420 -33.56 -26.14 -1.64
N THR A 421 -32.34 -26.41 -1.20
CA THR A 421 -31.83 -25.89 0.07
C THR A 421 -32.22 -24.42 0.20
N LEU A 422 -31.86 -23.66 -0.82
CA LEU A 422 -32.14 -22.25 -0.87
C LEU A 422 -33.61 -21.95 -0.60
N VAL A 423 -34.49 -22.53 -1.41
CA VAL A 423 -35.92 -22.29 -1.29
C VAL A 423 -36.43 -22.62 0.10
N ASN A 424 -36.17 -23.85 0.52
CA ASN A 424 -36.50 -24.30 1.86
C ASN A 424 -36.09 -23.23 2.88
N ALA A 425 -34.90 -22.66 2.66
CA ALA A 425 -34.35 -21.67 3.58
C ALA A 425 -35.10 -20.32 3.62
N CYS A 426 -35.43 -19.78 2.44
CA CYS A 426 -36.02 -18.44 2.32
C CYS A 426 -37.37 -18.41 2.94
N SER A 427 -38.06 -19.55 2.78
CA SER A 427 -39.43 -19.75 3.26
C SER A 427 -39.48 -19.79 4.77
N TYR A 428 -38.68 -20.65 5.38
CA TYR A 428 -38.51 -20.63 6.82
C TYR A 428 -38.28 -19.21 7.32
N THR A 429 -37.19 -18.60 6.88
CA THR A 429 -36.84 -17.29 7.37
C THR A 429 -37.94 -16.27 7.16
N LEU A 430 -38.53 -16.30 5.99
CA LEU A 430 -39.58 -15.35 5.64
C LEU A 430 -40.81 -15.54 6.52
N ALA A 431 -41.33 -16.77 6.50
CA ALA A 431 -42.47 -17.13 7.35
C ALA A 431 -42.18 -16.73 8.79
N MET A 432 -40.92 -16.91 9.19
CA MET A 432 -40.52 -16.68 10.56
C MET A 432 -40.58 -15.24 10.98
N SER A 433 -40.16 -14.35 10.09
CA SER A 433 -40.06 -12.95 10.44
C SER A 433 -41.43 -12.31 10.28
N THR A 434 -42.36 -13.11 9.77
CA THR A 434 -43.69 -12.61 9.50
C THR A 434 -44.78 -13.22 10.44
N CYS A 435 -44.38 -14.13 11.34
CA CYS A 435 -45.31 -14.71 12.33
C CYS A 435 -45.01 -14.26 13.77
N ARG A 436 -46.05 -13.89 14.53
CA ARG A 436 -45.89 -13.44 15.94
C ARG A 436 -45.77 -14.62 16.91
N GLU A 437 -45.21 -14.36 18.09
CA GLU A 437 -45.10 -15.38 19.14
C GLU A 437 -44.57 -16.72 18.62
N VAL A 438 -43.40 -16.69 18.02
CA VAL A 438 -42.76 -17.92 17.54
C VAL A 438 -41.35 -18.05 18.10
N ARG A 439 -41.09 -19.10 18.88
CA ARG A 439 -39.76 -19.30 19.44
C ARG A 439 -38.79 -19.63 18.32
N ASP A 440 -37.54 -19.23 18.50
CA ASP A 440 -36.50 -19.57 17.56
C ASP A 440 -36.25 -21.05 17.61
N GLY A 441 -35.90 -21.64 16.48
CA GLY A 441 -35.63 -23.06 16.39
C GLY A 441 -36.91 -23.85 16.14
N GLU A 442 -38.03 -23.13 16.06
CA GLU A 442 -39.34 -23.77 15.93
C GLU A 442 -39.91 -23.67 14.51
N ASP A 443 -40.56 -24.74 14.06
CA ASP A 443 -41.17 -24.72 12.74
C ASP A 443 -42.45 -23.86 12.72
N PRO A 444 -42.49 -22.88 11.81
CA PRO A 444 -43.64 -21.99 11.62
C PRO A 444 -44.76 -22.66 10.83
N PRO A 445 -45.94 -22.02 10.81
CA PRO A 445 -47.17 -22.47 10.13
C PRO A 445 -47.00 -22.86 8.65
N LEU A 446 -47.34 -24.09 8.29
CA LEU A 446 -47.11 -24.57 6.92
C LEU A 446 -47.69 -23.70 5.80
N LEU A 447 -48.83 -23.08 6.05
CA LEU A 447 -49.46 -22.24 5.04
C LEU A 447 -48.64 -20.97 4.80
N VAL A 448 -48.25 -20.28 5.88
CA VAL A 448 -47.44 -19.07 5.78
C VAL A 448 -46.10 -19.41 5.14
N ARG A 449 -45.54 -20.55 5.54
CA ARG A 449 -44.29 -21.01 4.97
C ARG A 449 -44.41 -21.22 3.46
N ILE A 450 -45.11 -22.26 3.03
CA ILE A 450 -45.24 -22.55 1.60
C ILE A 450 -45.84 -21.34 0.86
N GLY A 451 -46.64 -20.56 1.56
CA GLY A 451 -47.19 -19.36 0.97
C GLY A 451 -46.11 -18.46 0.38
N TRP A 452 -45.14 -18.08 1.19
CA TRP A 452 -44.01 -17.25 0.74
C TRP A 452 -43.25 -17.89 -0.43
N SER A 453 -42.97 -19.19 -0.35
CA SER A 453 -42.20 -19.84 -1.39
C SER A 453 -42.80 -19.62 -2.78
N ILE A 454 -44.12 -19.47 -2.86
CA ILE A 454 -44.75 -19.16 -4.14
C ILE A 454 -44.50 -17.70 -4.57
N LEU A 455 -44.63 -16.76 -3.63
CA LEU A 455 -44.34 -15.35 -3.89
C LEU A 455 -42.88 -15.07 -4.35
N VAL A 456 -41.93 -15.74 -3.69
CA VAL A 456 -40.54 -15.71 -4.10
C VAL A 456 -40.39 -16.25 -5.52
N GLY A 457 -40.85 -17.49 -5.74
CA GLY A 457 -40.79 -18.11 -7.06
C GLY A 457 -41.46 -17.30 -8.16
N ILE A 458 -42.44 -16.47 -7.77
CA ILE A 458 -43.18 -15.54 -8.64
C ILE A 458 -42.30 -14.36 -9.11
N ILE A 459 -41.58 -13.79 -8.15
CA ILE A 459 -40.60 -12.74 -8.42
C ILE A 459 -39.59 -13.18 -9.47
N GLY A 460 -38.91 -14.30 -9.19
CA GLY A 460 -37.92 -14.85 -10.09
C GLY A 460 -38.33 -14.94 -11.55
N ILE A 461 -39.48 -15.52 -11.82
CA ILE A 461 -39.93 -15.64 -13.20
C ILE A 461 -40.14 -14.25 -13.77
N VAL A 462 -40.75 -13.35 -13.00
CA VAL A 462 -40.96 -11.94 -13.45
C VAL A 462 -39.67 -11.27 -13.92
N LEU A 463 -38.59 -11.61 -13.23
CA LEU A 463 -37.27 -11.19 -13.65
C LEU A 463 -36.80 -12.05 -14.83
N LEU A 464 -36.97 -13.37 -14.74
CA LEU A 464 -36.66 -14.28 -15.85
C LEU A 464 -37.39 -13.84 -17.09
N ALA A 465 -38.60 -13.34 -16.85
CA ALA A 465 -39.46 -12.78 -17.88
C ALA A 465 -38.89 -11.51 -18.46
N LEU A 466 -38.64 -10.52 -17.59
CA LEU A 466 -38.14 -9.22 -18.06
C LEU A 466 -36.86 -9.33 -18.90
N GLY A 467 -36.12 -10.44 -18.73
CA GLY A 467 -34.92 -10.70 -19.50
C GLY A 467 -33.78 -9.73 -19.27
N GLY A 468 -32.57 -10.27 -19.26
CA GLY A 468 -31.38 -9.46 -19.02
C GLY A 468 -30.93 -9.59 -17.58
N LEU A 469 -29.80 -8.95 -17.27
CA LEU A 469 -29.30 -8.89 -15.90
C LEU A 469 -29.77 -7.60 -15.24
N LYS A 470 -30.00 -6.56 -16.06
CA LYS A 470 -30.46 -5.27 -15.54
C LYS A 470 -31.60 -5.34 -14.54
N PRO A 471 -32.57 -6.25 -14.76
CA PRO A 471 -33.64 -6.45 -13.76
C PRO A 471 -33.10 -6.93 -12.42
N ILE A 472 -32.46 -8.10 -12.45
CA ILE A 472 -31.65 -8.63 -11.35
C ILE A 472 -30.86 -7.59 -10.54
N GLN A 473 -29.98 -6.84 -11.20
CA GLN A 473 -29.17 -5.87 -10.47
C GLN A 473 -29.94 -4.62 -9.96
N THR A 474 -30.92 -4.14 -10.71
CA THR A 474 -31.78 -3.08 -10.19
C THR A 474 -32.49 -3.58 -8.91
N ALA A 475 -33.16 -4.73 -9.03
CA ALA A 475 -33.80 -5.42 -7.90
C ALA A 475 -32.95 -5.24 -6.68
N ILE A 476 -31.71 -5.68 -6.79
CA ILE A 476 -30.76 -5.67 -5.71
C ILE A 476 -30.39 -4.26 -5.28
N ILE A 477 -29.88 -3.48 -6.23
CA ILE A 477 -29.47 -2.12 -5.92
C ILE A 477 -30.59 -1.32 -5.24
N ALA A 478 -31.82 -1.50 -5.71
CA ALA A 478 -32.98 -0.96 -5.03
C ALA A 478 -33.09 -1.50 -3.57
N GLY A 479 -33.10 -2.82 -3.42
CA GLY A 479 -33.14 -3.44 -2.11
C GLY A 479 -32.17 -2.81 -1.14
N GLY A 480 -30.88 -2.82 -1.52
CA GLY A 480 -29.85 -2.28 -0.66
C GLY A 480 -30.06 -0.88 -0.14
N CYS A 481 -30.95 -0.12 -0.75
CA CYS A 481 -31.07 1.27 -0.37
C CYS A 481 -31.58 1.47 1.07
N PRO A 482 -32.71 0.86 1.43
CA PRO A 482 -33.17 0.97 2.81
C PRO A 482 -32.18 0.34 3.80
N LEU A 483 -31.69 -0.84 3.41
CA LEU A 483 -30.87 -1.70 4.25
C LEU A 483 -29.58 -1.05 4.58
N PHE A 484 -29.19 -0.11 3.73
CA PHE A 484 -28.07 0.79 4.02
C PHE A 484 -28.22 1.39 5.42
N PHE A 485 -29.39 1.94 5.69
CA PHE A 485 -29.66 2.55 6.96
C PHE A 485 -30.12 1.54 7.98
N VAL A 486 -30.87 0.52 7.57
CA VAL A 486 -31.24 -0.53 8.52
C VAL A 486 -29.95 -1.06 9.23
N ASN A 487 -29.01 -1.52 8.40
CA ASN A 487 -27.75 -2.07 8.87
C ASN A 487 -27.05 -1.14 9.85
N ILE A 488 -26.86 0.10 9.39
CA ILE A 488 -26.27 1.18 10.18
C ILE A 488 -27.03 1.34 11.50
N MET A 489 -28.35 1.23 11.43
CA MET A 489 -29.18 1.44 12.60
C MET A 489 -28.85 0.36 13.63
N VAL A 490 -29.05 -0.91 13.25
CA VAL A 490 -28.69 -2.04 14.12
C VAL A 490 -27.34 -1.76 14.73
N THR A 491 -26.37 -1.42 13.88
CA THR A 491 -24.99 -1.21 14.30
C THR A 491 -24.87 -0.17 15.43
N LEU A 492 -25.59 0.93 15.25
CA LEU A 492 -25.58 2.06 16.16
C LEU A 492 -26.26 1.66 17.42
N SER A 493 -27.37 0.96 17.26
CA SER A 493 -28.10 0.37 18.38
C SER A 493 -27.13 -0.48 19.21
N PHE A 494 -26.46 -1.43 18.57
CA PHE A 494 -25.49 -2.26 19.27
C PHE A 494 -24.47 -1.43 20.04
N ILE A 495 -24.17 -0.26 19.51
CA ILE A 495 -23.17 0.58 20.14
C ILE A 495 -23.73 1.30 21.34
N LYS A 496 -24.86 1.95 21.21
CA LYS A 496 -25.36 2.68 22.34
C LYS A 496 -25.49 1.74 23.52
N ASP A 497 -25.90 0.51 23.24
CA ASP A 497 -26.25 -0.46 24.31
C ASP A 497 -25.05 -1.24 24.89
N ALA A 498 -23.88 -1.10 24.31
CA ALA A 498 -22.71 -1.71 24.88
C ALA A 498 -21.93 -0.63 25.62
N LYS A 499 -22.12 0.61 25.24
CA LYS A 499 -21.44 1.68 25.92
C LYS A 499 -21.80 1.66 27.39
N GLN A 500 -23.00 1.17 27.69
CA GLN A 500 -23.51 1.22 29.05
C GLN A 500 -23.54 -0.13 29.76
N ASN A 501 -23.74 -1.22 29.02
CA ASN A 501 -23.85 -2.54 29.64
C ASN A 501 -22.59 -3.40 29.63
N TRP A 502 -21.86 -3.42 28.52
CA TRP A 502 -20.70 -4.30 28.45
C TRP A 502 -19.65 -3.96 29.51
N LYS A 503 -18.97 -2.82 29.36
CA LYS A 503 -17.97 -2.37 30.35
C LYS A 503 -17.07 -3.49 30.89
N THR B 8 9.45 49.03 26.31
CA THR B 8 9.14 48.19 25.16
C THR B 8 10.18 48.40 24.06
N GLY B 9 11.36 47.85 24.26
CA GLY B 9 12.47 48.05 23.34
C GLY B 9 12.32 47.48 21.94
N ILE B 10 13.31 47.80 21.10
CA ILE B 10 13.39 47.35 19.71
C ILE B 10 14.73 46.64 19.51
N GLU B 11 14.84 45.43 20.01
CA GLU B 11 16.09 44.70 19.93
C GLU B 11 16.64 44.74 18.51
N PRO B 12 17.93 45.10 18.37
CA PRO B 12 18.52 45.47 17.08
C PRO B 12 19.06 44.23 16.40
N LYS B 13 19.54 43.28 17.21
CA LYS B 13 20.14 42.05 16.68
C LYS B 13 19.13 41.25 15.89
N VAL B 14 17.85 41.55 16.10
CA VAL B 14 16.77 40.85 15.43
C VAL B 14 15.88 41.80 14.63
N PHE B 15 16.19 43.11 14.68
CA PHE B 15 15.46 44.12 13.90
C PHE B 15 16.20 44.54 12.63
N PHE B 16 17.50 44.78 12.73
CA PHE B 16 18.28 45.38 11.65
C PHE B 16 18.70 44.42 10.53
N PRO B 17 19.40 43.32 10.88
CA PRO B 17 19.81 42.37 9.83
C PRO B 17 18.67 42.01 8.85
N PRO B 18 17.45 41.71 9.36
CA PRO B 18 16.27 41.61 8.49
C PRO B 18 16.13 42.80 7.56
N LEU B 19 15.72 43.93 8.14
CA LEU B 19 15.49 45.20 7.42
C LEU B 19 16.52 45.54 6.33
N ILE B 20 17.80 45.57 6.73
CA ILE B 20 18.92 45.72 5.79
C ILE B 20 18.78 44.76 4.62
N ILE B 21 18.94 43.46 4.91
CA ILE B 21 18.92 42.38 3.91
C ILE B 21 17.71 42.40 2.96
N VAL B 22 16.53 42.58 3.51
CA VAL B 22 15.33 42.72 2.71
C VAL B 22 15.42 43.94 1.79
N GLY B 23 15.90 45.06 2.34
CA GLY B 23 16.07 46.27 1.56
C GLY B 23 17.07 46.12 0.42
N ILE B 24 18.28 45.67 0.74
CA ILE B 24 19.35 45.49 -0.23
C ILE B 24 18.90 44.62 -1.42
N LEU B 25 18.40 43.43 -1.11
CA LEU B 25 17.94 42.48 -2.10
C LEU B 25 16.73 43.00 -2.84
N CYS B 26 15.81 43.61 -2.09
CA CYS B 26 14.64 44.20 -2.70
C CYS B 26 15.07 45.31 -3.66
N TRP B 27 16.00 46.15 -3.22
CA TRP B 27 16.58 47.21 -4.06
C TRP B 27 17.29 46.67 -5.33
N LEU B 28 18.35 45.90 -5.12
CA LEU B 28 19.05 45.18 -6.19
C LEU B 28 18.11 44.54 -7.21
N THR B 29 16.94 44.10 -6.77
CA THR B 29 16.01 43.46 -7.67
C THR B 29 15.23 44.51 -8.49
N VAL B 30 14.88 45.63 -7.87
CA VAL B 30 14.14 46.67 -8.56
C VAL B 30 15.05 47.34 -9.61
N ARG B 31 16.31 47.49 -9.24
CA ARG B 31 17.30 48.05 -10.14
C ARG B 31 17.18 47.46 -11.54
N ASP B 32 17.31 46.14 -11.60
CA ASP B 32 17.21 45.41 -12.86
C ASP B 32 16.30 44.19 -12.74
N LEU B 33 15.14 44.25 -13.38
CA LEU B 33 14.20 43.14 -13.35
C LEU B 33 14.62 42.02 -14.28
N ASP B 34 14.94 42.32 -15.53
CA ASP B 34 15.30 41.26 -16.47
C ASP B 34 16.39 40.35 -15.90
N ALA B 35 17.40 40.98 -15.31
CA ALA B 35 18.57 40.29 -14.77
C ALA B 35 18.24 39.51 -13.53
N ALA B 36 17.49 40.13 -12.62
CA ALA B 36 17.02 39.43 -11.42
C ALA B 36 16.38 38.11 -11.80
N ASN B 37 15.36 38.20 -12.65
CA ASN B 37 14.66 37.03 -13.16
C ASN B 37 15.61 35.93 -13.66
N VAL B 38 16.72 36.33 -14.28
CA VAL B 38 17.72 35.37 -14.70
C VAL B 38 18.37 34.71 -13.47
N VAL B 39 18.57 35.48 -12.42
CA VAL B 39 19.14 34.98 -11.18
C VAL B 39 18.14 34.06 -10.49
N ILE B 40 16.97 34.61 -10.22
CA ILE B 40 15.81 33.83 -9.80
C ILE B 40 15.91 32.43 -10.44
N ASN B 41 15.72 32.35 -11.77
CA ASN B 41 15.56 31.07 -12.49
C ASN B 41 16.76 30.17 -12.36
N ALA B 42 17.89 30.78 -12.04
CA ALA B 42 19.11 30.06 -11.78
C ALA B 42 19.00 29.36 -10.44
N VAL B 43 18.67 30.14 -9.41
CA VAL B 43 18.49 29.62 -8.06
C VAL B 43 17.47 28.48 -8.05
N PHE B 44 16.25 28.80 -8.47
CA PHE B 44 15.18 27.83 -8.45
C PHE B 44 15.66 26.49 -8.95
N SER B 45 16.15 26.49 -10.19
CA SER B 45 16.55 25.23 -10.84
C SER B 45 17.68 24.50 -10.09
N TYR B 46 18.58 25.27 -9.49
CA TYR B 46 19.67 24.63 -8.75
C TYR B 46 19.11 23.87 -7.54
N VAL B 47 18.57 24.64 -6.59
CA VAL B 47 18.02 24.09 -5.36
C VAL B 47 17.17 22.85 -5.66
N THR B 48 16.13 23.02 -6.48
CA THR B 48 15.19 21.94 -6.74
C THR B 48 15.80 20.76 -7.46
N ASN B 49 16.52 21.04 -8.53
CA ASN B 49 17.04 19.92 -9.30
C ASN B 49 18.17 19.22 -8.57
N VAL B 50 18.91 19.98 -7.77
CA VAL B 50 20.01 19.35 -7.07
C VAL B 50 19.60 18.85 -5.70
N TRP B 51 18.67 19.55 -5.05
CA TRP B 51 18.44 19.29 -3.63
C TRP B 51 17.00 18.85 -3.28
N GLY B 52 16.07 19.18 -4.16
CA GLY B 52 14.65 18.93 -3.94
C GLY B 52 14.29 17.61 -3.28
N TRP B 53 15.16 16.60 -3.40
CA TRP B 53 14.89 15.30 -2.83
C TRP B 53 14.96 15.33 -1.30
N ALA B 54 15.87 16.18 -0.80
CA ALA B 54 16.05 16.29 0.63
C ALA B 54 14.79 16.89 1.24
N PHE B 55 14.12 17.78 0.51
CA PHE B 55 12.84 18.26 0.98
C PHE B 55 11.82 17.13 1.20
N GLU B 56 11.63 16.28 0.19
CA GLU B 56 10.69 15.19 0.32
C GLU B 56 11.04 14.30 1.50
N TRP B 57 12.33 14.01 1.66
CA TRP B 57 12.78 13.21 2.77
C TRP B 57 12.48 13.86 4.09
N TYR B 58 12.54 15.19 4.12
CA TYR B 58 12.19 15.90 5.34
C TYR B 58 10.78 15.50 5.73
N MET B 59 9.83 15.90 4.88
CA MET B 59 8.43 15.54 5.08
C MET B 59 8.21 14.06 5.39
N VAL B 60 8.98 13.19 4.77
CA VAL B 60 8.80 11.77 5.00
C VAL B 60 9.23 11.43 6.40
N VAL B 61 10.28 12.04 6.92
CA VAL B 61 10.64 11.75 8.29
C VAL B 61 9.56 12.20 9.29
N MET B 62 9.38 13.52 9.36
CA MET B 62 8.30 14.13 10.13
C MET B 62 7.00 13.30 10.14
N LEU B 63 6.74 12.64 9.04
CA LEU B 63 5.57 11.81 9.00
C LEU B 63 5.82 10.63 9.91
N PHE B 64 6.92 9.93 9.70
CA PHE B 64 7.23 8.76 10.51
C PHE B 64 6.96 9.07 11.96
N GLY B 65 7.46 10.22 12.39
CA GLY B 65 7.40 10.62 13.80
C GLY B 65 6.07 11.13 14.35
N TRP B 66 5.10 11.44 13.49
CA TRP B 66 3.68 11.64 13.85
C TRP B 66 3.18 10.34 14.43
N PHE B 67 3.60 9.25 13.80
CA PHE B 67 3.40 7.91 14.34
C PHE B 67 4.15 7.70 15.67
N TRP B 68 5.42 8.09 15.72
CA TRP B 68 6.19 7.93 16.96
C TRP B 68 5.53 8.68 18.08
N LEU B 69 4.93 9.82 17.75
CA LEU B 69 4.14 10.56 18.72
C LEU B 69 2.90 9.75 19.09
N VAL B 70 2.15 9.33 18.09
CA VAL B 70 0.90 8.63 18.32
C VAL B 70 1.05 7.25 18.99
N PHE B 71 2.00 6.42 18.55
CA PHE B 71 2.19 5.15 19.22
C PHE B 71 3.40 5.20 20.11
N GLY B 72 3.94 6.40 20.32
CA GLY B 72 5.12 6.58 21.14
C GLY B 72 4.89 6.47 22.64
N PRO B 73 5.92 6.82 23.40
CA PRO B 73 5.87 6.88 24.86
C PRO B 73 5.18 8.17 25.34
N TYR B 74 5.40 9.26 24.63
CA TYR B 74 4.77 10.51 25.04
C TYR B 74 3.35 10.48 24.53
N ALA B 75 2.89 9.30 24.13
CA ALA B 75 1.57 9.18 23.51
C ALA B 75 0.46 9.75 24.38
N LYS B 76 0.46 9.32 25.66
CA LYS B 76 -0.63 9.63 26.58
C LYS B 76 -0.33 10.84 27.44
N LYS B 77 0.93 11.26 27.45
CA LYS B 77 1.35 12.47 28.15
C LYS B 77 0.35 13.59 27.93
N ARG B 78 0.03 14.34 29.00
CA ARG B 78 -0.88 15.46 28.89
C ARG B 78 -0.05 16.74 28.64
N LEU B 79 -0.57 17.65 27.82
CA LEU B 79 0.18 18.86 27.45
C LEU B 79 -0.10 20.02 28.41
N GLY B 80 0.41 19.89 29.63
CA GLY B 80 0.08 20.78 30.74
C GLY B 80 -0.93 20.13 31.68
N GLU B 81 -0.92 20.51 32.95
CA GLU B 81 -1.84 19.91 33.93
C GLU B 81 -3.29 20.39 33.78
N GLU B 82 -3.48 21.70 33.78
CA GLU B 82 -4.83 22.29 33.68
C GLU B 82 -5.72 21.56 32.68
N PRO B 83 -7.05 21.71 32.80
CA PRO B 83 -7.93 21.23 31.72
C PRO B 83 -7.86 22.15 30.50
N PRO B 84 -8.34 21.67 29.34
CA PRO B 84 -8.35 22.39 28.06
C PRO B 84 -9.42 23.47 28.01
N GLU B 85 -9.01 24.68 27.63
CA GLU B 85 -9.88 25.84 27.74
C GLU B 85 -10.76 26.01 26.54
N PHE B 86 -11.08 24.90 25.88
CA PHE B 86 -11.92 24.93 24.69
C PHE B 86 -12.77 23.70 24.60
N SER B 87 -13.96 23.86 24.02
CA SER B 87 -14.80 22.72 23.75
C SER B 87 -14.13 21.98 22.62
N THR B 88 -14.09 20.65 22.71
CA THR B 88 -13.43 19.88 21.69
C THR B 88 -13.95 20.32 20.29
N ALA B 89 -15.22 20.73 20.23
CA ALA B 89 -15.76 21.19 18.96
C ALA B 89 -15.33 22.61 18.65
N SER B 90 -15.21 23.45 19.65
CA SER B 90 -14.72 24.83 19.43
C SER B 90 -13.31 24.78 18.87
N TRP B 91 -12.47 24.03 19.57
CA TRP B 91 -11.11 23.69 19.19
C TRP B 91 -10.98 23.34 17.72
N ILE B 92 -11.55 22.21 17.34
CA ILE B 92 -11.57 21.80 15.93
C ILE B 92 -12.01 22.91 14.96
N PHE B 93 -13.16 23.53 15.23
CA PHE B 93 -13.62 24.63 14.39
C PHE B 93 -12.56 25.72 14.27
N MET B 94 -11.76 25.90 15.32
CA MET B 94 -10.75 26.95 15.32
C MET B 94 -9.64 26.64 14.34
N MET B 95 -9.38 25.35 14.14
CA MET B 95 -8.41 24.87 13.14
C MET B 95 -9.04 25.00 11.75
N PHE B 96 -10.19 24.37 11.59
CA PHE B 96 -10.97 24.50 10.38
C PHE B 96 -11.01 25.94 9.84
N ALA B 97 -10.98 26.92 10.74
CA ALA B 97 -11.23 28.30 10.37
C ALA B 97 -9.97 29.08 10.07
N SER B 98 -8.84 28.52 10.50
CA SER B 98 -7.56 29.17 10.24
C SER B 98 -7.09 29.00 8.78
N CYS B 99 -7.36 27.83 8.20
CA CYS B 99 -6.83 27.44 6.90
C CYS B 99 -7.13 28.39 5.74
N THR B 100 -8.26 29.10 5.80
CA THR B 100 -8.66 29.94 4.67
C THR B 100 -7.87 31.24 4.53
N SER B 101 -6.82 31.20 3.69
CA SER B 101 -6.11 32.41 3.28
C SER B 101 -6.54 32.89 1.89
N ALA B 102 -6.06 34.08 1.54
CA ALA B 102 -6.32 34.64 0.24
C ALA B 102 -5.65 33.75 -0.80
N ALA B 103 -4.38 33.46 -0.54
CA ALA B 103 -3.47 32.76 -1.45
C ALA B 103 -3.90 31.33 -1.72
N VAL B 104 -4.69 30.81 -0.81
CA VAL B 104 -5.12 29.43 -0.91
C VAL B 104 -6.26 29.38 -1.91
N LEU B 105 -7.03 30.45 -1.97
CA LEU B 105 -8.04 30.54 -3.01
C LEU B 105 -7.38 30.47 -4.39
N PHE B 106 -6.19 31.04 -4.49
CA PHE B 106 -5.43 31.08 -5.74
C PHE B 106 -5.09 29.68 -6.23
N TRP B 107 -4.28 28.97 -5.45
CA TRP B 107 -3.88 27.61 -5.78
C TRP B 107 -5.08 26.66 -5.89
N GLY B 108 -5.94 26.64 -4.87
CA GLY B 108 -7.16 25.87 -4.94
C GLY B 108 -7.86 25.95 -6.29
N SER B 109 -7.90 27.17 -6.85
CA SER B 109 -8.62 27.44 -8.10
C SER B 109 -7.93 27.01 -9.42
N ILE B 110 -6.61 27.01 -9.43
CA ILE B 110 -5.88 26.88 -10.68
C ILE B 110 -5.06 25.60 -10.76
N GLU B 111 -4.59 25.09 -9.64
CA GLU B 111 -3.51 24.10 -9.71
C GLU B 111 -3.91 22.79 -10.40
N ILE B 112 -5.21 22.46 -10.33
CA ILE B 112 -5.72 21.24 -10.95
C ILE B 112 -5.60 21.37 -12.46
N TYR B 113 -5.69 22.61 -12.96
CA TYR B 113 -5.51 22.87 -14.39
C TYR B 113 -4.14 22.38 -14.87
N TYR B 114 -3.08 22.82 -14.22
CA TYR B 114 -1.74 22.43 -14.64
C TYR B 114 -1.51 20.95 -14.48
N TYR B 115 -2.17 20.40 -13.49
CA TYR B 115 -2.05 18.98 -13.22
C TYR B 115 -2.51 18.17 -14.44
N ILE B 116 -3.49 18.74 -15.14
CA ILE B 116 -4.08 18.20 -16.36
C ILE B 116 -3.29 18.65 -17.60
N SER B 117 -3.05 19.96 -17.69
CA SER B 117 -2.30 20.59 -18.77
C SER B 117 -0.96 19.89 -18.97
N THR B 118 -0.10 19.94 -17.95
CA THR B 118 1.10 19.13 -17.96
C THR B 118 1.13 18.23 -16.73
N PRO B 119 0.74 16.95 -16.91
CA PRO B 119 0.58 15.93 -15.88
C PRO B 119 1.90 15.27 -15.44
N PRO B 120 1.87 14.45 -14.37
CA PRO B 120 3.03 13.70 -13.89
C PRO B 120 3.02 12.27 -14.42
N PHE B 121 4.10 11.53 -14.18
CA PHE B 121 4.14 10.12 -14.56
C PHE B 121 3.99 9.89 -16.08
N GLY B 122 4.40 10.87 -16.86
CA GLY B 122 4.42 10.75 -18.32
C GLY B 122 3.03 10.51 -18.84
N LEU B 123 2.14 11.41 -18.47
CA LEU B 123 0.76 11.21 -18.77
C LEU B 123 0.40 12.08 -19.96
N GLU B 124 -0.48 11.61 -20.81
CA GLU B 124 -0.94 12.45 -21.89
C GLU B 124 -1.84 13.49 -21.30
N PRO B 125 -1.59 14.76 -21.62
CA PRO B 125 -2.36 15.95 -21.20
C PRO B 125 -3.81 15.91 -21.57
N ASN B 126 -4.66 16.38 -20.67
CA ASN B 126 -6.06 16.58 -20.97
C ASN B 126 -6.69 15.26 -21.39
N SER B 127 -5.93 14.21 -21.12
CA SER B 127 -6.39 12.85 -21.22
C SER B 127 -7.28 12.53 -20.05
N THR B 128 -8.48 12.03 -20.30
CA THR B 128 -9.32 11.55 -19.21
C THR B 128 -8.45 11.05 -18.05
N GLY B 129 -7.38 10.35 -18.41
CA GLY B 129 -6.39 9.85 -17.47
C GLY B 129 -5.64 10.84 -16.59
N ALA B 130 -5.09 11.90 -17.18
CA ALA B 130 -4.46 12.96 -16.40
C ALA B 130 -5.49 13.77 -15.63
N LYS B 131 -6.75 13.58 -16.00
CA LYS B 131 -7.84 14.22 -15.33
C LYS B 131 -8.27 13.41 -14.09
N GLU B 132 -8.52 12.12 -14.22
CA GLU B 132 -8.89 11.35 -13.03
C GLU B 132 -7.89 11.63 -11.92
N LEU B 133 -6.62 11.76 -12.33
CA LEU B 133 -5.49 11.94 -11.38
C LEU B 133 -5.29 13.39 -10.88
N GLY B 134 -5.96 14.34 -11.51
CA GLY B 134 -5.83 15.75 -11.17
C GLY B 134 -6.05 16.06 -9.70
N LEU B 135 -7.28 15.86 -9.23
CA LEU B 135 -7.67 16.14 -7.85
C LEU B 135 -6.97 15.31 -6.77
N ALA B 136 -6.68 14.05 -7.07
CA ALA B 136 -5.87 13.25 -6.16
C ALA B 136 -4.56 13.95 -5.80
N TYR B 137 -3.98 14.67 -6.76
CA TYR B 137 -2.72 15.33 -6.52
C TYR B 137 -2.92 16.53 -5.60
N SER B 138 -4.09 17.16 -5.68
CA SER B 138 -4.48 18.16 -4.71
C SER B 138 -4.53 17.46 -3.34
N LEU B 139 -5.36 16.45 -3.22
CA LEU B 139 -5.53 15.75 -1.95
C LEU B 139 -4.22 15.27 -1.36
N PHE B 140 -3.18 15.13 -2.19
CA PHE B 140 -1.84 14.78 -1.68
C PHE B 140 -1.16 15.98 -1.12
N HIS B 141 -1.15 17.06 -1.88
CA HIS B 141 -0.38 18.23 -1.51
C HIS B 141 -1.00 19.00 -0.35
N TRP B 142 -2.29 18.81 -0.10
CA TRP B 142 -2.97 19.47 1.02
C TRP B 142 -3.83 18.49 1.76
N GLY B 143 -3.29 17.28 1.99
CA GLY B 143 -4.01 16.19 2.62
C GLY B 143 -3.69 16.08 4.08
N PRO B 144 -3.99 14.92 4.66
CA PRO B 144 -3.59 14.74 6.05
C PRO B 144 -2.10 14.71 6.06
N LEU B 145 -1.56 14.00 5.09
CA LEU B 145 -0.14 13.68 5.05
C LEU B 145 0.81 14.84 5.39
N PRO B 146 0.55 16.04 4.81
CA PRO B 146 1.33 17.26 5.06
C PRO B 146 1.09 17.89 6.46
N TRP B 147 -0.19 18.01 6.87
CA TRP B 147 -0.56 18.46 8.22
C TRP B 147 0.15 17.65 9.31
N ALA B 148 0.18 16.32 9.14
CA ALA B 148 0.81 15.39 10.06
C ALA B 148 2.23 15.80 10.41
N THR B 149 2.90 16.47 9.48
CA THR B 149 4.31 16.77 9.69
C THR B 149 4.44 17.83 10.76
N TYR B 150 3.39 18.61 10.93
CA TYR B 150 3.34 19.74 11.86
C TYR B 150 3.18 19.32 13.32
N SER B 151 2.40 18.29 13.52
CA SER B 151 2.23 17.66 14.81
C SER B 151 3.54 17.54 15.62
N PHE B 152 4.66 17.13 15.04
CA PHE B 152 5.87 17.04 15.88
C PHE B 152 6.28 18.39 16.49
N LEU B 153 6.21 19.46 15.72
CA LEU B 153 6.55 20.78 16.24
C LEU B 153 5.37 21.36 17.02
N SER B 154 4.17 21.02 16.65
CA SER B 154 2.99 21.42 17.41
C SER B 154 3.03 20.86 18.84
N VAL B 155 3.61 19.67 18.99
CA VAL B 155 3.80 19.09 20.30
C VAL B 155 5.00 19.68 21.05
N ALA B 156 6.11 19.88 20.37
CA ALA B 156 7.20 20.53 21.03
C ALA B 156 6.80 21.92 21.51
N PHE B 157 6.12 22.71 20.70
CA PHE B 157 5.77 24.03 21.20
C PHE B 157 4.76 23.92 22.32
N ALA B 158 3.86 22.95 22.21
CA ALA B 158 2.90 22.65 23.27
C ALA B 158 3.63 22.37 24.59
N TYR B 159 4.51 21.38 24.55
CA TYR B 159 5.33 21.04 25.70
C TYR B 159 6.21 22.18 26.21
N PHE B 160 6.95 22.87 25.35
CA PHE B 160 7.67 24.04 25.84
C PHE B 160 6.71 24.97 26.56
N PHE B 161 5.57 25.26 25.93
CA PHE B 161 4.65 26.24 26.50
C PHE B 161 4.10 25.88 27.88
N PHE B 162 3.73 24.63 28.09
CA PHE B 162 3.04 24.24 29.32
C PHE B 162 3.80 23.24 30.21
N VAL B 163 4.42 22.24 29.62
CA VAL B 163 5.16 21.26 30.43
C VAL B 163 6.47 21.85 30.99
N ARG B 164 6.92 22.97 30.44
CA ARG B 164 8.14 23.62 30.91
C ARG B 164 7.88 25.06 31.27
N LYS B 165 6.60 25.42 31.27
CA LYS B 165 6.16 26.82 31.37
C LYS B 165 7.19 27.82 30.84
N MET B 166 7.78 27.52 29.68
CA MET B 166 8.76 28.40 29.04
C MET B 166 8.08 29.50 28.25
N GLU B 167 8.78 30.61 28.15
CA GLU B 167 8.28 31.73 27.40
C GLU B 167 9.03 31.66 26.08
N VAL B 168 8.30 31.82 24.99
CA VAL B 168 8.85 31.58 23.65
C VAL B 168 8.33 32.62 22.68
N ILE B 169 9.26 33.40 22.11
CA ILE B 169 8.90 34.44 21.14
C ILE B 169 9.59 34.18 19.79
N ARG B 170 10.86 33.80 19.86
CA ARG B 170 11.65 33.48 18.69
C ARG B 170 12.31 32.10 18.85
N PRO B 171 12.61 31.42 17.70
CA PRO B 171 13.14 30.05 17.58
C PRO B 171 14.31 29.70 18.52
N SER B 172 15.19 30.66 18.77
CA SER B 172 16.35 30.44 19.61
C SER B 172 15.92 30.22 21.05
N SER B 173 14.90 30.95 21.49
CA SER B 173 14.44 30.89 22.88
C SER B 173 14.04 29.46 23.30
N THR B 174 14.10 28.53 22.36
CA THR B 174 13.80 27.13 22.67
C THR B 174 15.08 26.30 22.62
N LEU B 175 16.13 26.89 22.11
CA LEU B 175 17.33 26.13 21.72
C LEU B 175 18.28 25.81 22.85
N VAL B 176 18.09 26.49 23.97
CA VAL B 176 18.95 26.34 25.14
C VAL B 176 19.45 24.92 25.38
N PRO B 177 18.55 23.94 25.36
CA PRO B 177 18.96 22.59 25.69
C PRO B 177 19.86 21.97 24.66
N LEU B 178 19.66 22.33 23.39
CA LEU B 178 20.41 21.69 22.33
C LEU B 178 21.80 22.29 22.27
N VAL B 179 21.91 23.55 22.65
CA VAL B 179 23.10 24.31 22.31
C VAL B 179 23.73 25.08 23.49
N GLY B 180 23.03 25.12 24.61
CA GLY B 180 23.53 25.81 25.79
C GLY B 180 23.01 27.23 25.88
N GLU B 181 22.44 27.58 27.02
CA GLU B 181 21.92 28.92 27.23
C GLU B 181 22.91 29.93 26.69
N LYS B 182 24.18 29.57 26.76
CA LYS B 182 25.26 30.40 26.24
C LYS B 182 25.06 30.82 24.77
N HIS B 183 24.99 29.83 23.87
CA HIS B 183 24.89 30.08 22.43
C HIS B 183 23.54 30.63 21.95
N ALA B 184 22.47 30.26 22.65
CA ALA B 184 21.11 30.63 22.28
C ALA B 184 20.82 32.10 22.55
N LYS B 185 21.25 32.53 23.73
CA LYS B 185 21.22 33.93 24.09
C LYS B 185 22.20 34.66 23.18
N GLY B 186 23.30 33.99 22.84
CA GLY B 186 24.35 34.53 22.00
C GLY B 186 23.97 34.89 20.58
N LEU B 187 24.94 34.88 19.67
CA LEU B 187 24.70 35.23 18.28
C LEU B 187 24.24 34.03 17.47
N PHE B 188 24.70 32.84 17.83
CA PHE B 188 24.22 31.62 17.18
C PHE B 188 22.71 31.69 17.06
N GLY B 189 22.06 31.99 18.18
CA GLY B 189 20.62 32.09 18.21
C GLY B 189 20.14 33.33 17.50
N THR B 190 21.01 34.32 17.39
CA THR B 190 20.68 35.56 16.69
C THR B 190 20.72 35.36 15.18
N ILE B 191 21.70 34.61 14.70
CA ILE B 191 21.74 34.26 13.28
C ILE B 191 20.50 33.45 12.97
N VAL B 192 20.23 32.45 13.82
CA VAL B 192 19.11 31.55 13.64
C VAL B 192 17.82 32.35 13.54
N ASP B 193 17.62 33.29 14.48
CA ASP B 193 16.41 34.11 14.50
C ASP B 193 16.31 35.07 13.32
N ASN B 194 17.46 35.33 12.71
CA ASN B 194 17.52 36.24 11.59
C ASN B 194 17.18 35.53 10.28
N PHE B 195 17.90 34.46 9.99
CA PHE B 195 17.57 33.60 8.86
C PHE B 195 16.08 33.30 8.89
N TYR B 196 15.60 32.94 10.08
CA TYR B 196 14.22 32.57 10.27
C TYR B 196 13.34 33.69 9.76
N LEU B 197 13.52 34.86 10.37
CA LEU B 197 12.72 36.04 10.06
C LEU B 197 12.75 36.35 8.59
N VAL B 198 13.96 36.61 8.06
CA VAL B 198 14.13 36.91 6.62
C VAL B 198 13.34 35.98 5.72
N ALA B 199 13.55 34.67 5.89
CA ALA B 199 12.80 33.68 5.15
C ALA B 199 11.31 33.93 5.31
N LEU B 200 10.86 34.04 6.55
CA LEU B 200 9.47 34.32 6.87
C LEU B 200 8.94 35.57 6.18
N ILE B 201 9.78 36.59 6.11
CA ILE B 201 9.32 37.83 5.50
C ILE B 201 8.91 37.50 4.06
N PHE B 202 9.88 37.03 3.27
CA PHE B 202 9.65 36.69 1.86
C PHE B 202 8.33 35.97 1.66
N ALA B 203 8.13 34.90 2.43
CA ALA B 203 6.90 34.12 2.44
C ALA B 203 5.68 35.02 2.60
N MET B 204 5.67 35.78 3.68
CA MET B 204 4.58 36.69 3.92
C MET B 204 4.32 37.54 2.70
N GLY B 205 5.39 37.93 2.03
CA GLY B 205 5.25 38.80 0.87
C GLY B 205 4.68 38.10 -0.33
N THR B 206 5.34 37.01 -0.71
CA THR B 206 4.86 36.20 -1.82
C THR B 206 3.40 35.83 -1.63
N SER B 207 2.98 35.67 -0.38
CA SER B 207 1.59 35.35 -0.11
C SER B 207 0.74 36.55 -0.51
N LEU B 208 1.23 37.72 -0.11
CA LEU B 208 0.58 38.98 -0.46
C LEU B 208 0.53 39.12 -1.98
N GLY B 209 1.61 38.72 -2.63
CA GLY B 209 1.68 38.83 -4.08
C GLY B 209 0.67 37.97 -4.82
N LEU B 210 0.21 36.91 -4.16
CA LEU B 210 -0.77 36.02 -4.77
C LEU B 210 -2.12 36.64 -4.56
N ALA B 211 -2.30 37.14 -3.34
CA ALA B 211 -3.55 37.74 -2.91
C ALA B 211 -3.96 38.89 -3.82
N THR B 212 -2.99 39.77 -4.06
CA THR B 212 -3.25 41.04 -4.71
C THR B 212 -4.00 40.95 -6.05
N PRO B 213 -3.41 40.25 -7.04
CA PRO B 213 -4.03 40.16 -8.37
C PRO B 213 -5.41 39.52 -8.33
N LEU B 214 -5.69 38.75 -7.29
CA LEU B 214 -7.04 38.22 -7.14
C LEU B 214 -8.01 39.35 -6.77
N VAL B 215 -7.56 40.21 -5.88
CA VAL B 215 -8.37 41.33 -5.44
C VAL B 215 -8.58 42.31 -6.59
N THR B 216 -7.51 42.62 -7.32
CA THR B 216 -7.57 43.65 -8.39
C THR B 216 -8.18 43.15 -9.69
N GLU B 217 -8.11 41.86 -9.92
CA GLU B 217 -8.73 41.29 -11.10
C GLU B 217 -10.22 41.24 -10.85
N CYS B 218 -10.57 41.14 -9.58
CA CYS B 218 -11.98 41.12 -9.17
C CYS B 218 -12.57 42.50 -9.38
N MET B 219 -11.85 43.51 -8.91
CA MET B 219 -12.27 44.88 -9.10
C MET B 219 -12.51 45.11 -10.58
N GLN B 220 -11.48 44.95 -11.38
CA GLN B 220 -11.60 45.04 -12.85
C GLN B 220 -12.81 44.27 -13.43
N TRP B 221 -13.22 43.17 -12.79
CA TRP B 221 -14.31 42.41 -13.37
C TRP B 221 -15.66 43.07 -13.04
N LEU B 222 -15.83 43.44 -11.79
CA LEU B 222 -17.05 44.06 -11.32
C LEU B 222 -17.18 45.50 -11.81
N PHE B 223 -16.05 46.20 -11.81
CA PHE B 223 -16.00 47.66 -12.02
C PHE B 223 -15.58 48.08 -13.44
N GLY B 224 -14.43 47.61 -13.89
CA GLY B 224 -13.92 47.94 -15.21
C GLY B 224 -12.50 48.48 -15.16
N ILE B 225 -12.10 48.87 -13.95
CA ILE B 225 -10.76 49.39 -13.67
C ILE B 225 -9.58 48.46 -14.05
N PRO B 226 -8.82 48.83 -15.09
CA PRO B 226 -7.74 47.96 -15.58
C PRO B 226 -6.78 47.51 -14.48
N HIS B 227 -6.62 46.19 -14.38
CA HIS B 227 -5.63 45.60 -13.51
C HIS B 227 -4.23 45.96 -14.05
N THR B 228 -3.60 46.96 -13.45
CA THR B 228 -2.26 47.33 -13.85
C THR B 228 -1.35 47.17 -12.65
N LEU B 229 -0.06 47.44 -12.83
CA LEU B 229 0.87 47.35 -11.71
C LEU B 229 0.75 48.58 -10.82
N GLN B 230 0.55 49.74 -11.42
CA GLN B 230 0.41 50.95 -10.63
C GLN B 230 -0.85 50.87 -9.79
N LEU B 231 -1.67 49.85 -10.06
CA LEU B 231 -2.90 49.61 -9.30
C LEU B 231 -2.73 48.49 -8.26
N ASP B 232 -1.89 47.51 -8.55
CA ASP B 232 -1.62 46.46 -7.57
C ASP B 232 -0.93 47.10 -6.40
N ALA B 233 -0.09 48.09 -6.69
CA ALA B 233 0.62 48.80 -5.66
C ALA B 233 -0.24 49.87 -4.98
N ILE B 234 -1.20 50.44 -5.71
CA ILE B 234 -2.16 51.31 -5.05
C ILE B 234 -2.73 50.58 -3.87
N ILE B 235 -3.15 49.35 -4.12
CA ILE B 235 -3.94 48.62 -3.12
C ILE B 235 -3.10 48.00 -1.98
N ILE B 236 -1.85 47.64 -2.25
CA ILE B 236 -0.92 47.29 -1.17
C ILE B 236 -0.71 48.44 -0.16
N THR B 237 -0.90 49.69 -0.63
CA THR B 237 -0.76 50.86 0.23
C THR B 237 -2.04 51.11 1.06
N CYS B 238 -3.19 50.98 0.41
CA CYS B 238 -4.49 50.97 1.10
C CYS B 238 -4.51 49.97 2.24
N TRP B 239 -4.13 48.73 1.91
CA TRP B 239 -3.99 47.67 2.90
C TRP B 239 -3.12 48.22 4.03
N ILE B 240 -1.95 48.78 3.70
CA ILE B 240 -1.03 49.29 4.73
C ILE B 240 -1.61 50.45 5.51
N ILE B 241 -2.21 51.39 4.79
CA ILE B 241 -2.96 52.48 5.40
C ILE B 241 -4.05 51.93 6.30
N LEU B 242 -4.99 51.23 5.67
CA LEU B 242 -6.07 50.58 6.40
C LEU B 242 -5.53 49.84 7.65
N ASN B 243 -4.44 49.09 7.48
CA ASN B 243 -3.76 48.43 8.60
C ASN B 243 -3.43 49.45 9.67
N ALA B 244 -2.54 50.39 9.33
CA ALA B 244 -2.12 51.43 10.26
C ALA B 244 -3.30 51.98 11.09
N ILE B 245 -4.37 52.40 10.41
CA ILE B 245 -5.60 52.88 11.06
C ILE B 245 -6.16 51.92 12.10
N CYS B 246 -6.40 50.68 11.70
CA CYS B 246 -6.95 49.69 12.60
C CYS B 246 -6.08 49.49 13.85
N VAL B 247 -4.76 49.38 13.65
CA VAL B 247 -3.85 49.11 14.77
C VAL B 247 -3.57 50.35 15.61
N ALA B 248 -3.45 51.50 14.93
CA ALA B 248 -3.24 52.77 15.60
C ALA B 248 -4.47 53.21 16.37
N CYS B 249 -5.59 52.51 16.17
CA CYS B 249 -6.82 52.83 16.90
C CYS B 249 -7.17 51.79 17.96
N GLY B 250 -6.30 50.82 18.19
CA GLY B 250 -6.62 49.72 19.09
C GLY B 250 -7.95 49.09 18.70
N LEU B 251 -8.19 49.05 17.38
CA LEU B 251 -9.47 48.66 16.81
C LEU B 251 -9.56 47.14 16.64
N GLN B 252 -8.49 46.45 17.04
CA GLN B 252 -8.39 45.01 16.82
C GLN B 252 -9.61 44.25 17.33
N LYS B 253 -10.37 44.87 18.23
CA LYS B 253 -11.56 44.22 18.78
C LYS B 253 -12.51 43.85 17.67
N ALA B 254 -12.61 44.72 16.68
CA ALA B 254 -13.55 44.54 15.58
C ALA B 254 -12.93 43.78 14.39
N VAL B 255 -11.60 43.77 14.33
CA VAL B 255 -10.85 42.96 13.36
C VAL B 255 -11.13 41.46 13.55
N ARG B 256 -11.18 41.02 14.81
CA ARG B 256 -11.54 39.65 15.15
C ARG B 256 -12.95 39.32 14.63
N ILE B 257 -13.86 40.30 14.70
CA ILE B 257 -15.24 40.13 14.26
C ILE B 257 -15.32 40.03 12.72
N ALA B 258 -14.41 40.72 12.03
CA ALA B 258 -14.34 40.69 10.57
C ALA B 258 -13.72 39.38 10.08
N SER B 259 -12.68 38.93 10.77
CA SER B 259 -12.07 37.63 10.53
C SER B 259 -13.12 36.50 10.50
N ASP B 260 -14.02 36.50 11.48
CA ASP B 260 -15.09 35.53 11.53
C ASP B 260 -15.98 35.69 10.29
N VAL B 261 -16.34 36.94 9.98
CA VAL B 261 -17.20 37.20 8.82
C VAL B 261 -16.56 36.56 7.61
N ARG B 262 -15.23 36.53 7.62
CA ARG B 262 -14.43 35.95 6.54
C ARG B 262 -14.60 34.43 6.47
N SER B 263 -14.34 33.76 7.58
CA SER B 263 -14.53 32.31 7.67
C SER B 263 -15.92 31.90 7.16
N TYR B 264 -16.98 32.53 7.67
CA TYR B 264 -18.34 32.19 7.27
C TYR B 264 -18.58 32.42 5.79
N LEU B 265 -18.07 33.53 5.27
CA LEU B 265 -18.23 33.85 3.86
C LEU B 265 -17.62 32.75 3.00
N SER B 266 -16.44 32.28 3.41
CA SER B 266 -15.74 31.27 2.62
C SER B 266 -16.40 29.90 2.69
N PHE B 267 -16.94 29.52 3.84
CA PHE B 267 -17.71 28.29 3.89
C PHE B 267 -18.88 28.50 2.96
N LEU B 268 -19.49 29.66 3.10
CA LEU B 268 -20.67 29.98 2.32
C LEU B 268 -20.38 29.83 0.83
N MET B 269 -19.31 30.47 0.39
CA MET B 269 -18.91 30.41 -1.00
C MET B 269 -18.65 28.98 -1.46
N LEU B 270 -17.73 28.29 -0.78
CA LEU B 270 -17.42 26.89 -1.05
C LEU B 270 -18.70 26.06 -1.16
N GLY B 271 -19.60 26.27 -0.19
CA GLY B 271 -20.90 25.66 -0.22
C GLY B 271 -21.69 25.97 -1.48
N TRP B 272 -21.69 27.25 -1.87
CA TRP B 272 -22.32 27.67 -3.12
C TRP B 272 -21.73 26.88 -4.31
N VAL B 273 -20.43 27.02 -4.52
CA VAL B 273 -19.79 26.38 -5.66
C VAL B 273 -20.06 24.91 -5.68
N PHE B 274 -20.19 24.32 -4.48
CA PHE B 274 -20.45 22.88 -4.36
C PHE B 274 -21.80 22.52 -4.97
N ILE B 275 -22.86 23.14 -4.47
CA ILE B 275 -24.17 22.64 -4.82
C ILE B 275 -24.58 23.01 -6.24
N VAL B 276 -24.05 24.11 -6.75
CA VAL B 276 -24.43 24.57 -8.07
C VAL B 276 -23.74 23.75 -9.13
N SER B 277 -22.55 23.28 -8.79
CA SER B 277 -21.69 22.63 -9.75
C SER B 277 -22.05 21.15 -9.88
N GLY B 278 -22.64 20.57 -8.84
CA GLY B 278 -23.21 19.25 -8.97
C GLY B 278 -22.59 18.30 -7.98
N ALA B 279 -23.20 18.24 -6.80
CA ALA B 279 -22.72 17.39 -5.71
C ALA B 279 -22.46 15.96 -6.16
N SER B 280 -23.45 15.31 -6.75
CA SER B 280 -23.23 13.92 -7.12
C SER B 280 -21.85 13.80 -7.70
N PHE B 281 -21.55 14.62 -8.69
CA PHE B 281 -20.27 14.51 -9.36
C PHE B 281 -19.16 14.64 -8.34
N ILE B 282 -19.01 15.84 -7.81
CA ILE B 282 -18.11 16.14 -6.70
C ILE B 282 -17.89 14.98 -5.72
N MET B 283 -18.97 14.27 -5.37
CA MET B 283 -18.89 13.09 -4.51
C MET B 283 -18.20 11.93 -5.18
N ASN B 284 -18.74 11.51 -6.32
CA ASN B 284 -18.08 10.50 -7.11
C ASN B 284 -16.62 10.89 -7.38
N TYR B 285 -16.37 12.13 -7.83
CA TYR B 285 -15.00 12.56 -8.12
C TYR B 285 -14.10 12.57 -6.87
N PHE B 286 -14.65 13.01 -5.75
CA PHE B 286 -13.86 13.03 -4.51
C PHE B 286 -13.47 11.62 -4.10
N THR B 287 -14.48 10.75 -4.05
CA THR B 287 -14.28 9.32 -3.83
C THR B 287 -13.18 8.75 -4.73
N ASP B 288 -13.41 8.73 -6.06
CA ASP B 288 -12.46 8.12 -7.02
C ASP B 288 -11.06 8.62 -6.69
N SER B 289 -10.99 9.92 -6.41
CA SER B 289 -9.74 10.57 -6.09
C SER B 289 -9.04 10.01 -4.84
N VAL B 290 -9.80 9.69 -3.81
CA VAL B 290 -9.22 9.19 -2.57
C VAL B 290 -8.46 7.90 -2.80
N GLY B 291 -9.05 6.98 -3.56
CA GLY B 291 -8.34 5.77 -3.93
C GLY B 291 -7.07 6.01 -4.75
N MET B 292 -7.12 6.96 -5.68
CA MET B 292 -5.90 7.32 -6.39
C MET B 292 -4.84 7.72 -5.38
N LEU B 293 -5.18 8.71 -4.54
CA LEU B 293 -4.27 9.19 -3.53
C LEU B 293 -3.69 8.03 -2.74
N LEU B 294 -4.56 7.17 -2.24
CA LEU B 294 -4.16 6.01 -1.49
C LEU B 294 -3.22 5.06 -2.25
N MET B 295 -3.42 4.92 -3.55
CA MET B 295 -2.59 3.97 -4.25
C MET B 295 -1.32 4.63 -4.76
N TYR B 296 -1.40 5.89 -5.15
CA TYR B 296 -0.22 6.57 -5.68
C TYR B 296 0.66 7.23 -4.62
N LEU B 297 0.08 7.40 -3.44
CA LEU B 297 0.77 7.99 -2.29
C LEU B 297 2.26 7.75 -2.19
N PRO B 298 2.70 6.49 -2.25
CA PRO B 298 4.12 6.25 -2.05
C PRO B 298 4.89 6.76 -3.22
N ARG B 299 4.35 6.60 -4.41
CA ARG B 299 5.06 7.01 -5.60
C ARG B 299 5.35 8.50 -5.47
N MET B 300 4.29 9.23 -5.17
CA MET B 300 4.27 10.69 -5.02
C MET B 300 5.14 11.22 -3.87
N LEU B 301 5.14 10.51 -2.74
CA LEU B 301 5.90 10.92 -1.57
C LEU B 301 7.37 11.18 -1.90
N PHE B 302 7.87 10.39 -2.84
CA PHE B 302 9.27 10.36 -3.18
C PHE B 302 9.58 10.77 -4.66
N TYR B 303 8.57 11.24 -5.39
CA TYR B 303 8.72 11.59 -6.82
C TYR B 303 9.75 12.65 -7.16
N THR B 304 10.75 12.27 -7.97
CA THR B 304 11.74 13.22 -8.50
C THR B 304 11.90 13.20 -10.04
N ASP B 305 11.15 12.30 -10.72
CA ASP B 305 11.15 12.19 -12.21
C ASP B 305 12.55 12.33 -12.83
N PRO B 306 13.49 11.46 -12.44
CA PRO B 306 14.89 11.71 -12.79
C PRO B 306 15.27 11.31 -14.20
N ILE B 307 14.44 10.51 -14.87
CA ILE B 307 14.81 10.09 -16.22
C ILE B 307 14.21 11.03 -17.25
N ALA B 308 12.88 11.09 -17.29
CA ALA B 308 12.15 12.03 -18.13
C ALA B 308 12.50 13.51 -17.89
N LYS B 309 13.16 13.78 -16.77
CA LYS B 309 13.41 15.15 -16.34
C LYS B 309 12.29 16.16 -16.71
N GLY B 310 11.04 15.75 -16.54
CA GLY B 310 9.94 16.71 -16.53
C GLY B 310 9.93 17.33 -15.15
N GLY B 311 9.67 18.63 -15.09
CA GLY B 311 9.83 19.36 -13.83
C GLY B 311 8.85 19.08 -12.70
N PHE B 312 7.79 18.35 -13.00
CA PHE B 312 6.61 18.23 -12.12
C PHE B 312 6.89 18.23 -10.62
N PRO B 313 7.65 17.23 -10.13
CA PRO B 313 7.95 17.11 -8.68
C PRO B 313 8.61 18.38 -8.17
N GLN B 314 9.57 18.89 -8.95
CA GLN B 314 10.43 19.99 -8.53
C GLN B 314 9.63 21.29 -8.47
N GLY B 315 8.76 21.46 -9.46
CA GLY B 315 8.06 22.71 -9.61
C GLY B 315 6.81 22.77 -8.76
N TRP B 316 6.32 21.61 -8.34
CA TRP B 316 5.10 21.56 -7.53
C TRP B 316 5.36 21.08 -6.11
N THR B 317 5.80 19.84 -5.99
CA THR B 317 6.02 19.26 -4.67
C THR B 317 7.12 20.01 -3.95
N VAL B 318 8.33 19.99 -4.50
CA VAL B 318 9.48 20.66 -3.87
C VAL B 318 9.26 22.16 -3.57
N PHE B 319 8.54 22.82 -4.47
CA PHE B 319 8.10 24.17 -4.23
C PHE B 319 7.16 24.18 -3.06
N TYR B 320 6.07 23.40 -3.11
CA TYR B 320 5.11 23.34 -1.99
C TYR B 320 5.76 22.85 -0.66
N TRP B 321 6.32 21.64 -0.63
CA TRP B 321 7.02 21.20 0.57
C TRP B 321 7.79 22.35 1.26
N ALA B 322 8.60 23.09 0.50
CA ALA B 322 9.37 24.20 1.07
C ALA B 322 8.51 25.34 1.62
N TRP B 323 7.39 25.66 1.01
CA TRP B 323 6.54 26.67 1.60
C TRP B 323 6.13 26.18 2.98
N TRP B 324 5.73 24.92 3.05
CA TRP B 324 5.33 24.26 4.30
C TRP B 324 6.40 24.33 5.37
N VAL B 325 7.66 24.23 4.98
CA VAL B 325 8.74 24.20 5.94
C VAL B 325 8.86 25.56 6.60
N ILE B 326 8.53 26.62 5.88
CA ILE B 326 8.57 27.97 6.43
C ILE B 326 7.43 28.22 7.43
N TYR B 327 6.19 28.27 6.96
CA TYR B 327 5.06 28.43 7.88
C TYR B 327 4.99 27.37 8.99
N ALA B 328 5.87 26.38 8.93
CA ALA B 328 5.86 25.26 9.87
C ALA B 328 5.82 25.72 11.32
N ILE B 329 6.77 26.56 11.71
CA ILE B 329 6.79 27.04 13.09
C ILE B 329 5.64 27.99 13.41
N GLN B 330 5.32 28.92 12.55
CA GLN B 330 4.27 29.84 12.95
C GLN B 330 2.98 29.13 13.34
N MET B 331 2.66 28.03 12.67
CA MET B 331 1.44 27.29 12.95
C MET B 331 1.55 26.46 14.22
N SER B 332 2.55 25.58 14.26
CA SER B 332 2.75 24.68 15.38
C SER B 332 2.59 25.42 16.70
N ILE B 333 3.11 26.65 16.72
CA ILE B 333 2.96 27.56 17.86
C ILE B 333 1.48 27.88 18.12
N PHE B 334 0.73 28.08 17.03
CA PHE B 334 -0.70 28.34 17.11
C PHE B 334 -1.46 27.06 17.45
N LEU B 335 -1.12 25.96 16.80
CA LEU B 335 -1.78 24.74 17.17
C LEU B 335 -1.53 24.52 18.65
N ALA B 336 -0.31 24.79 19.09
CA ALA B 336 0.08 24.67 20.50
C ALA B 336 -0.79 25.45 21.48
N ARG B 337 -1.08 26.70 21.18
CA ARG B 337 -1.84 27.49 22.13
C ARG B 337 -3.32 27.15 22.21
N ILE B 338 -3.97 27.02 21.06
CA ILE B 338 -5.39 26.63 21.03
C ILE B 338 -5.61 25.24 21.68
N SER B 339 -4.51 24.56 22.02
CA SER B 339 -4.59 23.17 22.41
C SER B 339 -4.09 22.84 23.81
N ARG B 340 -4.03 23.80 24.72
CA ARG B 340 -3.46 23.47 26.02
C ARG B 340 -4.25 22.36 26.70
N GLY B 341 -3.53 21.53 27.44
CA GLY B 341 -4.16 20.52 28.26
C GLY B 341 -4.75 19.37 27.49
N ARG B 342 -4.18 19.04 26.35
CA ARG B 342 -4.62 17.86 25.67
C ARG B 342 -3.51 16.89 25.69
N THR B 343 -3.82 15.66 25.32
CA THR B 343 -2.81 14.63 25.24
C THR B 343 -2.08 14.63 23.88
N VAL B 344 -0.78 14.33 23.91
CA VAL B 344 0.02 14.32 22.69
C VAL B 344 -0.80 13.71 21.56
N ARG B 345 -1.27 12.48 21.76
CA ARG B 345 -2.10 11.81 20.79
C ARG B 345 -3.45 12.50 20.54
N GLU B 346 -4.02 13.10 21.54
CA GLU B 346 -5.27 13.79 21.30
C GLU B 346 -5.03 14.77 20.17
N LEU B 347 -3.87 15.37 20.18
CA LEU B 347 -3.54 16.48 19.29
C LEU B 347 -3.22 16.05 17.86
N CYS B 348 -2.36 15.02 17.72
CA CYS B 348 -2.04 14.42 16.43
C CYS B 348 -3.31 14.05 15.67
N PHE B 349 -4.16 13.25 16.29
CA PHE B 349 -5.39 12.88 15.63
C PHE B 349 -6.26 14.10 15.32
N GLY B 350 -6.18 15.12 16.17
CA GLY B 350 -7.09 16.25 16.06
C GLY B 350 -6.74 17.24 15.02
N MET B 351 -5.46 17.64 15.00
CA MET B 351 -5.04 18.66 14.05
C MET B 351 -5.24 18.15 12.63
N VAL B 352 -4.80 16.91 12.40
CA VAL B 352 -4.91 16.31 11.08
C VAL B 352 -6.37 16.19 10.61
N LEU B 353 -7.20 15.42 11.33
CA LEU B 353 -8.64 15.38 11.09
C LEU B 353 -9.19 16.77 10.82
N GLY B 354 -8.85 17.71 11.69
CA GLY B 354 -9.44 19.03 11.62
C GLY B 354 -9.04 19.78 10.38
N LEU B 355 -7.77 20.17 10.34
CA LEU B 355 -7.21 20.92 9.21
C LEU B 355 -7.58 20.29 7.86
N THR B 356 -7.27 19.00 7.66
CA THR B 356 -7.55 18.31 6.40
C THR B 356 -8.98 18.43 5.97
N ALA B 357 -9.89 18.43 6.94
CA ALA B 357 -11.29 18.59 6.59
C ALA B 357 -11.36 19.86 5.78
N SER B 358 -10.79 20.91 6.36
CA SER B 358 -10.76 22.24 5.78
C SER B 358 -10.14 22.25 4.41
N THR B 359 -8.88 21.87 4.33
CA THR B 359 -8.15 21.89 3.08
C THR B 359 -8.84 21.03 2.00
N TRP B 360 -9.16 19.78 2.32
CA TRP B 360 -9.73 18.87 1.31
C TRP B 360 -11.01 19.42 0.74
N ILE B 361 -11.84 20.06 1.53
CA ILE B 361 -13.08 20.54 0.96
C ILE B 361 -12.82 21.58 -0.08
N LEU B 362 -12.02 22.55 0.30
CA LEU B 362 -11.72 23.65 -0.59
C LEU B 362 -11.35 23.14 -1.98
N TRP B 363 -10.11 22.69 -2.08
CA TRP B 363 -9.48 22.14 -3.28
C TRP B 363 -10.25 21.10 -4.08
N THR B 364 -11.23 20.45 -3.48
CA THR B 364 -12.02 19.50 -4.26
C THR B 364 -13.25 20.25 -4.76
N VAL B 365 -13.60 21.35 -4.12
CA VAL B 365 -14.71 22.07 -4.68
C VAL B 365 -14.23 22.92 -5.84
N LEU B 366 -13.23 23.74 -5.58
CA LEU B 366 -12.81 24.71 -6.57
C LEU B 366 -12.23 24.03 -7.76
N GLY B 367 -11.53 22.95 -7.49
CA GLY B 367 -10.88 22.16 -8.51
C GLY B 367 -11.86 21.42 -9.41
N SER B 368 -12.91 20.85 -8.84
CA SER B 368 -13.88 20.22 -9.72
C SER B 368 -14.74 21.25 -10.47
N ASN B 369 -14.89 22.45 -9.91
CA ASN B 369 -15.50 23.57 -10.64
C ASN B 369 -14.63 23.84 -11.85
N THR B 370 -13.44 24.34 -11.57
CA THR B 370 -12.51 24.69 -12.63
C THR B 370 -12.15 23.47 -13.52
N LEU B 371 -12.47 22.25 -13.09
CA LEU B 371 -12.32 21.07 -13.97
C LEU B 371 -13.49 20.91 -14.91
N LEU B 372 -14.70 21.08 -14.40
CA LEU B 372 -15.90 21.06 -15.20
C LEU B 372 -15.87 22.15 -16.26
N LEU B 373 -15.45 23.33 -15.85
CA LEU B 373 -15.24 24.43 -16.79
C LEU B 373 -14.36 24.00 -17.94
N ILE B 374 -13.35 23.19 -17.63
CA ILE B 374 -12.43 22.71 -18.64
C ILE B 374 -13.09 21.72 -19.63
N ASP B 375 -13.92 20.81 -19.13
CA ASP B 375 -14.64 19.88 -19.99
C ASP B 375 -15.91 20.47 -20.59
N LYS B 376 -16.15 21.75 -20.38
CA LYS B 376 -17.31 22.42 -20.98
C LYS B 376 -16.85 23.28 -22.14
N ASN B 377 -15.56 23.58 -22.17
CA ASN B 377 -14.99 24.59 -23.04
C ASN B 377 -15.72 25.92 -22.98
N ILE B 378 -16.34 26.17 -21.84
CA ILE B 378 -16.88 27.49 -21.53
C ILE B 378 -15.80 28.54 -21.78
N LEU B 379 -14.64 28.33 -21.16
CA LEU B 379 -13.51 29.27 -21.31
C LEU B 379 -12.23 28.57 -21.71
N ASN B 380 -11.38 29.32 -22.40
CA ASN B 380 -10.09 28.82 -22.83
C ASN B 380 -9.06 29.26 -21.80
N ILE B 381 -8.91 28.46 -20.75
CA ILE B 381 -8.00 28.83 -19.65
C ILE B 381 -6.56 29.13 -20.11
N PRO B 382 -6.03 28.34 -21.06
CA PRO B 382 -4.65 28.47 -21.53
C PRO B 382 -4.37 29.77 -22.27
N ASN B 383 -5.35 30.22 -23.05
CA ASN B 383 -5.23 31.42 -23.85
C ASN B 383 -5.42 32.64 -22.98
N LEU B 384 -6.19 32.44 -21.91
CA LEU B 384 -6.42 33.45 -20.89
C LEU B 384 -5.15 33.67 -20.07
N ILE B 385 -4.53 32.59 -19.63
CA ILE B 385 -3.28 32.73 -18.91
C ILE B 385 -2.25 33.39 -19.81
N GLU B 386 -2.22 32.98 -21.08
CA GLU B 386 -1.22 33.46 -22.03
C GLU B 386 -1.23 34.97 -22.22
N GLN B 387 -2.40 35.52 -22.48
CA GLN B 387 -2.54 36.94 -22.77
C GLN B 387 -2.76 37.85 -21.56
N TYR B 388 -3.14 37.28 -20.42
CA TYR B 388 -3.47 38.11 -19.28
C TYR B 388 -2.77 37.76 -17.97
N GLY B 389 -2.33 36.52 -17.81
CA GLY B 389 -1.75 36.12 -16.53
C GLY B 389 -2.73 35.30 -15.70
N VAL B 390 -2.17 34.45 -14.84
CA VAL B 390 -2.93 33.39 -14.18
C VAL B 390 -4.22 33.88 -13.58
N ALA B 391 -4.09 34.85 -12.67
CA ALA B 391 -5.23 35.43 -11.92
C ALA B 391 -6.47 35.81 -12.76
N ARG B 392 -6.22 36.30 -13.98
CA ARG B 392 -7.31 36.64 -14.88
C ARG B 392 -8.17 35.40 -15.09
N ALA B 393 -7.51 34.29 -15.36
CA ALA B 393 -8.19 33.02 -15.58
C ALA B 393 -8.98 32.62 -14.35
N ILE B 394 -8.29 32.55 -13.21
CA ILE B 394 -8.90 32.20 -11.92
C ILE B 394 -10.26 32.89 -11.74
N ILE B 395 -10.29 34.19 -12.01
CA ILE B 395 -11.51 34.98 -11.85
C ILE B 395 -12.55 34.58 -12.87
N GLU B 396 -12.07 34.18 -14.06
CA GLU B 396 -12.98 33.78 -15.12
C GLU B 396 -13.72 32.50 -14.72
N THR B 397 -13.10 31.71 -13.83
CA THR B 397 -13.68 30.43 -13.40
C THR B 397 -14.69 30.60 -12.27
N TRP B 398 -14.56 31.71 -11.55
CA TRP B 398 -15.53 32.10 -10.54
C TRP B 398 -16.74 32.75 -11.21
N ALA B 399 -16.45 33.51 -12.26
CA ALA B 399 -17.43 34.36 -12.92
C ALA B 399 -18.23 33.58 -13.93
N ALA B 400 -17.71 32.42 -14.31
CA ALA B 400 -18.43 31.51 -15.16
C ALA B 400 -19.62 30.88 -14.41
N LEU B 401 -19.68 31.14 -13.10
CA LEU B 401 -20.71 30.57 -12.23
C LEU B 401 -22.04 31.30 -12.38
N PRO B 402 -23.14 30.63 -12.01
CA PRO B 402 -24.50 31.24 -11.99
C PRO B 402 -24.60 32.43 -11.02
N LEU B 403 -25.36 33.47 -11.38
CA LEU B 403 -25.46 34.69 -10.58
C LEU B 403 -24.09 35.35 -10.45
N SER B 404 -23.37 35.39 -11.57
CA SER B 404 -21.95 35.73 -11.61
C SER B 404 -21.55 36.97 -10.77
N THR B 405 -22.33 38.03 -10.93
CA THR B 405 -22.06 39.31 -10.31
C THR B 405 -22.03 39.24 -8.77
N ALA B 406 -23.05 38.61 -8.19
CA ALA B 406 -23.11 38.42 -6.75
C ALA B 406 -21.98 37.51 -6.31
N THR B 407 -21.90 36.36 -6.98
CA THR B 407 -20.83 35.37 -6.80
C THR B 407 -19.45 36.05 -6.74
N MET B 408 -19.25 37.00 -7.65
CA MET B 408 -18.01 37.76 -7.74
C MET B 408 -17.85 38.82 -6.62
N TRP B 409 -18.98 39.25 -6.07
CA TRP B 409 -18.98 40.11 -4.90
C TRP B 409 -18.51 39.35 -3.69
N GLY B 410 -19.09 38.17 -3.49
CA GLY B 410 -18.67 37.31 -2.42
C GLY B 410 -17.17 37.13 -2.47
N PHE B 411 -16.64 36.71 -3.62
CA PHE B 411 -15.22 36.41 -3.71
C PHE B 411 -14.41 37.66 -3.40
N PHE B 412 -14.83 38.77 -3.99
CA PHE B 412 -14.13 40.03 -3.82
C PHE B 412 -13.98 40.38 -2.34
N ILE B 413 -15.12 40.49 -1.67
CA ILE B 413 -15.16 40.73 -0.24
C ILE B 413 -14.27 39.74 0.48
N LEU B 414 -14.56 38.46 0.28
CA LEU B 414 -13.76 37.38 0.86
C LEU B 414 -12.26 37.67 0.71
N CYS B 415 -11.79 37.85 -0.51
CA CYS B 415 -10.37 38.09 -0.75
C CYS B 415 -9.94 39.34 -0.01
N PHE B 416 -10.83 40.31 0.00
CA PHE B 416 -10.55 41.60 0.58
C PHE B 416 -10.27 41.47 2.07
N ILE B 417 -11.33 41.26 2.84
CA ILE B 417 -11.27 41.13 4.30
C ILE B 417 -10.26 40.07 4.72
N ALA B 418 -10.05 39.08 3.87
CA ALA B 418 -9.05 38.06 4.14
C ALA B 418 -7.64 38.63 4.11
N THR B 419 -7.33 39.43 3.09
CA THR B 419 -5.97 39.95 2.94
C THR B 419 -5.65 40.93 4.06
N VAL B 420 -6.62 41.76 4.42
CA VAL B 420 -6.52 42.63 5.60
C VAL B 420 -6.04 41.80 6.79
N THR B 421 -6.84 40.78 7.13
CA THR B 421 -6.53 39.89 8.21
C THR B 421 -5.08 39.51 8.11
N LEU B 422 -4.71 39.01 6.94
CA LEU B 422 -3.35 38.57 6.68
C LEU B 422 -2.32 39.63 7.06
N VAL B 423 -2.48 40.83 6.50
CA VAL B 423 -1.53 41.91 6.71
C VAL B 423 -1.40 42.25 8.19
N ASN B 424 -2.55 42.56 8.79
CA ASN B 424 -2.63 42.80 10.21
C ASN B 424 -1.85 41.74 10.98
N ALA B 425 -2.02 40.49 10.58
CA ALA B 425 -1.33 39.37 11.21
C ALA B 425 0.21 39.37 11.06
N CYS B 426 0.73 39.62 9.85
CA CYS B 426 2.16 39.50 9.56
C CYS B 426 2.93 40.56 10.32
N SER B 427 2.27 41.71 10.44
CA SER B 427 2.81 42.87 11.11
C SER B 427 2.97 42.61 12.60
N TYR B 428 1.87 42.22 13.25
CA TYR B 428 1.94 41.82 14.64
C TYR B 428 3.09 40.85 14.85
N THR B 429 3.04 39.72 14.18
CA THR B 429 4.04 38.69 14.41
C THR B 429 5.44 39.18 14.14
N LEU B 430 5.61 39.94 13.06
CA LEU B 430 6.93 40.44 12.69
C LEU B 430 7.48 41.42 13.71
N ALA B 431 6.69 42.48 13.97
CA ALA B 431 7.04 43.45 14.99
C ALA B 431 7.36 42.74 16.30
N MET B 432 6.62 41.67 16.59
CA MET B 432 6.74 40.96 17.85
C MET B 432 8.04 40.21 18.00
N SER B 433 8.51 39.58 16.94
CA SER B 433 9.71 38.78 17.04
C SER B 433 10.92 39.68 16.93
N THR B 434 10.67 40.96 16.66
CA THR B 434 11.75 41.91 16.46
C THR B 434 11.86 42.96 17.60
N CYS B 435 10.95 42.91 18.58
CA CYS B 435 10.99 43.78 19.78
C CYS B 435 11.39 43.03 21.08
N ARG B 436 12.30 43.60 21.87
CA ARG B 436 12.73 43.00 23.13
C ARG B 436 11.76 43.30 24.29
N GLU B 437 11.80 42.47 25.33
CA GLU B 437 10.98 42.69 26.52
C GLU B 437 9.50 42.96 26.18
N VAL B 438 8.88 42.04 25.46
CA VAL B 438 7.46 42.18 25.14
C VAL B 438 6.70 40.92 25.53
N ARG B 439 5.74 41.05 26.46
CA ARG B 439 4.95 39.91 26.90
C ARG B 439 4.08 39.44 25.74
N ASP B 440 3.81 38.13 25.71
CA ASP B 440 2.90 37.57 24.73
C ASP B 440 1.49 38.07 25.01
N GLY B 441 0.71 38.26 23.96
CA GLY B 441 -0.66 38.74 24.10
C GLY B 441 -0.71 40.25 24.17
N GLU B 442 0.45 40.89 24.06
CA GLU B 442 0.55 42.34 24.20
C GLU B 442 0.80 43.04 22.86
N ASP B 443 0.15 44.20 22.67
CA ASP B 443 0.33 44.97 21.45
C ASP B 443 1.69 45.67 21.42
N PRO B 444 2.48 45.40 20.37
CA PRO B 444 3.81 45.97 20.18
C PRO B 444 3.74 47.41 19.65
N PRO B 445 4.88 48.12 19.64
CA PRO B 445 5.06 49.52 19.19
C PRO B 445 4.47 49.82 17.79
N LEU B 446 3.53 50.76 17.68
CA LEU B 446 2.88 51.07 16.40
C LEU B 446 3.82 51.38 15.23
N LEU B 447 4.96 52.01 15.53
CA LEU B 447 5.92 52.33 14.48
C LEU B 447 6.58 51.07 13.91
N VAL B 448 7.09 50.20 14.79
CA VAL B 448 7.69 48.94 14.37
C VAL B 448 6.66 48.05 13.66
N ARG B 449 5.44 48.05 14.19
CA ARG B 449 4.37 47.31 13.56
C ARG B 449 4.08 47.79 12.12
N ILE B 450 3.49 48.97 11.97
CA ILE B 450 3.17 49.49 10.64
C ILE B 450 4.43 49.58 9.78
N GLY B 451 5.58 49.76 10.41
CA GLY B 451 6.86 49.75 9.70
C GLY B 451 7.04 48.51 8.85
N TRP B 452 6.96 47.33 9.47
CA TRP B 452 7.05 46.07 8.74
C TRP B 452 6.00 45.96 7.63
N SER B 453 4.75 46.32 7.93
CA SER B 453 3.70 46.18 6.93
C SER B 453 4.07 46.84 5.60
N ILE B 454 4.84 47.91 5.63
CA ILE B 454 5.29 48.52 4.38
C ILE B 454 6.37 47.67 3.69
N LEU B 455 7.34 47.15 4.47
CA LEU B 455 8.40 46.28 3.94
C LEU B 455 7.87 45.00 3.29
N VAL B 456 6.88 44.39 3.93
CA VAL B 456 6.17 43.25 3.35
C VAL B 456 5.50 43.66 2.03
N GLY B 457 4.63 44.67 2.08
CA GLY B 457 3.94 45.17 0.90
C GLY B 457 4.86 45.57 -0.25
N ILE B 458 6.09 45.95 0.10
CA ILE B 458 7.17 46.29 -0.83
C ILE B 458 7.68 45.06 -1.56
N ILE B 459 7.91 43.98 -0.80
CA ILE B 459 8.32 42.69 -1.35
C ILE B 459 7.32 42.22 -2.42
N GLY B 460 6.04 42.18 -2.05
CA GLY B 460 4.98 41.74 -2.96
C GLY B 460 4.97 42.37 -4.34
N ILE B 461 5.05 43.70 -4.38
CA ILE B 461 5.06 44.40 -5.67
C ILE B 461 6.31 44.04 -6.46
N VAL B 462 7.46 43.99 -5.79
CA VAL B 462 8.72 43.56 -6.43
C VAL B 462 8.62 42.21 -7.13
N LEU B 463 7.84 41.32 -6.51
CA LEU B 463 7.49 40.06 -7.13
C LEU B 463 6.40 40.27 -8.20
N LEU B 464 5.35 41.02 -7.85
CA LEU B 464 4.31 41.40 -8.83
C LEU B 464 4.93 42.06 -10.07
N ALA B 465 5.97 42.85 -9.79
CA ALA B 465 6.78 43.50 -10.80
C ALA B 465 7.55 42.49 -11.62
N LEU B 466 8.38 41.66 -10.98
CA LEU B 466 9.19 40.69 -11.69
C LEU B 466 8.39 39.80 -12.66
N GLY B 467 7.07 39.69 -12.42
CA GLY B 467 6.19 38.92 -13.28
C GLY B 467 6.44 37.42 -13.32
N GLY B 468 5.36 36.64 -13.35
CA GLY B 468 5.49 35.20 -13.37
C GLY B 468 5.34 34.59 -11.99
N LEU B 469 5.33 33.27 -11.95
CA LEU B 469 5.26 32.55 -10.69
C LEU B 469 6.67 32.20 -10.24
N LYS B 470 7.60 32.05 -11.18
CA LYS B 470 8.99 31.71 -10.84
C LYS B 470 9.60 32.54 -9.70
N PRO B 471 9.29 33.86 -9.64
CA PRO B 471 9.76 34.70 -8.51
C PRO B 471 9.20 34.18 -7.19
N ILE B 472 7.87 34.24 -7.07
CA ILE B 472 7.11 33.58 -6.00
C ILE B 472 7.71 32.25 -5.50
N GLN B 473 7.82 31.26 -6.35
CA GLN B 473 8.32 29.98 -5.89
C GLN B 473 9.80 29.95 -5.53
N THR B 474 10.61 30.73 -6.23
CA THR B 474 12.03 30.84 -5.84
C THR B 474 12.10 31.43 -4.42
N ALA B 475 11.38 32.55 -4.23
CA ALA B 475 11.27 33.24 -2.94
C ALA B 475 11.14 32.20 -1.85
N ILE B 476 10.08 31.42 -1.99
CA ILE B 476 9.77 30.37 -1.07
C ILE B 476 10.83 29.28 -0.98
N ILE B 477 11.12 28.62 -2.09
CA ILE B 477 12.15 27.58 -2.08
C ILE B 477 13.44 28.02 -1.40
N ALA B 478 13.85 29.27 -1.68
CA ALA B 478 14.97 29.89 -1.00
C ALA B 478 14.69 29.93 0.49
N GLY B 479 13.58 30.57 0.86
CA GLY B 479 13.15 30.66 2.25
C GLY B 479 13.33 29.34 2.99
N GLY B 480 12.64 28.33 2.51
CA GLY B 480 12.70 27.01 3.11
C GLY B 480 14.08 26.42 3.37
N CYS B 481 15.13 26.95 2.77
CA CYS B 481 16.42 26.28 2.90
C CYS B 481 17.01 26.34 4.30
N PRO B 482 17.05 27.55 4.92
CA PRO B 482 17.51 27.64 6.32
C PRO B 482 16.57 26.91 7.29
N LEU B 483 15.27 27.17 7.11
CA LEU B 483 14.19 26.70 7.95
C LEU B 483 14.16 25.20 8.00
N PHE B 484 14.69 24.57 6.96
CA PHE B 484 14.89 23.14 6.95
C PHE B 484 15.61 22.73 8.22
N PHE B 485 16.70 23.44 8.53
CA PHE B 485 17.49 23.11 9.70
C PHE B 485 16.96 23.79 10.96
N VAL B 486 16.38 24.99 10.82
CA VAL B 486 15.76 25.65 11.97
C VAL B 486 14.78 24.66 12.60
N ASN B 487 13.81 24.25 11.77
CA ASN B 487 12.76 23.32 12.15
C ASN B 487 13.29 22.07 12.83
N ILE B 488 14.23 21.40 12.15
CA ILE B 488 14.93 20.23 12.69
C ILE B 488 15.61 20.55 14.01
N MET B 489 16.12 21.78 14.12
CA MET B 489 16.81 22.22 15.34
C MET B 489 15.84 22.29 16.51
N VAL B 490 14.83 23.14 16.39
CA VAL B 490 13.76 23.16 17.38
C VAL B 490 13.36 21.76 17.77
N THR B 491 13.12 20.91 16.77
CA THR B 491 12.65 19.54 16.97
C THR B 491 13.58 18.70 17.87
N LEU B 492 14.87 18.83 17.59
CA LEU B 492 15.93 18.12 18.31
C LEU B 492 16.05 18.65 19.72
N SER B 493 16.00 19.98 19.81
CA SER B 493 15.94 20.68 21.07
C SER B 493 14.80 20.09 21.91
N PHE B 494 13.58 20.14 21.39
CA PHE B 494 12.44 19.56 22.09
C PHE B 494 12.72 18.14 22.56
N ILE B 495 13.56 17.43 21.82
CA ILE B 495 13.82 16.04 22.15
C ILE B 495 14.84 15.89 23.27
N LYS B 496 15.94 16.61 23.18
CA LYS B 496 16.94 16.49 24.22
C LYS B 496 16.30 16.83 25.57
N ASP B 497 15.43 17.85 25.57
CA ASP B 497 14.87 18.41 26.81
C ASP B 497 13.65 17.65 27.37
N ALA B 498 13.14 16.66 26.63
CA ALA B 498 12.07 15.83 27.14
C ALA B 498 12.64 14.48 27.56
N LYS B 499 13.80 14.16 27.03
CA LYS B 499 14.44 12.93 27.43
C LYS B 499 14.77 12.96 28.92
N GLN B 500 14.98 14.17 29.45
CA GLN B 500 15.40 14.33 30.84
C GLN B 500 14.32 14.86 31.78
N ASN B 501 13.43 15.71 31.27
CA ASN B 501 12.39 16.33 32.10
C ASN B 501 11.02 15.65 32.09
N TRP B 502 10.51 15.25 30.92
CA TRP B 502 9.16 14.70 30.88
C TRP B 502 9.02 13.43 31.73
N LYS B 503 9.64 12.34 31.30
CA LYS B 503 9.64 11.09 32.09
C LYS B 503 8.27 10.76 32.69
N THR C 8 40.17 -36.98 15.01
CA THR C 8 39.49 -36.07 14.08
C THR C 8 39.02 -36.84 12.85
N GLY C 9 37.97 -37.63 13.02
CA GLY C 9 37.47 -38.49 11.96
C GLY C 9 36.91 -37.81 10.73
N ILE C 10 36.59 -38.63 9.73
CA ILE C 10 35.99 -38.19 8.47
C ILE C 10 34.68 -38.96 8.25
N GLU C 11 33.64 -38.56 8.97
CA GLU C 11 32.37 -39.27 8.90
C GLU C 11 31.96 -39.49 7.45
N PRO C 12 31.59 -40.74 7.11
CA PRO C 12 31.46 -41.17 5.72
C PRO C 12 30.05 -40.88 5.22
N LYS C 13 29.09 -41.01 6.13
CA LYS C 13 27.68 -40.83 5.81
C LYS C 13 27.42 -39.41 5.31
N VAL C 14 28.36 -38.51 5.59
CA VAL C 14 28.23 -37.11 5.22
C VAL C 14 29.41 -36.65 4.34
N PHE C 15 30.36 -37.54 4.09
CA PHE C 15 31.50 -37.26 3.22
C PHE C 15 31.34 -37.82 1.80
N PHE C 16 30.91 -39.07 1.72
CA PHE C 16 30.90 -39.82 0.45
C PHE C 16 29.73 -39.50 -0.51
N PRO C 17 28.48 -39.64 -0.02
CA PRO C 17 27.34 -39.32 -0.89
C PRO C 17 27.52 -38.00 -1.65
N PRO C 18 27.93 -36.91 -0.96
CA PRO C 18 28.32 -35.67 -1.65
C PRO C 18 29.31 -35.92 -2.79
N LEU C 19 30.55 -36.22 -2.40
CA LEU C 19 31.66 -36.48 -3.31
C LEU C 19 31.31 -37.32 -4.55
N ILE C 20 30.76 -38.53 -4.33
CA ILE C 20 30.21 -39.37 -5.40
C ILE C 20 29.32 -38.58 -6.37
N ILE C 21 28.19 -38.12 -5.83
CA ILE C 21 27.15 -37.41 -6.58
C ILE C 21 27.63 -36.19 -7.37
N VAL C 22 28.46 -35.37 -6.73
CA VAL C 22 29.09 -34.23 -7.40
C VAL C 22 29.99 -34.70 -8.54
N GLY C 23 30.72 -35.78 -8.29
CA GLY C 23 31.59 -36.36 -9.29
C GLY C 23 30.83 -36.90 -10.48
N ILE C 24 29.89 -37.82 -10.22
CA ILE C 24 29.11 -38.45 -11.27
C ILE C 24 28.46 -37.42 -12.20
N LEU C 25 27.74 -36.48 -11.60
CA LEU C 25 27.03 -35.41 -12.32
C LEU C 25 28.02 -34.48 -13.02
N CYS C 26 29.09 -34.13 -12.31
CA CYS C 26 30.12 -33.28 -12.86
C CYS C 26 30.72 -33.97 -14.08
N TRP C 27 31.01 -35.27 -13.92
CA TRP C 27 31.52 -36.12 -15.00
C TRP C 27 30.57 -36.22 -16.19
N LEU C 28 29.37 -36.75 -15.94
CA LEU C 28 28.29 -36.83 -16.93
C LEU C 28 28.09 -35.51 -17.68
N THR C 29 28.37 -34.39 -17.04
CA THR C 29 28.20 -33.09 -17.69
C THR C 29 29.39 -32.77 -18.62
N VAL C 30 30.61 -33.14 -18.21
CA VAL C 30 31.80 -32.88 -19.01
C VAL C 30 31.79 -33.76 -20.26
N ARG C 31 31.34 -34.99 -20.08
CA ARG C 31 31.19 -35.93 -21.18
C ARG C 31 30.58 -35.27 -22.40
N ASP C 32 29.39 -34.71 -22.23
CA ASP C 32 28.68 -34.03 -23.30
C ASP C 32 28.10 -32.70 -22.84
N LEU C 33 28.67 -31.61 -23.33
CA LEU C 33 28.20 -30.29 -22.98
C LEU C 33 26.91 -29.92 -23.72
N ASP C 34 26.88 -30.09 -25.03
CA ASP C 34 25.69 -29.71 -25.77
C ASP C 34 24.43 -30.32 -25.14
N ALA C 35 24.52 -31.60 -24.81
CA ALA C 35 23.40 -32.37 -24.27
C ALA C 35 23.03 -31.96 -22.86
N ALA C 36 24.04 -31.79 -22.01
CA ALA C 36 23.82 -31.31 -20.65
C ALA C 36 22.99 -30.03 -20.69
N ASN C 37 23.48 -29.04 -21.44
CA ASN C 37 22.77 -27.77 -21.62
C ASN C 37 21.30 -27.98 -21.99
N VAL C 38 21.01 -28.98 -22.80
CA VAL C 38 19.63 -29.30 -23.13
C VAL C 38 18.87 -29.79 -21.89
N VAL C 39 19.56 -30.54 -21.04
CA VAL C 39 18.97 -31.02 -19.79
C VAL C 39 18.77 -29.87 -18.83
N ILE C 40 19.87 -29.17 -18.57
CA ILE C 40 19.82 -27.89 -17.87
C ILE C 40 18.51 -27.13 -18.22
N ASN C 41 18.41 -26.66 -19.45
CA ASN C 41 17.31 -25.77 -19.84
C ASN C 41 15.96 -26.39 -19.67
N ALA C 42 15.93 -27.71 -19.62
CA ALA C 42 14.72 -28.49 -19.39
C ALA C 42 14.31 -28.35 -17.94
N VAL C 43 15.26 -28.66 -17.05
CA VAL C 43 15.07 -28.51 -15.62
C VAL C 43 14.63 -27.08 -15.25
N PHE C 44 15.48 -26.11 -15.58
CA PHE C 44 15.19 -24.72 -15.26
C PHE C 44 13.75 -24.39 -15.56
N SER C 45 13.36 -24.51 -16.83
CA SER C 45 12.00 -24.16 -17.24
C SER C 45 10.90 -24.95 -16.51
N TYR C 46 11.15 -26.22 -16.20
CA TYR C 46 10.16 -26.97 -15.46
C TYR C 46 9.98 -26.41 -14.05
N VAL C 47 11.01 -26.50 -13.23
CA VAL C 47 10.95 -25.98 -11.87
C VAL C 47 10.31 -24.59 -11.82
N THR C 48 10.90 -23.62 -12.50
CA THR C 48 10.39 -22.27 -12.41
C THR C 48 8.96 -22.10 -12.95
N ASN C 49 8.71 -22.58 -14.16
CA ASN C 49 7.39 -22.36 -14.73
C ASN C 49 6.30 -23.13 -14.00
N VAL C 50 6.64 -24.30 -13.48
CA VAL C 50 5.66 -25.08 -12.76
C VAL C 50 5.61 -24.76 -11.27
N TRP C 51 6.75 -24.41 -10.68
CA TRP C 51 6.80 -24.36 -9.21
C TRP C 51 7.24 -23.03 -8.64
N GLY C 52 7.80 -22.18 -9.49
CA GLY C 52 8.35 -20.89 -9.08
C GLY C 52 7.51 -20.10 -8.11
N TRP C 53 6.19 -20.30 -8.14
CA TRP C 53 5.28 -19.56 -7.27
C TRP C 53 5.50 -19.94 -5.81
N ALA C 54 5.73 -21.24 -5.58
CA ALA C 54 5.91 -21.74 -4.24
C ALA C 54 7.16 -21.06 -3.64
N PHE C 55 8.14 -20.74 -4.45
CA PHE C 55 9.27 -20.01 -3.91
C PHE C 55 8.87 -18.64 -3.36
N GLU C 56 8.07 -17.90 -4.12
CA GLU C 56 7.68 -16.56 -3.68
C GLU C 56 6.87 -16.66 -2.39
N TRP C 57 5.97 -17.63 -2.35
CA TRP C 57 5.20 -17.89 -1.15
C TRP C 57 6.11 -18.19 0.04
N TYR C 58 7.15 -18.97 -0.18
CA TYR C 58 8.09 -19.24 0.90
C TYR C 58 8.51 -17.88 1.48
N MET C 59 9.17 -17.07 0.67
CA MET C 59 9.67 -15.77 1.10
C MET C 59 8.59 -14.92 1.71
N VAL C 60 7.35 -15.09 1.24
CA VAL C 60 6.25 -14.27 1.76
C VAL C 60 5.94 -14.72 3.17
N VAL C 61 5.92 -16.01 3.42
CA VAL C 61 5.66 -16.43 4.78
C VAL C 61 6.70 -15.95 5.78
N MET C 62 7.92 -16.43 5.62
CA MET C 62 9.08 -15.97 6.40
C MET C 62 9.04 -14.50 6.70
N LEU C 63 8.48 -13.73 5.78
CA LEU C 63 8.37 -12.31 6.03
C LEU C 63 7.34 -12.13 7.13
N PHE C 64 6.16 -12.70 6.93
CA PHE C 64 5.09 -12.55 7.90
C PHE C 64 5.67 -12.77 9.27
N GLY C 65 6.43 -13.84 9.39
CA GLY C 65 7.00 -14.27 10.66
C GLY C 65 8.19 -13.50 11.24
N TRP C 66 8.76 -12.58 10.48
CA TRP C 66 9.70 -11.57 10.99
C TRP C 66 8.91 -10.61 11.86
N PHE C 67 7.67 -10.38 11.44
CA PHE C 67 6.74 -9.64 12.26
C PHE C 67 6.36 -10.44 13.48
N TRP C 68 6.04 -11.71 13.32
CA TRP C 68 5.66 -12.55 14.48
C TRP C 68 6.77 -12.60 15.50
N LEU C 69 8.00 -12.51 15.01
CA LEU C 69 9.15 -12.40 15.89
C LEU C 69 9.15 -11.04 16.54
N VAL C 70 9.05 -10.00 15.74
CA VAL C 70 9.10 -8.63 16.25
C VAL C 70 7.92 -8.24 17.17
N PHE C 71 6.69 -8.58 16.82
CA PHE C 71 5.58 -8.25 17.70
C PHE C 71 5.12 -9.48 18.44
N GLY C 72 5.87 -10.55 18.31
CA GLY C 72 5.49 -11.81 18.93
C GLY C 72 5.72 -11.88 20.43
N PRO C 73 5.54 -13.07 20.99
CA PRO C 73 5.81 -13.35 22.40
C PRO C 73 7.32 -13.49 22.67
N TYR C 74 8.09 -14.05 21.74
CA TYR C 74 9.52 -14.20 21.95
C TYR C 74 10.17 -12.86 21.64
N ALA C 75 9.34 -11.84 21.49
CA ALA C 75 9.81 -10.51 21.09
C ALA C 75 10.97 -10.02 21.95
N LYS C 76 10.75 -10.05 23.28
CA LYS C 76 11.67 -9.46 24.26
C LYS C 76 12.63 -10.49 24.81
N LYS C 77 12.35 -11.77 24.59
CA LYS C 77 13.24 -12.85 24.99
C LYS C 77 14.69 -12.49 24.68
N ARG C 78 15.60 -12.80 25.60
CA ARG C 78 17.02 -12.54 25.38
C ARG C 78 17.67 -13.81 24.81
N LEU C 79 18.61 -13.64 23.89
CA LEU C 79 19.22 -14.79 23.20
C LEU C 79 20.46 -15.30 23.94
N GLY C 80 20.23 -15.91 25.11
CA GLY C 80 21.28 -16.28 26.03
C GLY C 80 21.35 -15.28 27.19
N GLU C 81 21.83 -15.73 28.35
CA GLU C 81 21.91 -14.85 29.53
C GLU C 81 23.02 -13.80 29.45
N GLU C 82 24.26 -14.26 29.22
CA GLU C 82 25.42 -13.38 29.15
C GLU C 82 25.13 -12.08 28.41
N PRO C 83 25.94 -11.03 28.66
CA PRO C 83 25.86 -9.83 27.82
C PRO C 83 26.48 -10.08 26.46
N PRO C 84 26.20 -9.20 25.48
CA PRO C 84 26.65 -9.28 24.08
C PRO C 84 28.12 -8.89 23.98
N GLU C 85 28.91 -9.74 23.33
CA GLU C 85 30.36 -9.59 23.30
C GLU C 85 30.80 -8.67 22.18
N PHE C 86 29.93 -7.75 21.78
CA PHE C 86 30.24 -6.81 20.71
C PHE C 86 29.63 -5.47 20.98
N SER C 87 30.29 -4.43 20.50
CA SER C 87 29.70 -3.10 20.54
C SER C 87 28.60 -3.10 19.51
N THR C 88 27.46 -2.53 19.87
CA THR C 88 26.34 -2.49 18.94
C THR C 88 26.81 -1.98 17.58
N ALA C 89 27.77 -1.06 17.55
CA ALA C 89 28.35 -0.57 16.29
C ALA C 89 29.32 -1.57 15.64
N SER C 90 30.09 -2.29 16.44
CA SER C 90 30.98 -3.32 15.94
C SER C 90 30.15 -4.38 15.23
N TRP C 91 29.17 -4.88 15.98
CA TRP C 91 28.14 -5.79 15.53
C TRP C 91 27.61 -5.47 14.14
N ILE C 92 26.91 -4.34 14.04
CA ILE C 92 26.40 -3.86 12.75
C ILE C 92 27.46 -3.81 11.65
N PHE C 93 28.61 -3.20 11.92
CA PHE C 93 29.68 -3.16 10.94
C PHE C 93 30.06 -4.57 10.48
N MET C 94 29.96 -5.54 11.37
CA MET C 94 30.31 -6.93 11.05
C MET C 94 29.37 -7.52 10.00
N MET C 95 28.12 -7.06 10.04
CA MET C 95 27.10 -7.47 9.06
C MET C 95 27.38 -6.74 7.76
N PHE C 96 27.41 -5.42 7.85
CA PHE C 96 27.78 -4.56 6.74
C PHE C 96 28.98 -5.10 5.92
N ALA C 97 29.89 -5.76 6.61
CA ALA C 97 31.16 -6.15 6.00
C ALA C 97 31.12 -7.55 5.39
N SER C 98 30.14 -8.34 5.79
CA SER C 98 29.99 -9.69 5.28
C SER C 98 29.44 -9.72 3.85
N CYS C 99 28.52 -8.80 3.55
CA CYS C 99 27.77 -8.82 2.29
C CYS C 99 28.60 -8.80 1.01
N THR C 100 29.77 -8.17 1.04
CA THR C 100 30.56 -8.00 -0.18
C THR C 100 31.25 -9.29 -0.66
N SER C 101 30.61 -9.98 -1.60
CA SER C 101 31.25 -11.08 -2.31
C SER C 101 31.70 -10.68 -3.70
N ALA C 102 32.42 -11.60 -4.33
CA ALA C 102 32.89 -11.42 -5.68
C ALA C 102 31.67 -11.34 -6.58
N ALA C 103 30.81 -12.35 -6.43
CA ALA C 103 29.65 -12.61 -7.27
C ALA C 103 28.62 -11.49 -7.21
N VAL C 104 28.66 -10.75 -6.13
CA VAL C 104 27.71 -9.68 -5.89
C VAL C 104 28.12 -8.47 -6.74
N LEU C 105 29.41 -8.32 -6.95
CA LEU C 105 29.89 -7.28 -7.84
C LEU C 105 29.35 -7.53 -9.25
N PHE C 106 29.19 -8.80 -9.58
CA PHE C 106 28.73 -9.24 -10.90
C PHE C 106 27.31 -8.75 -11.18
N TRP C 107 26.37 -9.26 -10.37
CA TRP C 107 24.97 -8.89 -10.44
C TRP C 107 24.78 -7.39 -10.22
N GLY C 108 25.27 -6.86 -9.11
CA GLY C 108 25.22 -5.42 -8.89
C GLY C 108 25.49 -4.59 -10.14
N SER C 109 26.47 -5.04 -10.94
CA SER C 109 26.93 -4.27 -12.10
C SER C 109 26.07 -4.39 -13.35
N ILE C 110 25.47 -5.55 -13.55
CA ILE C 110 24.82 -5.84 -14.82
C ILE C 110 23.30 -5.90 -14.75
N GLU C 111 22.74 -6.27 -13.59
CA GLU C 111 21.34 -6.71 -13.56
C GLU C 111 20.38 -5.59 -13.95
N ILE C 112 20.76 -4.35 -13.64
CA ILE C 112 19.91 -3.23 -13.99
C ILE C 112 19.80 -3.08 -15.50
N TYR C 113 20.81 -3.55 -16.21
CA TYR C 113 20.76 -3.51 -17.66
C TYR C 113 19.58 -4.34 -18.19
N TYR C 114 19.50 -5.60 -17.78
CA TYR C 114 18.44 -6.48 -18.27
C TYR C 114 17.07 -5.98 -17.85
N TYR C 115 17.03 -5.36 -16.68
CA TYR C 115 15.78 -4.81 -16.16
C TYR C 115 15.23 -3.76 -17.17
N ILE C 116 16.16 -3.12 -17.87
CA ILE C 116 15.85 -2.08 -18.86
C ILE C 116 15.70 -2.70 -20.26
N SER C 117 16.64 -3.60 -20.58
CA SER C 117 16.67 -4.29 -21.86
C SER C 117 15.37 -5.07 -22.08
N THR C 118 15.10 -6.02 -21.19
CA THR C 118 13.81 -6.66 -21.18
C THR C 118 13.17 -6.48 -19.80
N PRO C 119 12.23 -5.51 -19.68
CA PRO C 119 11.56 -5.08 -18.44
C PRO C 119 10.39 -5.98 -18.05
N PRO C 120 9.83 -5.75 -16.84
CA PRO C 120 8.66 -6.49 -16.36
C PRO C 120 7.40 -5.66 -16.60
N PHE C 121 6.24 -6.27 -16.34
CA PHE C 121 4.98 -5.54 -16.42
C PHE C 121 4.68 -5.01 -17.82
N GLY C 122 5.21 -5.69 -18.84
CA GLY C 122 4.91 -5.35 -20.23
C GLY C 122 5.38 -3.95 -20.54
N LEU C 123 6.63 -3.70 -20.26
CA LEU C 123 7.12 -2.37 -20.36
C LEU C 123 7.90 -2.27 -21.63
N GLU C 124 7.84 -1.11 -22.27
CA GLU C 124 8.66 -0.88 -23.43
C GLU C 124 10.11 -0.74 -22.97
N PRO C 125 11.01 -1.53 -23.58
CA PRO C 125 12.45 -1.53 -23.30
C PRO C 125 13.13 -0.18 -23.49
N ASN C 126 14.06 0.13 -22.60
CA ASN C 126 14.91 1.29 -22.77
C ASN C 126 14.07 2.55 -22.85
N SER C 127 12.80 2.38 -22.49
CA SER C 127 11.88 3.47 -22.26
C SER C 127 12.20 4.12 -20.94
N THR C 128 12.31 5.44 -20.92
CA THR C 128 12.47 6.16 -19.67
C THR C 128 11.73 5.44 -18.54
N GLY C 129 10.54 4.94 -18.86
CA GLY C 129 9.74 4.15 -17.96
C GLY C 129 10.32 2.85 -17.41
N ALA C 130 10.88 1.99 -18.28
CA ALA C 130 11.55 0.76 -17.81
C ALA C 130 12.85 1.08 -17.10
N LYS C 131 13.27 2.34 -17.25
CA LYS C 131 14.45 2.86 -16.59
C LYS C 131 14.15 3.36 -15.17
N GLU C 132 13.15 4.23 -15.00
CA GLU C 132 12.82 4.67 -13.66
C GLU C 132 12.66 3.45 -12.75
N LEU C 133 12.08 2.39 -13.31
CA LEU C 133 11.78 1.16 -12.55
C LEU C 133 12.98 0.20 -12.40
N GLY C 134 14.05 0.45 -13.13
CA GLY C 134 15.23 -0.40 -13.09
C GLY C 134 15.74 -0.67 -11.68
N LEU C 135 16.24 0.38 -11.04
CA LEU C 135 16.86 0.29 -9.71
C LEU C 135 15.93 -0.19 -8.58
N ALA C 136 14.67 0.25 -8.64
CA ALA C 136 13.68 -0.19 -7.69
C ALA C 136 13.70 -1.70 -7.63
N TYR C 137 13.87 -2.35 -8.79
CA TYR C 137 13.83 -3.83 -8.83
C TYR C 137 15.06 -4.44 -8.18
N SER C 138 16.17 -3.70 -8.22
CA SER C 138 17.33 -4.03 -7.42
C SER C 138 16.94 -3.93 -5.95
N LEU C 139 16.49 -2.75 -5.54
CA LEU C 139 16.08 -2.52 -4.16
C LEU C 139 15.05 -3.55 -3.61
N PHE C 140 14.29 -4.17 -4.51
CA PHE C 140 13.40 -5.23 -4.11
C PHE C 140 14.18 -6.51 -3.87
N HIS C 141 15.03 -6.89 -4.83
CA HIS C 141 15.64 -8.21 -4.81
C HIS C 141 16.74 -8.30 -3.75
N TRP C 142 17.26 -7.15 -3.31
CA TRP C 142 18.30 -7.10 -2.26
C TRP C 142 17.97 -6.05 -1.25
N GLY C 143 16.70 -5.96 -0.89
CA GLY C 143 16.23 -4.93 0.02
C GLY C 143 16.13 -5.46 1.42
N PRO C 144 15.36 -4.77 2.27
CA PRO C 144 15.20 -5.31 3.62
C PRO C 144 14.41 -6.59 3.47
N LEU C 145 13.40 -6.49 2.62
CA LEU C 145 12.40 -7.53 2.49
C LEU C 145 12.98 -8.96 2.48
N PRO C 146 14.07 -9.19 1.71
CA PRO C 146 14.73 -10.51 1.62
C PRO C 146 15.55 -10.87 2.85
N TRP C 147 16.29 -9.91 3.38
CA TRP C 147 17.02 -10.08 4.63
C TRP C 147 16.12 -10.55 5.78
N ALA C 148 14.98 -9.85 5.90
CA ALA C 148 13.98 -10.15 6.90
C ALA C 148 13.68 -11.65 6.98
N THR C 149 13.81 -12.36 5.86
CA THR C 149 13.37 -13.74 5.83
C THR C 149 14.31 -14.60 6.66
N TYR C 150 15.53 -14.09 6.80
CA TYR C 150 16.62 -14.79 7.48
C TYR C 150 16.49 -14.76 9.00
N SER C 151 16.02 -13.63 9.51
CA SER C 151 15.76 -13.46 10.91
C SER C 151 15.08 -14.66 11.56
N PHE C 152 14.12 -15.33 10.93
CA PHE C 152 13.50 -16.47 11.64
C PHE C 152 14.49 -17.60 11.92
N LEU C 153 15.35 -17.90 10.95
CA LEU C 153 16.37 -18.90 11.16
C LEU C 153 17.54 -18.34 11.94
N SER C 154 17.81 -17.05 11.80
CA SER C 154 18.83 -16.39 12.61
C SER C 154 18.52 -16.47 14.13
N VAL C 155 17.23 -16.46 14.44
CA VAL C 155 16.79 -16.55 15.80
C VAL C 155 16.76 -17.99 16.24
N ALA C 156 16.33 -18.91 15.38
CA ALA C 156 16.38 -20.31 15.76
C ALA C 156 17.80 -20.77 16.03
N PHE C 157 18.75 -20.37 15.19
CA PHE C 157 20.11 -20.79 15.44
C PHE C 157 20.65 -20.09 16.67
N ALA C 158 20.29 -18.82 16.83
CA ALA C 158 20.63 -18.08 18.04
C ALA C 158 20.15 -18.82 19.29
N TYR C 159 18.87 -19.14 19.32
CA TYR C 159 18.26 -19.89 20.41
C TYR C 159 18.87 -21.28 20.60
N PHE C 160 19.01 -22.05 19.52
CA PHE C 160 19.68 -23.33 19.70
C PHE C 160 21.04 -23.10 20.37
N PHE C 161 21.81 -22.15 19.83
CA PHE C 161 23.18 -21.95 20.30
C PHE C 161 23.30 -21.59 21.78
N PHE C 162 22.43 -20.70 22.27
CA PHE C 162 22.59 -20.15 23.62
C PHE C 162 21.47 -20.49 24.61
N VAL C 163 20.22 -20.46 24.17
CA VAL C 163 19.12 -20.77 25.07
C VAL C 163 19.01 -22.29 25.34
N ARG C 164 19.65 -23.10 24.50
CA ARG C 164 19.64 -24.56 24.67
C ARG C 164 21.06 -25.10 24.76
N LYS C 165 22.02 -24.17 24.81
CA LYS C 165 23.45 -24.48 24.71
C LYS C 165 23.73 -25.74 23.88
N MET C 166 23.03 -25.87 22.75
CA MET C 166 23.22 -27.01 21.87
C MET C 166 24.40 -26.80 20.95
N GLU C 167 24.99 -27.91 20.56
CA GLU C 167 26.11 -27.88 19.65
C GLU C 167 25.54 -28.21 18.29
N VAL C 168 25.92 -27.43 17.29
CA VAL C 168 25.29 -27.53 15.99
C VAL C 168 26.31 -27.39 14.88
N ILE C 169 26.44 -28.44 14.07
CA ILE C 169 27.39 -28.44 12.96
C ILE C 169 26.65 -28.62 11.62
N ARG C 170 25.68 -29.54 11.61
CA ARG C 170 24.88 -29.85 10.43
C ARG C 170 23.39 -29.78 10.79
N PRO C 171 22.54 -29.51 9.78
CA PRO C 171 21.09 -29.29 9.86
C PRO C 171 20.30 -30.28 10.72
N SER C 172 20.73 -31.54 10.66
CA SER C 172 20.07 -32.61 11.41
C SER C 172 20.24 -32.43 12.92
N SER C 173 21.42 -31.97 13.32
CA SER C 173 21.76 -31.83 14.73
C SER C 173 20.81 -30.88 15.46
N THR C 174 19.88 -30.27 14.71
CA THR C 174 18.86 -29.41 15.31
C THR C 174 17.48 -30.10 15.32
N LEU C 175 17.38 -31.21 14.57
CA LEU C 175 16.09 -31.80 14.21
C LEU C 175 15.47 -32.68 15.25
N VAL C 176 16.29 -33.06 16.23
CA VAL C 176 15.86 -33.95 17.29
C VAL C 176 14.42 -33.73 17.74
N PRO C 177 14.04 -32.48 18.02
CA PRO C 177 12.70 -32.24 18.58
C PRO C 177 11.60 -32.49 17.57
N LEU C 178 11.86 -32.27 16.30
CA LEU C 178 10.82 -32.39 15.30
C LEU C 178 10.61 -33.85 14.96
N VAL C 179 11.67 -34.64 15.07
CA VAL C 179 11.67 -35.95 14.47
C VAL C 179 12.15 -37.07 15.38
N GLY C 180 12.67 -36.72 16.54
CA GLY C 180 13.14 -37.70 17.50
C GLY C 180 14.62 -37.96 17.36
N GLU C 181 15.35 -37.88 18.47
CA GLU C 181 16.78 -38.12 18.47
C GLU C 181 17.08 -39.35 17.63
N LYS C 182 16.13 -40.28 17.61
CA LYS C 182 16.22 -41.49 16.82
C LYS C 182 16.51 -41.21 15.35
N HIS C 183 15.59 -40.51 14.67
CA HIS C 183 15.70 -40.26 13.24
C HIS C 183 16.81 -39.27 12.81
N ALA C 184 17.12 -38.32 13.68
CA ALA C 184 18.10 -37.25 13.40
C ALA C 184 19.53 -37.78 13.41
N LYS C 185 19.82 -38.58 14.43
CA LYS C 185 21.06 -39.31 14.49
C LYS C 185 21.08 -40.33 13.35
N GLY C 186 19.89 -40.88 13.04
CA GLY C 186 19.73 -41.87 11.99
C GLY C 186 20.06 -41.41 10.58
N LEU C 187 19.43 -42.05 9.59
CA LEU C 187 19.72 -41.75 8.19
C LEU C 187 18.85 -40.61 7.69
N PHE C 188 17.64 -40.52 8.21
CA PHE C 188 16.78 -39.40 7.89
C PHE C 188 17.61 -38.12 7.92
N GLY C 189 18.33 -37.94 9.02
CA GLY C 189 19.15 -36.77 9.24
C GLY C 189 20.38 -36.80 8.36
N THR C 190 20.73 -37.99 7.92
CA THR C 190 21.87 -38.16 7.04
C THR C 190 21.51 -37.80 5.60
N ILE C 191 20.30 -38.17 5.18
CA ILE C 191 19.82 -37.76 3.86
C ILE C 191 19.73 -36.24 3.86
N VAL C 192 19.09 -35.72 4.91
CA VAL C 192 18.90 -34.28 5.08
C VAL C 192 20.25 -33.54 4.97
N ASP C 193 21.25 -34.03 5.67
CA ASP C 193 22.55 -33.37 5.69
C ASP C 193 23.28 -33.52 4.37
N ASN C 194 22.86 -34.52 3.59
CA ASN C 194 23.47 -34.78 2.30
C ASN C 194 22.90 -33.89 1.21
N PHE C 195 21.57 -33.92 1.06
CA PHE C 195 20.88 -32.98 0.17
C PHE C 195 21.36 -31.58 0.44
N TYR C 196 21.45 -31.24 1.73
CA TYR C 196 21.87 -29.92 2.15
C TYR C 196 23.22 -29.59 1.52
N LEU C 197 24.19 -30.43 1.87
CA LEU C 197 25.57 -30.28 1.41
C LEU C 197 25.65 -30.16 -0.11
N VAL C 198 25.22 -31.21 -0.81
CA VAL C 198 25.19 -31.22 -2.28
C VAL C 198 24.70 -29.91 -2.88
N ALA C 199 23.50 -29.49 -2.46
CA ALA C 199 22.94 -28.22 -2.89
C ALA C 199 23.93 -27.10 -2.61
N LEU C 200 24.40 -27.03 -1.37
CA LEU C 200 25.38 -26.03 -0.96
C LEU C 200 26.65 -26.03 -1.82
N ILE C 201 27.10 -27.23 -2.18
CA ILE C 201 28.30 -27.31 -2.99
C ILE C 201 28.05 -26.52 -4.28
N PHE C 202 27.09 -26.98 -5.08
CA PHE C 202 26.75 -26.34 -6.36
C PHE C 202 26.76 -24.81 -6.28
N ALA C 203 26.06 -24.28 -5.28
CA ALA C 203 25.99 -22.86 -5.01
C ALA C 203 27.39 -22.27 -4.87
N MET C 204 28.16 -22.84 -3.96
CA MET C 204 29.52 -22.41 -3.78
C MET C 204 30.26 -22.37 -5.11
N GLY C 205 30.01 -23.37 -5.94
CA GLY C 205 30.64 -23.45 -7.24
C GLY C 205 30.18 -22.35 -8.16
N THR C 206 28.89 -22.30 -8.41
CA THR C 206 28.34 -21.29 -9.29
C THR C 206 28.77 -19.89 -8.87
N SER C 207 29.02 -19.71 -7.57
CA SER C 207 29.47 -18.40 -7.08
C SER C 207 30.87 -18.18 -7.59
N LEU C 208 31.68 -19.22 -7.46
CA LEU C 208 33.03 -19.21 -7.99
C LEU C 208 33.01 -18.95 -9.51
N GLY C 209 32.08 -19.56 -10.21
CA GLY C 209 31.94 -19.37 -11.63
C GLY C 209 31.62 -17.95 -12.06
N LEU C 210 31.03 -17.16 -11.17
CA LEU C 210 30.71 -15.77 -11.48
C LEU C 210 31.93 -14.93 -11.23
N ALA C 211 32.58 -15.26 -10.13
CA ALA C 211 33.77 -14.56 -9.70
C ALA C 211 34.84 -14.60 -10.77
N THR C 212 35.12 -15.82 -11.24
CA THR C 212 36.25 -16.10 -12.13
C THR C 212 36.39 -15.13 -13.31
N PRO C 213 35.40 -15.10 -14.22
CA PRO C 213 35.48 -14.26 -15.41
C PRO C 213 35.59 -12.77 -15.09
N LEU C 214 35.25 -12.40 -13.88
CA LEU C 214 35.46 -11.02 -13.47
C LEU C 214 36.95 -10.81 -13.22
N VAL C 215 37.58 -11.79 -12.57
CA VAL C 215 39.01 -11.73 -12.30
C VAL C 215 39.82 -11.77 -13.61
N THR C 216 39.48 -12.70 -14.49
CA THR C 216 40.24 -12.93 -15.72
C THR C 216 39.97 -11.91 -16.81
N GLU C 217 38.80 -11.30 -16.78
CA GLU C 217 38.48 -10.24 -17.74
C GLU C 217 39.19 -8.96 -17.32
N CYS C 218 39.46 -8.88 -16.02
CA CYS C 218 40.23 -7.77 -15.49
C CYS C 218 41.68 -7.91 -15.89
N MET C 219 42.23 -9.10 -15.68
CA MET C 219 43.59 -9.37 -16.11
C MET C 219 43.74 -8.97 -17.56
N GLN C 220 43.01 -9.65 -18.44
CA GLN C 220 42.97 -9.27 -19.86
C GLN C 220 42.85 -7.75 -20.12
N TRP C 221 42.19 -7.01 -19.23
CA TRP C 221 42.03 -5.58 -19.51
C TRP C 221 43.30 -4.80 -19.19
N LEU C 222 43.84 -5.06 -18.00
CA LEU C 222 45.08 -4.44 -17.54
C LEU C 222 46.31 -4.92 -18.32
N PHE C 223 46.36 -6.23 -18.57
CA PHE C 223 47.53 -6.93 -19.08
C PHE C 223 47.49 -7.19 -20.60
N GLY C 224 46.45 -7.87 -21.07
CA GLY C 224 46.31 -8.19 -22.48
C GLY C 224 46.07 -9.68 -22.69
N ILE C 225 46.34 -10.45 -21.64
CA ILE C 225 46.17 -11.91 -21.62
C ILE C 225 44.75 -12.38 -21.94
N PRO C 226 44.55 -13.00 -23.12
CA PRO C 226 43.21 -13.41 -23.56
C PRO C 226 42.44 -14.22 -22.51
N HIS C 227 41.24 -13.75 -22.19
CA HIS C 227 40.33 -14.49 -21.33
C HIS C 227 39.88 -15.74 -22.09
N THR C 228 40.45 -16.88 -21.76
CA THR C 228 40.05 -18.14 -22.39
C THR C 228 39.60 -19.08 -21.30
N LEU C 229 39.15 -20.27 -21.68
CA LEU C 229 38.73 -21.25 -20.68
C LEU C 229 39.93 -21.93 -20.03
N GLN C 230 40.97 -22.17 -20.82
CA GLN C 230 42.16 -22.79 -20.27
C GLN C 230 42.84 -21.85 -19.29
N LEU C 231 42.38 -20.59 -19.27
CA LEU C 231 42.87 -19.58 -18.34
C LEU C 231 41.97 -19.39 -17.12
N ASP C 232 40.66 -19.57 -17.31
CA ASP C 232 39.74 -19.50 -16.18
C ASP C 232 40.07 -20.64 -15.24
N ALA C 233 40.44 -21.78 -15.82
CA ALA C 233 40.81 -22.96 -15.05
C ALA C 233 42.23 -22.87 -14.50
N ILE C 234 43.11 -22.16 -15.20
CA ILE C 234 44.42 -21.87 -14.64
C ILE C 234 44.21 -21.28 -13.27
N ILE C 235 43.34 -20.27 -13.23
CA ILE C 235 43.24 -19.46 -12.02
C ILE C 235 42.43 -20.10 -10.90
N ILE C 236 41.48 -20.98 -11.23
CA ILE C 236 40.81 -21.80 -10.21
C ILE C 236 41.79 -22.74 -9.49
N THR C 237 42.90 -23.08 -10.16
CA THR C 237 43.94 -23.93 -9.58
C THR C 237 44.90 -23.13 -8.67
N CYS C 238 45.29 -21.94 -9.12
CA CYS C 238 46.00 -20.94 -8.31
C CYS C 238 45.28 -20.67 -6.99
N TRP C 239 44.00 -20.33 -7.10
CA TRP C 239 43.14 -20.15 -5.95
C TRP C 239 43.28 -21.37 -5.02
N ILE C 240 43.11 -22.58 -5.57
CA ILE C 240 43.22 -23.83 -4.78
C ILE C 240 44.61 -24.05 -4.20
N ILE C 241 45.64 -23.84 -5.03
CA ILE C 241 47.03 -23.86 -4.58
C ILE C 241 47.19 -22.84 -3.47
N LEU C 242 46.97 -21.57 -3.83
CA LEU C 242 47.07 -20.48 -2.88
C LEU C 242 46.31 -20.82 -1.58
N ASN C 243 45.11 -21.38 -1.72
CA ASN C 243 44.33 -21.87 -0.58
C ASN C 243 45.16 -22.87 0.23
N ALA C 244 45.48 -24.00 -0.40
CA ALA C 244 46.27 -25.05 0.25
C ALA C 244 47.44 -24.48 1.09
N ILE C 245 48.25 -23.63 0.48
CA ILE C 245 49.37 -22.93 1.15
C ILE C 245 48.93 -22.18 2.42
N CYS C 246 47.95 -21.30 2.30
CA CYS C 246 47.48 -20.53 3.46
C CYS C 246 47.00 -21.43 4.60
N VAL C 247 46.23 -22.47 4.28
CA VAL C 247 45.68 -23.35 5.31
C VAL C 247 46.69 -24.34 5.84
N ALA C 248 47.51 -24.88 4.95
CA ALA C 248 48.57 -25.80 5.33
C ALA C 248 49.66 -25.11 6.15
N CYS C 249 49.61 -23.78 6.20
CA CYS C 249 50.60 -23.02 6.98
C CYS C 249 50.01 -22.44 8.26
N GLY C 250 48.76 -22.74 8.56
CA GLY C 250 48.09 -22.12 9.69
C GLY C 250 48.19 -20.61 9.59
N LEU C 251 48.13 -20.12 8.35
CA LEU C 251 48.37 -18.73 8.01
C LEU C 251 47.10 -17.89 8.15
N GLN C 252 46.02 -18.53 8.57
CA GLN C 252 44.70 -17.89 8.64
C GLN C 252 44.73 -16.59 9.44
N LYS C 253 45.74 -16.42 10.28
CA LYS C 253 45.86 -15.21 11.08
C LYS C 253 45.90 -13.99 10.16
N ALA C 254 46.58 -14.13 9.03
CA ALA C 254 46.79 -13.02 8.09
C ALA C 254 45.69 -12.95 7.03
N VAL C 255 44.99 -14.06 6.83
CA VAL C 255 43.80 -14.13 5.97
C VAL C 255 42.69 -13.20 6.48
N ARG C 256 42.49 -13.20 7.80
CA ARG C 256 41.55 -12.29 8.46
C ARG C 256 41.91 -10.83 8.17
N ILE C 257 43.21 -10.55 8.17
CA ILE C 257 43.70 -9.19 7.89
C ILE C 257 43.47 -8.77 6.43
N ALA C 258 43.53 -9.75 5.52
CA ALA C 258 43.30 -9.50 4.10
C ALA C 258 41.82 -9.31 3.81
N SER C 259 40.99 -10.12 4.46
CA SER C 259 39.54 -9.97 4.42
C SER C 259 39.12 -8.52 4.73
N ASP C 260 39.70 -7.94 5.77
CA ASP C 260 39.41 -6.56 6.14
C ASP C 260 39.87 -5.63 5.02
N VAL C 261 41.07 -5.87 4.50
CA VAL C 261 41.59 -5.03 3.42
C VAL C 261 40.58 -5.01 2.29
N ARG C 262 39.89 -6.15 2.13
CA ARG C 262 38.86 -6.32 1.12
C ARG C 262 37.63 -5.44 1.37
N SER C 263 37.04 -5.57 2.55
CA SER C 263 35.92 -4.73 2.96
C SER C 263 36.22 -3.25 2.71
N TYR C 264 37.35 -2.77 3.19
CA TYR C 264 37.71 -1.37 3.02
C TYR C 264 37.84 -0.98 1.56
N LEU C 265 38.51 -1.84 0.78
CA LEU C 265 38.69 -1.58 -0.63
C LEU C 265 37.34 -1.39 -1.32
N SER C 266 36.37 -2.24 -0.96
CA SER C 266 35.06 -2.22 -1.60
C SER C 266 34.23 -0.99 -1.19
N PHE C 267 34.31 -0.58 0.07
CA PHE C 267 33.66 0.67 0.46
C PHE C 267 34.32 1.76 -0.36
N LEU C 268 35.65 1.71 -0.38
CA LEU C 268 36.44 2.70 -1.06
C LEU C 268 35.99 2.83 -2.52
N MET C 269 35.93 1.69 -3.19
CA MET C 269 35.52 1.65 -4.59
C MET C 269 34.13 2.21 -4.78
N LEU C 270 33.17 1.65 -4.04
CA LEU C 270 31.78 2.10 -4.08
C LEU C 270 31.70 3.60 -3.89
N GLY C 271 32.42 4.09 -2.88
CA GLY C 271 32.54 5.51 -2.68
C GLY C 271 33.06 6.28 -3.88
N TRP C 272 34.12 5.74 -4.50
CA TRP C 272 34.69 6.32 -5.71
C TRP C 272 33.59 6.44 -6.78
N VAL C 273 33.02 5.30 -7.15
CA VAL C 273 32.02 5.32 -8.22
C VAL C 273 30.89 6.27 -7.92
N PHE C 274 30.59 6.41 -6.63
CA PHE C 274 29.50 7.27 -6.19
C PHE C 274 29.81 8.71 -6.58
N ILE C 275 30.93 9.22 -6.11
CA ILE C 275 31.13 10.66 -6.18
C ILE C 275 31.47 11.12 -7.58
N VAL C 276 32.11 10.24 -8.34
CA VAL C 276 32.54 10.59 -9.68
C VAL C 276 31.35 10.60 -10.61
N SER C 277 30.39 9.73 -10.30
CA SER C 277 29.28 9.50 -11.20
C SER C 277 28.20 10.56 -11.00
N GLY C 278 28.15 11.13 -9.82
CA GLY C 278 27.27 12.27 -9.62
C GLY C 278 26.24 12.01 -8.55
N ALA C 279 26.64 12.33 -7.32
CA ALA C 279 25.80 12.11 -6.16
C ALA C 279 24.41 12.67 -6.37
N SER C 280 24.29 13.95 -6.69
CA SER C 280 22.94 14.51 -6.81
C SER C 280 22.05 13.51 -7.49
N PHE C 281 22.48 13.05 -8.65
CA PHE C 281 21.65 12.14 -9.41
C PHE C 281 21.36 10.93 -8.56
N ILE C 282 22.39 10.13 -8.31
CA ILE C 282 22.31 8.99 -7.40
C ILE C 282 21.28 9.15 -6.24
N MET C 283 21.26 10.34 -5.63
CA MET C 283 20.33 10.66 -4.57
C MET C 283 18.92 10.75 -5.11
N ASN C 284 18.69 11.66 -6.05
CA ASN C 284 17.40 11.73 -6.72
C ASN C 284 16.96 10.36 -7.22
N TYR C 285 17.83 9.65 -7.91
CA TYR C 285 17.46 8.34 -8.44
C TYR C 285 17.15 7.33 -7.31
N PHE C 286 17.92 7.38 -6.22
CA PHE C 286 17.70 6.44 -5.12
C PHE C 286 16.34 6.67 -4.47
N THR C 287 16.12 7.96 -4.19
CA THR C 287 14.84 8.43 -3.74
C THR C 287 13.72 7.92 -4.63
N ASP C 288 13.65 8.40 -5.87
CA ASP C 288 12.55 8.06 -6.79
C ASP C 288 12.31 6.56 -6.74
N SER C 289 13.40 5.82 -6.72
CA SER C 289 13.36 4.37 -6.68
C SER C 289 12.72 3.77 -5.41
N VAL C 290 12.94 4.38 -4.25
CA VAL C 290 12.33 3.88 -3.02
C VAL C 290 10.80 3.85 -3.10
N GLY C 291 10.21 4.97 -3.53
CA GLY C 291 8.79 5.04 -3.77
C GLY C 291 8.24 4.00 -4.74
N MET C 292 8.95 3.77 -5.84
CA MET C 292 8.56 2.72 -6.75
C MET C 292 8.48 1.44 -5.97
N LEU C 293 9.56 1.13 -5.26
CA LEU C 293 9.67 -0.13 -4.50
C LEU C 293 8.48 -0.29 -3.59
N LEU C 294 8.21 0.78 -2.85
CA LEU C 294 7.11 0.86 -1.91
C LEU C 294 5.77 0.66 -2.57
N MET C 295 5.58 1.18 -3.78
CA MET C 295 4.27 1.06 -4.38
C MET C 295 4.12 -0.23 -5.19
N TYR C 296 5.21 -0.70 -5.79
CA TYR C 296 5.15 -1.93 -6.58
C TYR C 296 5.38 -3.20 -5.76
N LEU C 297 5.94 -3.01 -4.57
CA LEU C 297 6.24 -4.09 -3.65
C LEU C 297 5.31 -5.29 -3.67
N PRO C 298 4.00 -5.04 -3.52
CA PRO C 298 3.09 -6.19 -3.47
C PRO C 298 2.99 -6.87 -4.80
N ARG C 299 3.01 -6.09 -5.86
CA ARG C 299 2.86 -6.66 -7.17
C ARG C 299 4.00 -7.63 -7.38
N MET C 300 5.19 -7.13 -7.09
CA MET C 300 6.46 -7.87 -7.22
C MET C 300 6.63 -9.10 -6.31
N LEU C 301 6.20 -8.98 -5.08
CA LEU C 301 6.29 -10.06 -4.11
C LEU C 301 5.76 -11.39 -4.68
N PHE C 302 4.71 -11.27 -5.50
CA PHE C 302 3.92 -12.40 -5.97
C PHE C 302 3.92 -12.53 -7.52
N TYR C 303 4.72 -11.73 -8.22
CA TYR C 303 4.81 -11.75 -9.70
C TYR C 303 5.12 -13.09 -10.34
N THR C 304 4.22 -13.56 -11.19
CA THR C 304 4.48 -14.77 -12.01
C THR C 304 4.17 -14.58 -13.51
N ASP C 305 3.73 -13.37 -13.91
CA ASP C 305 3.45 -13.03 -15.32
C ASP C 305 2.79 -14.15 -16.14
N PRO C 306 1.63 -14.63 -15.71
CA PRO C 306 1.10 -15.88 -16.24
C PRO C 306 0.36 -15.72 -17.55
N ILE C 307 0.05 -14.49 -17.98
CA ILE C 307 -0.67 -14.36 -19.24
C ILE C 307 0.30 -14.08 -20.38
N ALA C 308 1.05 -12.98 -20.26
CA ALA C 308 2.11 -12.62 -21.20
C ALA C 308 3.24 -13.66 -21.29
N LYS C 309 3.31 -14.55 -20.33
CA LYS C 309 4.38 -15.54 -20.19
C LYS C 309 5.73 -15.00 -20.61
N GLY C 310 6.04 -13.75 -20.26
CA GLY C 310 7.41 -13.27 -20.32
C GLY C 310 8.12 -13.84 -19.12
N GLY C 311 9.37 -14.24 -19.26
CA GLY C 311 10.03 -15.02 -18.21
C GLY C 311 10.46 -14.28 -16.95
N PHE C 312 10.33 -12.95 -16.98
CA PHE C 312 10.92 -12.06 -15.96
C PHE C 312 10.98 -12.59 -14.51
N PRO C 313 9.81 -12.89 -13.91
CA PRO C 313 9.73 -13.39 -12.53
C PRO C 313 10.46 -14.67 -12.34
N GLN C 314 10.29 -15.58 -13.29
CA GLN C 314 10.88 -16.92 -13.18
C GLN C 314 12.38 -16.90 -13.34
N GLY C 315 12.85 -16.00 -14.21
CA GLY C 315 14.26 -15.93 -14.56
C GLY C 315 15.06 -15.07 -13.61
N TRP C 316 14.38 -14.18 -12.91
CA TRP C 316 15.05 -13.30 -11.97
C TRP C 316 14.67 -13.58 -10.52
N THR C 317 13.42 -13.30 -10.17
CA THR C 317 12.96 -13.51 -8.82
C THR C 317 13.14 -14.97 -8.43
N VAL C 318 12.43 -15.88 -9.09
CA VAL C 318 12.45 -17.28 -8.73
C VAL C 318 13.86 -17.89 -8.70
N PHE C 319 14.70 -17.44 -9.62
CA PHE C 319 16.12 -17.76 -9.59
C PHE C 319 16.74 -17.19 -8.31
N TYR C 320 16.62 -15.87 -8.09
CA TYR C 320 17.22 -15.27 -6.90
C TYR C 320 16.66 -15.86 -5.59
N TRP C 321 15.34 -15.76 -5.37
CA TRP C 321 14.71 -16.39 -4.21
C TRP C 321 15.39 -17.74 -3.87
N ALA C 322 15.50 -18.64 -4.85
CA ALA C 322 16.11 -19.94 -4.60
C ALA C 322 17.58 -19.88 -4.17
N TRP C 323 18.35 -18.93 -4.69
CA TRP C 323 19.73 -18.80 -4.23
C TRP C 323 19.68 -18.50 -2.76
N TRP C 324 18.81 -17.57 -2.40
CA TRP C 324 18.60 -17.16 -1.00
C TRP C 324 18.21 -18.32 -0.09
N VAL C 325 17.45 -19.26 -0.61
CA VAL C 325 16.98 -20.37 0.21
C VAL C 325 18.14 -21.28 0.57
N ILE C 326 19.17 -21.31 -0.28
CA ILE C 326 20.37 -22.13 -0.03
C ILE C 326 21.28 -21.49 1.04
N TYR C 327 21.87 -20.34 0.72
CA TYR C 327 22.70 -19.62 1.69
C TYR C 327 21.98 -19.29 2.98
N ALA C 328 20.67 -19.53 3.01
CA ALA C 328 19.82 -19.19 4.15
C ALA C 328 20.40 -19.68 5.49
N ILE C 329 20.65 -20.97 5.59
CA ILE C 329 21.22 -21.50 6.82
C ILE C 329 22.64 -21.03 7.07
N GLN C 330 23.51 -21.04 6.08
CA GLN C 330 24.86 -20.65 6.40
C GLN C 330 24.96 -19.29 7.08
N MET C 331 24.11 -18.35 6.68
CA MET C 331 24.16 -16.99 7.23
C MET C 331 23.54 -16.92 8.63
N SER C 332 22.30 -17.42 8.74
CA SER C 332 21.55 -17.37 10.00
C SER C 332 22.40 -17.84 11.17
N ILE C 333 23.19 -18.88 10.90
CA ILE C 333 24.15 -19.41 11.84
C ILE C 333 25.18 -18.34 12.19
N PHE C 334 25.62 -17.60 11.17
CA PHE C 334 26.58 -16.51 11.35
C PHE C 334 25.94 -15.31 12.03
N LEU C 335 24.75 -14.95 11.59
CA LEU C 335 24.08 -13.86 12.26
C LEU C 335 23.92 -14.26 13.73
N ALA C 336 23.57 -15.52 13.96
CA ALA C 336 23.41 -16.07 15.33
C ALA C 336 24.64 -15.91 16.23
N ARG C 337 25.82 -16.21 15.72
CA ARG C 337 27.03 -16.14 16.55
C ARG C 337 27.48 -14.71 16.85
N ILE C 338 27.58 -13.86 15.84
CA ILE C 338 27.95 -12.46 16.03
C ILE C 338 26.96 -11.73 16.97
N SER C 339 25.86 -12.40 17.31
CA SER C 339 24.76 -11.75 17.98
C SER C 339 24.37 -12.31 19.35
N ARG C 340 25.26 -13.00 20.04
CA ARG C 340 24.86 -13.59 21.32
C ARG C 340 24.38 -12.51 22.27
N GLY C 341 23.39 -12.87 23.08
CA GLY C 341 22.93 -12.02 24.16
C GLY C 341 22.12 -10.83 23.72
N ARG C 342 21.47 -10.93 22.58
CA ARG C 342 20.61 -9.84 22.22
C ARG C 342 19.21 -10.33 22.29
N THR C 343 18.27 -9.40 22.21
CA THR C 343 16.87 -9.75 22.24
C THR C 343 16.36 -10.10 20.82
N VAL C 344 15.44 -11.07 20.76
CA VAL C 344 14.88 -11.50 19.49
C VAL C 344 14.65 -10.29 18.60
N ARG C 345 13.86 -9.34 19.10
CA ARG C 345 13.58 -8.11 18.38
C ARG C 345 14.82 -7.24 18.13
N GLU C 346 15.76 -7.24 19.05
CA GLU C 346 16.97 -6.46 18.83
C GLU C 346 17.55 -6.91 17.51
N LEU C 347 17.50 -8.21 17.29
CA LEU C 347 18.17 -8.85 16.15
C LEU C 347 17.46 -8.58 14.81
N CYS C 348 16.15 -8.78 14.78
CA CYS C 348 15.32 -8.55 13.59
C CYS C 348 15.55 -7.15 13.07
N PHE C 349 15.41 -6.15 13.94
CA PHE C 349 15.64 -4.77 13.53
C PHE C 349 17.09 -4.54 13.14
N GLY C 350 17.99 -5.28 13.76
CA GLY C 350 19.40 -5.06 13.51
C GLY C 350 19.94 -5.60 12.20
N MET C 351 19.67 -6.89 11.96
CA MET C 351 20.19 -7.56 10.77
C MET C 351 19.69 -6.86 9.52
N VAL C 352 18.38 -6.58 9.49
CA VAL C 352 17.78 -5.94 8.34
C VAL C 352 18.35 -4.54 8.09
N LEU C 353 18.23 -3.64 9.07
CA LEU C 353 18.87 -2.33 9.01
C LEU C 353 20.31 -2.44 8.53
N GLY C 354 21.05 -3.36 9.15
CA GLY C 354 22.46 -3.53 8.85
C GLY C 354 22.74 -3.97 7.42
N LEU C 355 22.45 -5.24 7.18
CA LEU C 355 22.64 -5.83 5.88
C LEU C 355 22.11 -4.94 4.73
N THR C 356 20.82 -4.59 4.74
CA THR C 356 20.25 -3.73 3.68
C THR C 356 21.05 -2.47 3.43
N ALA C 357 21.58 -1.88 4.49
CA ALA C 357 22.39 -0.70 4.30
C ALA C 357 23.43 -1.07 3.25
N SER C 358 24.10 -2.19 3.53
CA SER C 358 25.17 -2.73 2.68
C SER C 358 24.69 -2.97 1.27
N THR C 359 23.75 -3.89 1.13
CA THR C 359 23.25 -4.26 -0.18
C THR C 359 22.73 -3.06 -0.96
N TRP C 360 21.91 -2.22 -0.34
CA TRP C 360 21.30 -1.12 -1.08
C TRP C 360 22.35 -0.16 -1.66
N ILE C 361 23.39 0.10 -0.89
CA ILE C 361 24.36 1.04 -1.38
C ILE C 361 25.00 0.53 -2.65
N LEU C 362 25.48 -0.70 -2.56
CA LEU C 362 26.16 -1.31 -3.67
C LEU C 362 25.38 -1.10 -4.94
N TRP C 363 24.34 -1.91 -5.09
CA TRP C 363 23.42 -1.96 -6.24
C TRP C 363 22.82 -0.63 -6.76
N THR C 364 22.84 0.41 -5.92
CA THR C 364 22.34 1.68 -6.39
C THR C 364 23.51 2.47 -6.91
N VAL C 365 24.70 2.14 -6.46
CA VAL C 365 25.84 2.82 -7.01
C VAL C 365 26.20 2.23 -8.36
N LEU C 366 26.44 0.93 -8.39
CA LEU C 366 26.93 0.27 -9.59
C LEU C 366 25.93 0.34 -10.70
N GLY C 367 24.68 0.23 -10.32
CA GLY C 367 23.60 0.25 -11.27
C GLY C 367 23.36 1.62 -11.84
N SER C 368 23.47 2.69 -11.04
CA SER C 368 23.28 4.01 -11.64
C SER C 368 24.51 4.41 -12.50
N ASN C 369 25.67 3.86 -12.16
CA ASN C 369 26.85 3.98 -13.02
C ASN C 369 26.49 3.36 -14.35
N THR C 370 26.39 2.02 -14.34
CA THR C 370 26.07 1.25 -15.54
C THR C 370 24.78 1.71 -16.25
N LEU C 371 23.94 2.50 -15.55
CA LEU C 371 22.72 3.09 -16.14
C LEU C 371 23.07 4.36 -16.91
N LEU C 372 23.91 5.18 -16.29
CA LEU C 372 24.40 6.40 -16.92
C LEU C 372 25.20 6.06 -18.17
N LEU C 373 26.04 5.04 -18.07
CA LEU C 373 26.78 4.53 -19.22
C LEU C 373 25.83 4.23 -20.35
N ILE C 374 24.67 3.72 -20.00
CA ILE C 374 23.63 3.36 -20.98
C ILE C 374 23.04 4.59 -21.66
N ASP C 375 22.75 5.64 -20.89
CA ASP C 375 22.19 6.85 -21.46
C ASP C 375 23.25 7.76 -22.07
N LYS C 376 24.51 7.32 -22.04
CA LYS C 376 25.61 8.10 -22.62
C LYS C 376 25.97 7.54 -24.01
N ASN C 377 25.58 6.29 -24.24
CA ASN C 377 26.07 5.51 -25.38
C ASN C 377 27.59 5.48 -25.50
N ILE C 378 28.24 5.67 -24.36
CA ILE C 378 29.67 5.43 -24.24
C ILE C 378 29.97 4.07 -24.84
N LEU C 379 29.29 3.04 -24.34
CA LEU C 379 29.50 1.68 -24.79
C LEU C 379 28.20 1.00 -25.20
N ASN C 380 28.31 0.06 -26.12
CA ASN C 380 27.18 -0.74 -26.55
C ASN C 380 27.17 -2.06 -25.75
N ILE C 381 26.53 -2.03 -24.58
CA ILE C 381 26.52 -3.18 -23.69
C ILE C 381 26.00 -4.46 -24.37
N PRO C 382 24.94 -4.33 -25.19
CA PRO C 382 24.29 -5.48 -25.84
C PRO C 382 25.18 -6.21 -26.82
N ASN C 383 25.96 -5.44 -27.58
CA ASN C 383 26.84 -5.95 -28.61
C ASN C 383 28.08 -6.54 -27.97
N LEU C 384 28.43 -6.00 -26.80
CA LEU C 384 29.52 -6.50 -25.98
C LEU C 384 29.15 -7.85 -25.39
N ILE C 385 27.97 -7.96 -24.82
CA ILE C 385 27.54 -9.24 -24.29
C ILE C 385 27.47 -10.26 -25.42
N GLU C 386 26.94 -9.83 -26.57
CA GLU C 386 26.74 -10.73 -27.71
C GLU C 386 28.01 -11.42 -28.19
N GLN C 387 29.06 -10.63 -28.43
CA GLN C 387 30.30 -11.16 -28.98
C GLN C 387 31.34 -11.63 -27.94
N TYR C 388 31.18 -11.26 -26.67
CA TYR C 388 32.20 -11.61 -25.70
C TYR C 388 31.69 -12.30 -24.42
N GLY C 389 30.42 -12.12 -24.07
CA GLY C 389 29.92 -12.65 -22.82
C GLY C 389 29.79 -11.58 -21.75
N VAL C 390 28.87 -11.80 -20.83
CA VAL C 390 28.45 -10.79 -19.88
C VAL C 390 29.62 -10.04 -19.26
N ALA C 391 30.47 -10.79 -18.56
CA ALA C 391 31.62 -10.26 -17.80
C ALA C 391 32.46 -9.23 -18.56
N ARG C 392 32.63 -9.44 -19.87
CA ARG C 392 33.38 -8.49 -20.67
C ARG C 392 32.71 -7.12 -20.54
N ALA C 393 31.39 -7.10 -20.66
CA ALA C 393 30.65 -5.85 -20.55
C ALA C 393 30.85 -5.24 -19.17
N ILE C 394 30.58 -6.03 -18.14
CA ILE C 394 30.70 -5.58 -16.75
C ILE C 394 31.97 -4.78 -16.55
N ILE C 395 33.09 -5.31 -17.06
CA ILE C 395 34.41 -4.69 -16.91
C ILE C 395 34.49 -3.42 -17.73
N GLU C 396 33.81 -3.39 -18.85
CA GLU C 396 33.80 -2.21 -19.68
C GLU C 396 33.12 -1.05 -18.98
N THR C 397 32.23 -1.38 -18.03
CA THR C 397 31.48 -0.35 -17.29
C THR C 397 32.28 0.21 -16.10
N TRP C 398 33.23 -0.58 -15.62
CA TRP C 398 34.18 -0.14 -14.59
C TRP C 398 35.27 0.70 -15.23
N ALA C 399 35.67 0.31 -16.44
CA ALA C 399 36.81 0.89 -17.14
C ALA C 399 36.41 2.16 -17.89
N ALA C 400 35.11 2.35 -18.07
CA ALA C 400 34.60 3.56 -18.65
C ALA C 400 34.74 4.71 -17.66
N LEU C 401 35.14 4.37 -16.43
CA LEU C 401 35.30 5.35 -15.36
C LEU C 401 36.58 6.16 -15.48
N PRO C 402 36.62 7.36 -14.87
CA PRO C 402 37.82 8.20 -14.81
C PRO C 402 38.98 7.52 -14.08
N LEU C 403 40.22 7.75 -14.55
CA LEU C 403 41.41 7.07 -14.00
C LEU C 403 41.27 5.56 -14.14
N SER C 404 40.84 5.17 -15.33
CA SER C 404 40.41 3.80 -15.61
C SER C 404 41.35 2.72 -15.07
N THR C 405 42.64 2.90 -15.35
CA THR C 405 43.66 1.92 -15.04
C THR C 405 43.79 1.62 -13.54
N ALA C 406 43.81 2.67 -12.73
CA ALA C 406 43.84 2.52 -11.27
C ALA C 406 42.54 1.92 -10.78
N THR C 407 41.44 2.54 -11.23
CA THR C 407 40.09 2.06 -10.98
C THR C 407 40.00 0.55 -11.20
N MET C 408 40.58 0.09 -12.31
CA MET C 408 40.57 -1.31 -12.69
C MET C 408 41.52 -2.18 -11.88
N TRP C 409 42.51 -1.52 -11.27
CA TRP C 409 43.39 -2.18 -10.31
C TRP C 409 42.65 -2.46 -9.02
N GLY C 410 41.95 -1.44 -8.54
CA GLY C 410 41.13 -1.60 -7.36
C GLY C 410 40.19 -2.78 -7.50
N PHE C 411 39.44 -2.80 -8.59
CA PHE C 411 38.46 -3.86 -8.81
C PHE C 411 39.18 -5.21 -8.84
N PHE C 412 40.24 -5.27 -9.63
CA PHE C 412 41.00 -6.50 -9.80
C PHE C 412 41.41 -7.07 -8.45
N ILE C 413 42.14 -6.28 -7.68
CA ILE C 413 42.54 -6.67 -6.33
C ILE C 413 41.31 -7.09 -5.53
N LEU C 414 40.33 -6.20 -5.50
CA LEU C 414 39.08 -6.47 -4.80
C LEU C 414 38.55 -7.86 -5.14
N CYS C 415 38.28 -8.08 -6.42
CA CYS C 415 37.77 -9.38 -6.86
C CYS C 415 38.71 -10.50 -6.43
N PHE C 416 40.00 -10.21 -6.51
CA PHE C 416 41.03 -11.19 -6.24
C PHE C 416 40.95 -11.67 -4.80
N ILE C 417 41.35 -10.78 -3.87
CA ILE C 417 41.40 -11.09 -2.45
C ILE C 417 40.05 -11.53 -1.93
N ALA C 418 38.99 -11.07 -2.58
CA ALA C 418 37.65 -11.46 -2.23
C ALA C 418 37.42 -12.95 -2.53
N THR C 419 37.82 -13.39 -3.72
CA THR C 419 37.56 -14.77 -4.12
C THR C 419 38.36 -15.75 -3.27
N VAL C 420 39.61 -15.37 -2.97
CA VAL C 420 40.43 -16.11 -2.03
C VAL C 420 39.63 -16.35 -0.77
N THR C 421 39.21 -15.25 -0.13
CA THR C 421 38.42 -15.30 1.09
C THR C 421 37.32 -16.34 0.93
N LEU C 422 36.58 -16.19 -0.17
CA LEU C 422 35.49 -17.10 -0.52
C LEU C 422 35.93 -18.56 -0.47
N VAL C 423 36.94 -18.89 -1.26
CA VAL C 423 37.43 -20.26 -1.37
C VAL C 423 37.81 -20.81 -0.02
N ASN C 424 38.72 -20.10 0.65
CA ASN C 424 39.13 -20.44 2.00
C ASN C 424 37.91 -20.77 2.86
N ALA C 425 36.86 -19.98 2.68
CA ALA C 425 35.65 -20.12 3.48
C ALA C 425 34.86 -21.41 3.20
N CYS C 426 34.65 -21.70 1.91
CA CYS C 426 33.80 -22.82 1.46
C CYS C 426 34.38 -24.13 1.92
N SER C 427 35.71 -24.15 1.92
CA SER C 427 36.53 -25.31 2.24
C SER C 427 36.43 -25.63 3.71
N TYR C 428 36.70 -24.63 4.54
CA TYR C 428 36.50 -24.77 5.97
C TYR C 428 35.11 -25.34 6.24
N THR C 429 34.09 -24.60 5.82
CA THR C 429 32.71 -25.00 6.13
C THR C 429 32.41 -26.40 5.63
N LEU C 430 32.82 -26.68 4.40
CA LEU C 430 32.54 -27.97 3.78
C LEU C 430 33.23 -29.11 4.52
N ALA C 431 34.55 -28.98 4.64
CA ALA C 431 35.33 -29.94 5.39
C ALA C 431 34.71 -30.14 6.77
N MET C 432 34.20 -29.05 7.33
CA MET C 432 33.68 -29.05 8.68
C MET C 432 32.41 -29.84 8.85
N SER C 433 31.52 -29.75 7.87
CA SER C 433 30.23 -30.42 7.99
C SER C 433 30.37 -31.86 7.55
N THR C 434 31.57 -32.21 7.09
CA THR C 434 31.82 -33.55 6.58
C THR C 434 32.79 -34.38 7.47
N CYS C 435 33.29 -33.77 8.54
CA CYS C 435 34.15 -34.46 9.53
C CYS C 435 33.46 -34.69 10.89
N ARG C 436 33.57 -35.90 11.42
CA ARG C 436 32.98 -36.22 12.74
C ARG C 436 33.86 -35.77 13.92
N GLU C 437 33.25 -35.61 15.09
CA GLU C 437 34.00 -35.26 16.30
C GLU C 437 34.94 -34.06 16.10
N VAL C 438 34.40 -32.94 15.64
CA VAL C 438 35.20 -31.74 15.47
C VAL C 438 34.55 -30.56 16.20
N ARG C 439 35.27 -29.99 17.18
CA ARG C 439 34.74 -28.85 17.92
C ARG C 439 34.64 -27.64 16.99
N ASP C 440 33.66 -26.79 17.25
CA ASP C 440 33.52 -25.55 16.51
C ASP C 440 34.70 -24.63 16.85
N GLY C 441 35.13 -23.85 15.86
CA GLY C 441 36.25 -22.94 16.06
C GLY C 441 37.58 -23.63 15.83
N GLU C 442 37.53 -24.92 15.49
CA GLU C 442 38.74 -25.72 15.33
C GLU C 442 39.06 -26.01 13.86
N ASP C 443 40.34 -25.98 13.53
CA ASP C 443 40.77 -26.27 12.16
C ASP C 443 40.65 -27.76 11.84
N PRO C 444 39.91 -28.09 10.76
CA PRO C 444 39.72 -29.47 10.30
C PRO C 444 40.93 -29.97 9.50
N PRO C 445 40.97 -31.29 9.23
CA PRO C 445 42.02 -32.02 8.50
C PRO C 445 42.39 -31.38 7.15
N LEU C 446 43.67 -31.04 6.95
CA LEU C 446 44.10 -30.36 5.72
C LEU C 446 43.78 -31.07 4.41
N LEU C 447 43.76 -32.40 4.44
CA LEU C 447 43.43 -33.16 3.24
C LEU C 447 41.95 -33.01 2.86
N VAL C 448 41.05 -33.23 3.82
CA VAL C 448 39.62 -33.04 3.60
C VAL C 448 39.30 -31.59 3.22
N ARG C 449 39.98 -30.65 3.88
CA ARG C 449 39.82 -29.25 3.55
C ARG C 449 40.21 -28.94 2.09
N ILE C 450 41.50 -28.97 1.78
CA ILE C 450 41.95 -28.68 0.42
C ILE C 450 41.29 -29.63 -0.60
N GLY C 451 40.92 -30.82 -0.15
CA GLY C 451 40.19 -31.77 -0.99
C GLY C 451 38.94 -31.16 -1.61
N TRP C 452 38.07 -30.63 -0.77
CA TRP C 452 36.85 -29.98 -1.23
C TRP C 452 37.15 -28.80 -2.16
N SER C 453 38.13 -27.97 -1.80
CA SER C 453 38.42 -26.79 -2.63
C SER C 453 38.65 -27.16 -4.10
N ILE C 454 39.18 -28.35 -4.36
CA ILE C 454 39.33 -28.81 -5.75
C ILE C 454 37.98 -29.19 -6.40
N LEU C 455 37.15 -29.93 -5.65
CA LEU C 455 35.80 -30.31 -6.12
C LEU C 455 34.91 -29.10 -6.44
N VAL C 456 34.97 -28.08 -5.57
CA VAL C 456 34.29 -26.81 -5.80
C VAL C 456 34.81 -26.15 -7.09
N GLY C 457 36.12 -25.92 -7.15
CA GLY C 457 36.74 -25.32 -8.33
C GLY C 457 36.48 -26.07 -9.64
N ILE C 458 36.21 -27.38 -9.51
CA ILE C 458 35.86 -28.30 -10.61
C ILE C 458 34.46 -28.00 -11.14
N ILE C 459 33.51 -27.85 -10.22
CA ILE C 459 32.15 -27.45 -10.55
C ILE C 459 32.15 -26.17 -11.38
N GLY C 460 32.78 -25.12 -10.85
CA GLY C 460 32.84 -23.82 -11.48
C GLY C 460 33.24 -23.81 -12.94
N ILE C 461 34.31 -24.52 -13.27
CA ILE C 461 34.75 -24.60 -14.66
C ILE C 461 33.72 -25.33 -15.50
N VAL C 462 33.15 -26.42 -14.97
CA VAL C 462 32.11 -27.19 -15.66
C VAL C 462 30.97 -26.29 -16.07
N LEU C 463 30.67 -25.32 -15.22
CA LEU C 463 29.68 -24.30 -15.53
C LEU C 463 30.28 -23.27 -16.50
N LEU C 464 31.49 -22.78 -16.20
CA LEU C 464 32.23 -21.88 -17.09
C LEU C 464 32.34 -22.48 -18.47
N ALA C 465 32.49 -23.80 -18.47
CA ALA C 465 32.54 -24.62 -19.68
C ALA C 465 31.20 -24.64 -20.40
N LEU C 466 30.14 -25.05 -19.70
CA LEU C 466 28.81 -25.15 -20.29
C LEU C 466 28.34 -23.83 -20.94
N GLY C 467 28.94 -22.72 -20.52
CA GLY C 467 28.66 -21.42 -21.11
C GLY C 467 27.25 -20.93 -20.91
N GLY C 468 27.11 -19.62 -20.67
CA GLY C 468 25.81 -19.01 -20.42
C GLY C 468 25.54 -18.88 -18.94
N LEU C 469 24.41 -18.26 -18.62
CA LEU C 469 24.01 -18.09 -17.23
C LEU C 469 23.07 -19.24 -16.86
N LYS C 470 22.33 -19.75 -17.85
CA LYS C 470 21.39 -20.85 -17.63
C LYS C 470 21.90 -21.99 -16.78
N PRO C 471 23.19 -22.36 -16.95
CA PRO C 471 23.79 -23.39 -16.08
C PRO C 471 23.82 -22.93 -14.61
N ILE C 472 24.50 -21.81 -14.37
CA ILE C 472 24.49 -21.10 -13.09
C ILE C 472 23.13 -21.09 -12.38
N GLN C 473 22.11 -20.52 -13.03
CA GLN C 473 20.80 -20.42 -12.40
C GLN C 473 20.05 -21.74 -12.22
N THR C 474 20.19 -22.67 -13.15
CA THR C 474 19.62 -24.01 -12.94
C THR C 474 20.30 -24.65 -11.72
N ALA C 475 21.62 -24.57 -11.68
CA ALA C 475 22.42 -25.04 -10.55
C ALA C 475 21.74 -24.68 -9.24
N ILE C 476 21.60 -23.39 -9.07
CA ILE C 476 20.95 -22.78 -7.92
C ILE C 476 19.50 -23.21 -7.73
N ILE C 477 18.65 -22.92 -8.73
CA ILE C 477 17.24 -23.28 -8.66
C ILE C 477 17.06 -24.73 -8.25
N ALA C 478 17.86 -25.63 -8.83
CA ALA C 478 17.89 -27.01 -8.41
C ALA C 478 18.26 -27.11 -6.92
N GLY C 479 19.38 -26.50 -6.55
CA GLY C 479 19.82 -26.50 -5.16
C GLY C 479 18.69 -26.17 -4.22
N GLY C 480 18.12 -25.00 -4.44
CA GLY C 480 17.03 -24.50 -3.61
C GLY C 480 15.88 -25.46 -3.35
N CYS C 481 15.72 -26.48 -4.17
CA CYS C 481 14.52 -27.33 -4.03
C CYS C 481 14.46 -28.14 -2.74
N PRO C 482 15.53 -28.90 -2.40
CA PRO C 482 15.53 -29.59 -1.11
C PRO C 482 15.51 -28.61 0.08
N LEU C 483 16.37 -27.60 0.00
CA LEU C 483 16.60 -26.60 1.04
C LEU C 483 15.32 -25.86 1.41
N PHE C 484 14.41 -25.80 0.45
CA PHE C 484 13.08 -25.31 0.71
C PHE C 484 12.54 -26.01 1.95
N PHE C 485 12.59 -27.33 1.96
CA PHE C 485 12.04 -28.07 3.08
C PHE C 485 13.05 -28.19 4.22
N VAL C 486 14.34 -28.21 3.90
CA VAL C 486 15.35 -28.26 4.96
C VAL C 486 15.10 -27.07 5.89
N ASN C 487 15.17 -25.87 5.29
CA ASN C 487 14.94 -24.61 5.98
C ASN C 487 13.67 -24.61 6.84
N ILE C 488 12.54 -24.93 6.21
CA ILE C 488 11.24 -25.11 6.86
C ILE C 488 11.35 -26.09 8.02
N MET C 489 12.12 -27.15 7.79
CA MET C 489 12.26 -28.18 8.81
C MET C 489 12.96 -27.61 10.04
N VAL C 490 14.17 -27.08 9.87
CA VAL C 490 14.86 -26.38 10.94
C VAL C 490 13.92 -25.45 11.66
N THR C 491 13.20 -24.65 10.89
CA THR C 491 12.30 -23.64 11.43
C THR C 491 11.21 -24.23 12.32
N LEU C 492 10.59 -25.30 11.85
CA LEU C 492 9.58 -26.02 12.60
C LEU C 492 10.13 -26.70 13.85
N SER C 493 11.30 -27.28 13.70
CA SER C 493 12.04 -27.84 14.80
C SER C 493 12.22 -26.76 15.88
N PHE C 494 12.83 -25.64 15.51
CA PHE C 494 13.00 -24.52 16.43
C PHE C 494 11.70 -24.15 17.13
N ILE C 495 10.57 -24.36 16.47
CA ILE C 495 9.29 -23.99 17.05
C ILE C 495 8.80 -25.01 18.04
N LYS C 496 8.82 -26.30 17.68
CA LYS C 496 8.33 -27.30 18.60
C LYS C 496 9.10 -27.20 19.92
N ASP C 497 10.41 -26.95 19.82
CA ASP C 497 11.31 -26.97 20.98
C ASP C 497 11.37 -25.66 21.81
N ALA C 498 10.75 -24.60 21.32
CA ALA C 498 10.62 -23.39 22.12
C ALA C 498 9.22 -23.32 22.75
N LYS C 499 8.27 -24.06 22.17
CA LYS C 499 6.94 -24.11 22.72
C LYS C 499 6.97 -24.70 24.12
N GLN C 500 7.94 -25.57 24.37
CA GLN C 500 8.03 -26.28 25.64
C GLN C 500 9.16 -25.81 26.56
N ASN C 501 10.27 -25.33 25.99
CA ASN C 501 11.41 -24.93 26.81
C ASN C 501 11.55 -23.43 27.11
N TRP C 502 11.32 -22.58 26.12
CA TRP C 502 11.54 -21.14 26.34
C TRP C 502 10.61 -20.58 27.44
N LYS C 503 9.31 -20.51 27.16
CA LYS C 503 8.33 -20.06 28.16
C LYS C 503 8.82 -18.87 29.00
N1 NM2 D . -23.93 -12.73 -2.69
C8 NM2 D . -23.08 -12.42 -3.85
O4 NM2 D . -23.57 -14.97 2.55
C5 NM2 D . -23.55 -14.66 1.34
O7 NM2 D . -23.79 -15.47 0.43
C6 NM2 D . -23.20 -13.23 0.99
C2 NM2 D . -23.10 -12.82 -1.48
C9 NM2 D . -24.62 -14.00 -2.91
C10 NM2 D . -24.92 -11.65 -2.51
C3 NM2 D . -23.99 -12.81 -0.25
N1 NM2 E . -23.53 -6.26 -17.23
C8 NM2 E . -23.54 -7.72 -17.19
O4 NM2 E . -20.76 -1.29 -17.17
C5 NM2 E . -21.04 -2.16 -16.31
O7 NM2 E . -21.46 -1.88 -15.18
C6 NM2 E . -20.89 -3.61 -16.68
C2 NM2 E . -22.17 -5.76 -16.94
C9 NM2 E . -24.45 -5.74 -16.22
C10 NM2 E . -23.94 -5.81 -18.56
C3 NM2 E . -22.26 -4.26 -16.69
N1 NM2 F . 0.92 27.55 2.20
C8 NM2 F . 0.44 27.14 0.87
O4 NM2 F . -0.59 26.62 7.54
C5 NM2 F . -0.48 26.69 6.30
O7 NM2 F . -1.26 27.34 5.57
C6 NM2 F . 0.65 25.94 5.63
C2 NM2 F . 0.47 26.57 3.20
C9 NM2 F . 0.38 28.88 2.52
C10 NM2 F . 2.39 27.60 2.19
C3 NM2 F . 1.24 26.80 4.50
N1 NM2 G . 4.27 26.30 -13.31
C8 NM2 G . 2.94 26.90 -13.51
O4 NM2 G . 7.15 21.33 -14.41
C5 NM2 G . 6.88 22.13 -13.49
O7 NM2 G . 7.72 22.48 -12.62
C6 NM2 G . 5.48 22.70 -13.40
C2 NM2 G . 4.17 24.84 -13.45
C9 NM2 G . 4.77 26.63 -11.97
C10 NM2 G . 5.19 26.82 -14.32
C3 NM2 G . 5.56 24.22 -13.39
N1 NM2 H . 23.49 -14.39 -3.19
C8 NM2 H . 23.69 -13.39 -4.24
O4 NM2 H . 23.94 -13.83 2.38
C5 NM2 H . 23.70 -13.44 1.22
O7 NM2 H . 24.38 -12.56 0.64
C6 NM2 H . 22.55 -14.06 0.48
C2 NM2 H . 22.99 -13.74 -1.97
C9 NM2 H . 24.77 -15.04 -2.89
C10 NM2 H . 22.53 -15.40 -3.64
C3 NM2 H . 23.05 -14.71 -0.81
N1 NM2 I . 19.04 -13.84 -18.57
C8 NM2 I . 20.21 -12.96 -18.71
O4 NM2 I . 13.22 -13.73 -19.13
C5 NM2 I . 14.13 -14.04 -18.33
O7 NM2 I . 14.09 -15.08 -17.63
C6 NM2 I . 15.32 -13.14 -18.20
C2 NM2 I . 17.82 -13.03 -18.45
C9 NM2 I . 19.19 -14.67 -17.36
C10 NM2 I . 18.93 -14.71 -19.75
C3 NM2 I . 16.60 -13.93 -18.45
#